data_6EUO
#
_entry.id   6EUO
#
_cell.length_a   91.280
_cell.length_b   98.930
_cell.length_c   166.050
_cell.angle_alpha   90.00
_cell.angle_beta   90.00
_cell.angle_gamma   90.00
#
_symmetry.space_group_name_H-M   'P 21 21 21'
#
loop_
_entity.id
_entity.type
_entity.pdbx_description
1 polymer 'L-lysine 4-hydroxylase'
2 non-polymer 'FE (III) ION'
3 non-polymer D-MALATE
4 non-polymer GLYCEROL
5 non-polymer 'SULFATE ION'
6 water water
#
_entity_poly.entity_id   1
_entity_poly.type   'polypeptide(L)'
_entity_poly.pdbx_seq_one_letter_code
;MKSQSIMSVERSAETSLTLEIPTSPLIIKITQQERNILSNVGNLLVKAFGNYENPDYIASLHLHAFQLLPERITRILSQF
GSDFSAEQYGAIVFQGLIEVDQDDLGPTPPNWQGADYGKLNKYGFICSLLHGAVPSKPVQYYAQRKGGGLLHAVIPDEKM
AATQTGSGSKTDLFVHTEDAFLSNQADFLSFLYLRNEERVPSTLYSIRSHGKMNPVMKKLFEPIYQCPKDANYNDEDVAN
SGPTASVLYGNRELPFIRFDAAEQIFNENAGQTSEALGNLMDFWDEAKTLINSDYIPNSGDLIFVNNHLCAHGRSAFIAG
QRIENGEIIKCERRQMLRMMSKTSLIHIRSVTRTDDPYFIMEEHLGKIFDLD
;
_entity_poly.pdbx_strand_id   A,B,C,D
#
# COMPACT_ATOMS: atom_id res chain seq x y z
N LEU A 17 -31.72 21.54 2.78
CA LEU A 17 -31.37 21.68 4.19
C LEU A 17 -30.75 23.06 4.51
N THR A 18 -31.27 23.72 5.57
CA THR A 18 -30.80 25.01 6.09
C THR A 18 -29.37 24.86 6.68
N LEU A 19 -28.53 25.91 6.51
CA LEU A 19 -27.12 25.91 6.96
C LEU A 19 -26.97 25.89 8.48
N GLU A 20 -26.07 25.02 8.95
CA GLU A 20 -25.68 24.92 10.36
C GLU A 20 -24.43 25.78 10.52
N ILE A 21 -24.64 27.05 10.92
CA ILE A 21 -23.60 28.07 11.16
C ILE A 21 -22.68 27.62 12.31
N PRO A 22 -21.35 27.49 12.09
CA PRO A 22 -20.46 27.05 13.19
C PRO A 22 -20.24 28.17 14.21
N THR A 23 -20.48 27.87 15.51
CA THR A 23 -20.33 28.86 16.58
C THR A 23 -19.17 28.51 17.50
N SER A 24 -18.65 27.29 17.39
CA SER A 24 -17.55 26.82 18.25
C SER A 24 -16.58 25.90 17.47
N PRO A 25 -15.32 25.72 17.93
CA PRO A 25 -14.39 24.83 17.20
C PRO A 25 -14.72 23.35 17.36
N LEU A 26 -14.18 22.52 16.47
CA LEU A 26 -14.30 21.07 16.57
C LEU A 26 -13.41 20.63 17.76
N ILE A 27 -13.95 19.78 18.65
CA ILE A 27 -13.20 19.27 19.79
C ILE A 27 -12.88 17.83 19.53
N ILE A 28 -11.58 17.49 19.52
CA ILE A 28 -11.10 16.12 19.35
C ILE A 28 -10.48 15.71 20.67
N LYS A 29 -10.94 14.60 21.24
CA LYS A 29 -10.36 14.08 22.47
C LYS A 29 -9.31 13.06 22.05
N ILE A 30 -8.01 13.41 22.19
CA ILE A 30 -6.90 12.52 21.86
C ILE A 30 -6.88 11.36 22.89
N THR A 31 -6.69 10.13 22.41
CA THR A 31 -6.69 8.95 23.28
C THR A 31 -5.28 8.70 23.85
N GLN A 32 -5.17 7.82 24.83
CA GLN A 32 -3.90 7.46 25.41
C GLN A 32 -3.00 6.76 24.38
N GLN A 33 -3.56 5.86 23.56
CA GLN A 33 -2.76 5.16 22.54
C GLN A 33 -2.19 6.16 21.56
N GLU A 34 -3.01 7.16 21.10
CA GLU A 34 -2.54 8.21 20.19
C GLU A 34 -1.43 9.05 20.83
N ARG A 35 -1.59 9.39 22.12
CA ARG A 35 -0.63 10.15 22.91
C ARG A 35 0.70 9.37 23.01
N ASN A 36 0.63 8.03 23.21
CA ASN A 36 1.78 7.12 23.26
C ASN A 36 2.50 7.07 21.91
N ILE A 37 1.74 7.00 20.81
CA ILE A 37 2.29 6.99 19.45
C ILE A 37 3.09 8.26 19.22
N LEU A 38 2.46 9.44 19.45
CA LEU A 38 3.05 10.77 19.31
C LEU A 38 4.34 10.91 20.09
N SER A 39 4.35 10.44 21.35
CA SER A 39 5.53 10.48 22.20
C SER A 39 6.71 9.67 21.61
N ASN A 40 6.46 8.41 21.22
N ASN A 40 6.47 8.41 21.21
CA ASN A 40 7.48 7.53 20.63
CA ASN A 40 7.48 7.53 20.60
C ASN A 40 8.03 8.08 19.29
C ASN A 40 8.04 8.16 19.31
N VAL A 41 7.13 8.60 18.43
CA VAL A 41 7.47 9.22 17.15
C VAL A 41 8.32 10.51 17.37
N GLY A 42 7.92 11.31 18.37
CA GLY A 42 8.66 12.49 18.77
C GLY A 42 10.07 12.12 19.17
N ASN A 43 10.23 11.06 20.01
CA ASN A 43 11.53 10.59 20.47
C ASN A 43 12.38 10.03 19.34
N LEU A 44 11.76 9.29 18.39
CA LEU A 44 12.44 8.70 17.23
C LEU A 44 13.01 9.79 16.34
N LEU A 45 12.20 10.87 16.08
CA LEU A 45 12.61 12.00 15.24
C LEU A 45 13.76 12.75 15.87
N VAL A 46 13.72 12.95 17.19
CA VAL A 46 14.79 13.62 17.92
C VAL A 46 16.10 12.84 17.69
N LYS A 47 16.09 11.50 17.89
CA LYS A 47 17.26 10.64 17.65
C LYS A 47 17.71 10.66 16.20
N ALA A 48 16.77 10.58 15.25
CA ALA A 48 17.06 10.57 13.82
C ALA A 48 17.61 11.88 13.25
N PHE A 49 17.02 13.02 13.64
CA PHE A 49 17.33 14.32 13.04
C PHE A 49 17.89 15.39 13.97
N GLY A 50 17.98 15.09 15.26
CA GLY A 50 18.53 16.04 16.22
C GLY A 50 17.52 17.09 16.63
N ASN A 51 17.03 17.92 15.67
CA ASN A 51 16.04 18.98 15.93
C ASN A 51 15.13 19.17 14.73
N TYR A 52 13.94 19.77 14.98
CA TYR A 52 12.89 19.98 13.98
C TYR A 52 13.25 21.00 12.90
N GLU A 53 14.40 21.70 13.05
CA GLU A 53 14.86 22.67 12.05
C GLU A 53 15.90 22.08 11.09
N ASN A 54 16.18 20.77 11.24
CA ASN A 54 17.10 20.02 10.38
C ASN A 54 16.57 20.05 8.93
N PRO A 55 17.37 20.59 7.98
CA PRO A 55 16.91 20.68 6.58
C PRO A 55 16.48 19.37 5.95
N ASP A 56 17.09 18.23 6.35
CA ASP A 56 16.70 16.91 5.84
C ASP A 56 15.31 16.52 6.32
N TYR A 57 14.95 16.91 7.56
CA TYR A 57 13.66 16.64 8.13
C TYR A 57 12.59 17.50 7.46
N ILE A 58 12.84 18.81 7.34
CA ILE A 58 11.94 19.79 6.74
C ILE A 58 11.62 19.42 5.28
N ALA A 59 12.64 18.99 4.52
CA ALA A 59 12.52 18.59 3.13
C ALA A 59 11.64 17.36 2.94
N SER A 60 11.62 16.43 3.91
CA SER A 60 10.79 15.24 3.84
C SER A 60 9.64 15.27 4.88
N LEU A 61 9.26 16.48 5.34
CA LEU A 61 8.23 16.70 6.37
C LEU A 61 6.89 15.98 6.16
N HIS A 62 6.28 16.10 4.98
CA HIS A 62 4.97 15.52 4.66
C HIS A 62 5.02 14.00 4.64
N LEU A 63 6.15 13.43 4.20
CA LEU A 63 6.37 12.00 4.26
C LEU A 63 6.38 11.56 5.74
N HIS A 64 7.13 12.28 6.62
CA HIS A 64 7.15 11.98 8.05
C HIS A 64 5.76 12.16 8.71
N ALA A 65 5.03 13.24 8.35
CA ALA A 65 3.69 13.55 8.87
C ALA A 65 2.68 12.41 8.61
N PHE A 66 2.54 11.99 7.33
CA PHE A 66 1.59 10.92 6.98
C PHE A 66 2.06 9.53 7.41
N GLN A 67 3.35 9.37 7.63
CA GLN A 67 3.81 8.05 8.02
C GLN A 67 3.87 7.87 9.51
N LEU A 68 4.06 8.97 10.26
CA LEU A 68 4.25 8.87 11.70
C LEU A 68 3.10 9.35 12.55
N LEU A 69 2.13 10.12 12.01
CA LEU A 69 1.09 10.58 12.92
C LEU A 69 0.05 9.51 13.21
N PRO A 70 -0.61 9.48 14.40
CA PRO A 70 -1.78 8.57 14.56
C PRO A 70 -2.74 8.89 13.43
N GLU A 71 -3.18 7.87 12.76
CA GLU A 71 -3.94 7.98 11.53
C GLU A 71 -5.20 8.85 11.62
N ARG A 72 -5.90 8.85 12.78
CA ARG A 72 -7.09 9.69 12.93
C ARG A 72 -6.72 11.21 12.85
N ILE A 73 -5.52 11.60 13.37
CA ILE A 73 -5.05 12.98 13.31
C ILE A 73 -4.75 13.40 11.84
N THR A 74 -4.10 12.48 11.12
CA THR A 74 -3.78 12.63 9.72
C THR A 74 -5.10 12.89 8.89
N ARG A 75 -6.16 12.09 9.14
CA ARG A 75 -7.45 12.23 8.47
C ARG A 75 -8.11 13.57 8.77
N ILE A 76 -8.13 13.96 10.06
CA ILE A 76 -8.71 15.23 10.54
C ILE A 76 -8.02 16.43 9.90
N LEU A 77 -6.70 16.49 9.97
CA LEU A 77 -5.92 17.60 9.44
C LEU A 77 -5.95 17.71 7.90
N SER A 78 -5.98 16.56 7.18
CA SER A 78 -6.13 16.47 5.69
C SER A 78 -7.48 17.04 5.24
N GLN A 79 -8.57 16.66 5.91
CA GLN A 79 -9.93 17.14 5.68
C GLN A 79 -9.96 18.66 5.92
N PHE A 80 -9.37 19.11 7.05
CA PHE A 80 -9.33 20.50 7.47
C PHE A 80 -8.61 21.43 6.52
N GLY A 81 -7.46 20.99 6.01
CA GLY A 81 -6.63 21.78 5.11
C GLY A 81 -7.29 22.37 3.88
N SER A 82 -8.24 21.61 3.29
N SER A 82 -8.25 21.66 3.28
CA SER A 82 -9.00 21.93 2.08
CA SER A 82 -8.95 22.17 2.09
C SER A 82 -10.49 22.31 2.38
C SER A 82 -10.41 22.57 2.37
N ASP A 83 -10.83 22.53 3.66
CA ASP A 83 -12.21 22.83 4.02
C ASP A 83 -12.43 24.29 4.28
N PHE A 84 -13.06 24.99 3.34
CA PHE A 84 -13.39 26.41 3.48
C PHE A 84 -14.90 26.60 3.36
N SER A 85 -15.66 25.51 3.58
CA SER A 85 -17.12 25.50 3.46
C SER A 85 -17.79 26.35 4.55
N ALA A 86 -19.11 26.56 4.38
CA ALA A 86 -19.97 27.31 5.28
C ALA A 86 -20.00 26.71 6.69
N GLU A 87 -19.85 25.38 6.77
CA GLU A 87 -19.89 24.64 8.04
C GLU A 87 -18.58 24.64 8.81
N GLN A 88 -17.47 24.99 8.18
CA GLN A 88 -16.15 24.95 8.79
C GLN A 88 -15.85 26.15 9.69
N TYR A 89 -15.65 25.90 11.02
CA TYR A 89 -15.30 26.94 11.97
C TYR A 89 -13.88 27.54 11.69
N GLY A 90 -12.92 26.67 11.33
CA GLY A 90 -11.56 27.12 11.07
C GLY A 90 -10.60 26.94 12.22
N ALA A 91 -11.03 26.20 13.25
CA ALA A 91 -10.20 25.87 14.41
C ALA A 91 -10.58 24.48 14.92
N ILE A 92 -9.60 23.75 15.45
CA ILE A 92 -9.75 22.41 16.05
C ILE A 92 -9.04 22.46 17.39
N VAL A 93 -9.67 21.94 18.46
CA VAL A 93 -9.05 21.77 19.74
C VAL A 93 -8.70 20.28 19.84
N PHE A 94 -7.41 19.98 19.95
CA PHE A 94 -6.95 18.61 20.18
C PHE A 94 -6.71 18.54 21.68
N GLN A 95 -7.71 18.02 22.44
CA GLN A 95 -7.64 17.88 23.89
C GLN A 95 -6.68 16.77 24.26
N GLY A 96 -5.72 17.09 25.13
CA GLY A 96 -4.73 16.13 25.61
C GLY A 96 -3.90 15.48 24.53
N LEU A 97 -3.39 16.28 23.60
CA LEU A 97 -2.52 15.81 22.52
C LEU A 97 -1.21 15.26 23.14
N ILE A 98 -0.71 15.87 24.20
CA ILE A 98 0.52 15.45 24.87
C ILE A 98 0.35 15.44 26.42
N GLU A 99 1.20 14.67 27.11
CA GLU A 99 1.20 14.69 28.58
C GLU A 99 2.41 15.50 28.98
N VAL A 100 2.18 16.63 29.67
CA VAL A 100 3.27 17.47 30.09
C VAL A 100 3.61 17.09 31.53
N ASP A 101 4.86 16.70 31.76
CA ASP A 101 5.36 16.45 33.12
C ASP A 101 5.82 17.81 33.66
N GLN A 102 4.97 18.44 34.48
CA GLN A 102 5.18 19.79 35.01
C GLN A 102 6.50 19.99 35.80
N ASP A 103 6.93 18.96 36.55
CA ASP A 103 8.17 19.03 37.35
C ASP A 103 9.41 18.98 36.46
N ASP A 104 9.38 18.14 35.40
CA ASP A 104 10.47 18.01 34.43
C ASP A 104 10.60 19.30 33.64
N LEU A 105 9.45 19.95 33.33
CA LEU A 105 9.39 21.23 32.62
C LEU A 105 9.99 22.34 33.49
N GLY A 106 9.82 22.18 34.82
CA GLY A 106 10.32 23.08 35.86
C GLY A 106 9.65 24.44 35.82
N PRO A 107 10.21 25.48 36.48
CA PRO A 107 9.56 26.80 36.40
C PRO A 107 9.63 27.49 35.03
N THR A 108 8.61 28.30 34.74
CA THR A 108 8.52 29.08 33.50
C THR A 108 9.60 30.19 33.53
N PRO A 109 10.44 30.33 32.47
CA PRO A 109 11.48 31.39 32.47
C PRO A 109 10.88 32.81 32.58
N PRO A 110 11.68 33.85 32.97
CA PRO A 110 11.11 35.21 33.05
C PRO A 110 10.46 35.73 31.77
N ASN A 111 10.98 35.33 30.60
CA ASN A 111 10.48 35.70 29.27
C ASN A 111 10.80 34.60 28.24
N TRP A 112 10.33 34.76 26.97
CA TRP A 112 10.53 33.78 25.89
C TRP A 112 11.99 33.52 25.55
N GLN A 113 12.88 34.48 25.80
CA GLN A 113 14.33 34.37 25.54
C GLN A 113 15.03 33.32 26.44
N GLY A 114 14.37 32.94 27.54
CA GLY A 114 14.87 31.96 28.50
C GLY A 114 14.32 30.56 28.32
N ALA A 115 13.59 30.34 27.23
CA ALA A 115 12.98 29.05 26.94
C ALA A 115 14.05 28.06 26.54
N ASP A 116 13.94 26.83 27.07
CA ASP A 116 14.89 25.77 26.81
C ASP A 116 14.40 24.92 25.66
N TYR A 117 14.79 25.29 24.43
CA TYR A 117 14.41 24.61 23.20
C TYR A 117 14.97 23.18 23.12
N GLY A 118 15.91 22.85 23.99
CA GLY A 118 16.43 21.48 24.11
C GLY A 118 15.36 20.61 24.73
N LYS A 119 14.63 21.19 25.67
CA LYS A 119 13.51 20.56 26.38
C LYS A 119 12.25 20.55 25.51
N LEU A 120 12.09 21.54 24.61
CA LEU A 120 10.91 21.68 23.73
C LEU A 120 11.06 21.02 22.34
N ASN A 121 12.25 20.47 22.07
CA ASN A 121 12.63 19.82 20.81
C ASN A 121 11.59 18.78 20.32
N LYS A 122 11.21 17.87 21.19
CA LYS A 122 10.22 16.83 20.88
C LYS A 122 8.86 17.49 20.53
N TYR A 123 8.47 18.56 21.26
CA TYR A 123 7.23 19.26 21.00
C TYR A 123 7.23 19.94 19.63
N GLY A 124 8.38 20.47 19.24
CA GLY A 124 8.58 21.07 17.92
C GLY A 124 8.39 20.07 16.80
N PHE A 125 8.87 18.82 17.01
CA PHE A 125 8.66 17.73 16.06
C PHE A 125 7.17 17.42 15.92
N ILE A 126 6.48 17.22 17.05
CA ILE A 126 5.06 16.90 17.08
C ILE A 126 4.27 17.98 16.35
N CYS A 127 4.49 19.26 16.68
CA CYS A 127 3.79 20.38 16.06
C CYS A 127 4.03 20.47 14.56
N SER A 128 5.29 20.31 14.11
CA SER A 128 5.64 20.34 12.68
C SER A 128 4.97 19.22 11.90
N LEU A 129 4.84 18.01 12.49
CA LEU A 129 4.09 16.93 11.84
C LEU A 129 2.62 17.31 11.64
N LEU A 130 2.00 17.93 12.65
CA LEU A 130 0.60 18.36 12.53
C LEU A 130 0.44 19.31 11.34
N HIS A 131 1.31 20.30 11.22
CA HIS A 131 1.31 21.22 10.07
C HIS A 131 1.58 20.46 8.75
N GLY A 132 2.53 19.53 8.79
CA GLY A 132 2.91 18.71 7.65
C GLY A 132 1.78 17.86 7.08
N ALA A 133 0.80 17.45 7.92
CA ALA A 133 -0.35 16.63 7.54
C ALA A 133 -1.51 17.47 6.90
N VAL A 134 -1.45 18.80 6.97
CA VAL A 134 -2.50 19.69 6.42
C VAL A 134 -2.70 19.48 4.89
N PRO A 135 -1.68 19.44 4.00
CA PRO A 135 -0.23 19.67 4.21
C PRO A 135 0.13 21.15 4.22
N SER A 136 1.07 21.55 5.05
CA SER A 136 1.50 22.93 5.18
C SER A 136 2.93 22.93 5.69
N LYS A 137 3.69 23.95 5.39
CA LYS A 137 5.12 24.00 5.76
C LYS A 137 5.43 25.03 6.80
N PRO A 138 5.99 24.62 7.96
CA PRO A 138 6.38 25.61 9.00
C PRO A 138 7.33 26.67 8.42
N VAL A 139 7.08 27.94 8.80
CA VAL A 139 7.86 29.06 8.32
C VAL A 139 8.16 29.93 9.51
N GLN A 140 9.06 30.91 9.34
CA GLN A 140 9.32 31.91 10.35
C GLN A 140 9.33 33.28 9.68
N TYR A 141 9.05 34.32 10.47
CA TYR A 141 8.91 35.70 10.01
C TYR A 141 9.91 36.59 10.67
N TYR A 142 10.60 37.43 9.89
CA TYR A 142 11.52 38.42 10.45
C TYR A 142 10.72 39.42 11.32
N ALA A 143 9.44 39.69 10.94
CA ALA A 143 8.49 40.57 11.67
C ALA A 143 8.20 40.06 13.08
N GLN A 144 8.46 38.76 13.36
CA GLN A 144 8.24 38.18 14.68
C GLN A 144 9.56 37.67 15.27
N ARG A 145 10.15 38.44 16.20
CA ARG A 145 11.42 38.12 16.91
C ARG A 145 12.59 37.90 15.99
N LYS A 146 12.61 38.58 14.82
CA LYS A 146 13.68 38.45 13.81
C LYS A 146 13.78 36.99 13.40
N GLY A 147 12.60 36.39 13.25
CA GLY A 147 12.44 34.99 12.90
C GLY A 147 12.17 34.19 14.15
N GLY A 148 13.17 34.11 15.01
CA GLY A 148 13.09 33.39 16.27
C GLY A 148 12.82 31.89 16.21
N GLY A 149 13.04 31.27 15.04
CA GLY A 149 12.85 29.84 14.85
C GLY A 149 11.41 29.40 14.49
N LEU A 150 11.24 28.11 14.12
CA LEU A 150 9.93 27.58 13.69
C LEU A 150 8.94 27.45 14.85
N LEU A 151 9.46 27.39 16.07
CA LEU A 151 8.66 27.21 17.27
C LEU A 151 8.92 28.33 18.27
N HIS A 152 7.85 29.06 18.66
CA HIS A 152 8.00 30.15 19.60
C HIS A 152 7.38 29.80 20.95
N ALA A 153 8.11 30.04 22.03
CA ALA A 153 7.56 29.91 23.37
C ALA A 153 6.88 31.26 23.66
N VAL A 154 5.61 31.22 24.04
CA VAL A 154 4.78 32.39 24.37
C VAL A 154 4.66 32.42 25.91
N ILE A 155 5.35 33.38 26.53
CA ILE A 155 5.49 33.45 27.99
C ILE A 155 5.14 34.84 28.52
N PRO A 156 4.37 34.98 29.63
CA PRO A 156 4.10 36.33 30.17
C PRO A 156 5.33 36.95 30.81
N ASP A 157 5.84 38.02 30.18
CA ASP A 157 7.00 38.76 30.68
C ASP A 157 6.42 39.90 31.53
N GLU A 158 6.80 39.95 32.82
CA GLU A 158 6.37 41.01 33.76
C GLU A 158 6.61 42.44 33.20
N LYS A 159 7.73 42.63 32.48
CA LYS A 159 8.12 43.89 31.83
C LYS A 159 7.14 44.29 30.71
N MET A 160 6.47 43.30 30.10
CA MET A 160 5.54 43.51 28.99
C MET A 160 4.09 43.16 29.37
N ALA A 161 3.78 43.14 30.68
CA ALA A 161 2.46 42.79 31.20
C ALA A 161 1.28 43.51 30.53
N ALA A 162 1.39 44.85 30.34
CA ALA A 162 0.33 45.69 29.77
C ALA A 162 0.40 45.86 28.24
N THR A 163 1.18 45.02 27.55
CA THR A 163 1.33 45.06 26.09
C THR A 163 0.34 44.15 25.36
N GLN A 164 0.04 44.55 24.11
CA GLN A 164 -0.83 43.82 23.19
C GLN A 164 0.03 42.83 22.33
N THR A 165 0.75 41.91 23.02
CA THR A 165 1.64 40.89 22.46
C THR A 165 1.45 39.57 23.25
N GLY A 166 2.14 38.52 22.81
CA GLY A 166 2.13 37.21 23.47
C GLY A 166 2.86 37.25 24.81
N SER A 167 3.76 38.22 24.98
CA SER A 167 4.52 38.49 26.23
C SER A 167 3.69 39.26 27.28
N GLY A 168 2.44 39.58 26.90
CA GLY A 168 1.46 40.28 27.73
C GLY A 168 0.66 39.37 28.63
N SER A 169 -0.08 39.98 29.59
CA SER A 169 -0.91 39.28 30.57
C SER A 169 -2.11 40.09 31.07
N LYS A 170 -1.83 41.19 31.83
CA LYS A 170 -2.79 42.08 32.54
C LYS A 170 -3.89 42.67 31.68
N THR A 171 -3.65 42.71 30.36
CA THR A 171 -4.58 43.25 29.40
C THR A 171 -5.12 42.17 28.45
N ASP A 172 -6.38 42.38 28.04
CA ASP A 172 -7.07 41.55 27.07
C ASP A 172 -6.31 41.62 25.73
N LEU A 173 -6.09 40.44 25.14
CA LEU A 173 -5.47 40.35 23.82
C LEU A 173 -6.69 40.16 22.91
N PHE A 174 -7.19 41.28 22.33
N PHE A 174 -7.15 41.30 22.29
CA PHE A 174 -8.37 41.29 21.46
CA PHE A 174 -8.30 41.37 21.37
C PHE A 174 -8.16 40.42 20.22
C PHE A 174 -8.14 40.36 20.24
N VAL A 175 -9.25 39.81 19.73
CA VAL A 175 -9.16 38.86 18.61
C VAL A 175 -8.49 39.48 17.35
N HIS A 176 -7.62 38.67 16.77
CA HIS A 176 -6.89 39.02 15.59
C HIS A 176 -6.48 37.73 14.87
N THR A 177 -6.32 37.84 13.56
CA THR A 177 -5.71 36.81 12.72
C THR A 177 -4.20 37.20 12.84
N GLU A 178 -3.32 36.24 12.80
CA GLU A 178 -1.88 36.48 12.95
C GLU A 178 -1.35 37.25 11.74
N ASP A 179 -0.57 38.32 12.03
CA ASP A 179 0.11 39.20 11.06
C ASP A 179 -0.82 39.76 9.95
N ALA A 180 -1.88 40.48 10.37
CA ALA A 180 -2.83 41.09 9.43
C ALA A 180 -2.18 42.16 8.53
N PHE A 181 -1.01 42.68 8.97
CA PHE A 181 -0.21 43.67 8.25
C PHE A 181 0.67 43.05 7.13
N LEU A 182 0.74 41.71 7.03
CA LEU A 182 1.53 41.02 5.98
C LEU A 182 0.63 40.41 4.91
N SER A 183 1.03 40.54 3.64
CA SER A 183 0.30 39.94 2.52
C SER A 183 0.50 38.41 2.52
N ASN A 184 1.61 37.94 3.14
CA ASN A 184 1.97 36.53 3.26
C ASN A 184 1.90 36.03 4.69
N GLN A 185 0.84 36.42 5.42
CA GLN A 185 0.59 36.00 6.79
C GLN A 185 0.45 34.45 6.83
N ALA A 186 0.64 33.84 8.00
CA ALA A 186 0.53 32.37 8.13
C ALA A 186 -0.81 31.85 7.58
N ASP A 187 -0.80 30.65 6.99
CA ASP A 187 -2.01 29.98 6.53
C ASP A 187 -2.59 29.23 7.72
N PHE A 188 -1.73 28.56 8.49
CA PHE A 188 -2.12 27.73 9.64
C PHE A 188 -1.28 28.04 10.85
N LEU A 189 -1.92 27.93 12.03
CA LEU A 189 -1.29 28.16 13.31
C LEU A 189 -1.58 27.01 14.23
N SER A 190 -0.64 26.69 15.12
CA SER A 190 -0.84 25.74 16.20
C SER A 190 -0.40 26.43 17.50
N PHE A 191 -1.23 26.27 18.54
CA PHE A 191 -0.95 26.80 19.88
C PHE A 191 -0.98 25.61 20.82
N LEU A 192 0.19 25.18 21.29
CA LEU A 192 0.34 24.05 22.20
C LEU A 192 0.50 24.57 23.62
N TYR A 193 -0.46 24.27 24.50
CA TYR A 193 -0.43 24.73 25.89
C TYR A 193 0.34 23.77 26.75
N LEU A 194 1.45 24.25 27.33
CA LEU A 194 2.28 23.46 28.24
C LEU A 194 1.73 23.65 29.66
N ARG A 195 1.22 24.84 29.95
CA ARG A 195 0.57 25.15 31.22
C ARG A 195 -0.27 26.40 31.13
N ASN A 196 -1.42 26.33 31.79
CA ASN A 196 -2.44 27.37 31.83
C ASN A 196 -3.12 27.25 33.20
N GLU A 197 -2.30 27.37 34.25
CA GLU A 197 -2.74 27.23 35.63
C GLU A 197 -3.55 28.43 36.10
N GLU A 198 -3.43 29.59 35.41
CA GLU A 198 -4.21 30.80 35.68
C GLU A 198 -5.65 30.62 35.14
N ARG A 199 -5.89 29.53 34.37
CA ARG A 199 -7.16 29.14 33.74
C ARG A 199 -7.67 30.25 32.81
N VAL A 200 -6.77 30.76 31.98
CA VAL A 200 -7.02 31.78 30.98
C VAL A 200 -7.83 31.16 29.84
N PRO A 201 -9.00 31.74 29.50
CA PRO A 201 -9.76 31.21 28.38
C PRO A 201 -9.10 31.56 27.05
N SER A 202 -9.23 30.64 26.11
CA SER A 202 -8.79 30.85 24.74
C SER A 202 -9.97 31.49 24.03
N THR A 203 -9.69 32.52 23.27
CA THR A 203 -10.80 33.17 22.60
C THR A 203 -10.60 32.97 21.09
N LEU A 204 -11.67 32.57 20.43
CA LEU A 204 -11.66 32.32 18.98
C LEU A 204 -12.81 33.04 18.34
N TYR A 205 -12.61 33.50 17.10
CA TYR A 205 -13.65 34.17 16.35
C TYR A 205 -13.57 33.72 14.89
N SER A 206 -14.62 33.14 14.38
CA SER A 206 -14.66 32.66 13.01
C SER A 206 -15.53 33.56 12.13
N ILE A 207 -15.04 33.89 10.92
CA ILE A 207 -15.82 34.64 9.92
C ILE A 207 -17.07 33.80 9.50
N ARG A 208 -16.97 32.47 9.64
CA ARG A 208 -18.07 31.56 9.32
C ARG A 208 -19.23 31.63 10.32
N SER A 209 -18.98 32.17 11.55
CA SER A 209 -20.01 32.33 12.58
C SER A 209 -21.06 33.39 12.16
N HIS A 210 -20.74 34.24 11.16
CA HIS A 210 -21.63 35.26 10.63
C HIS A 210 -22.74 34.67 9.75
N GLY A 211 -22.47 33.51 9.16
CA GLY A 211 -23.39 32.87 8.23
C GLY A 211 -23.28 33.50 6.86
N LYS A 212 -24.42 33.62 6.22
CA LYS A 212 -24.58 34.17 4.88
C LYS A 212 -24.00 35.60 4.78
N MET A 213 -23.36 35.90 3.64
N MET A 213 -23.30 35.91 3.67
CA MET A 213 -22.81 37.20 3.26
CA MET A 213 -22.75 37.24 3.42
C MET A 213 -23.91 38.28 3.49
C MET A 213 -23.85 38.29 3.50
N ASN A 214 -23.58 39.36 4.25
CA ASN A 214 -24.54 40.43 4.52
C ASN A 214 -23.95 41.82 4.18
N PRO A 215 -24.74 42.93 4.21
CA PRO A 215 -24.18 44.23 3.79
C PRO A 215 -23.00 44.76 4.61
N VAL A 216 -22.96 44.42 5.91
CA VAL A 216 -21.90 44.85 6.81
C VAL A 216 -20.59 44.21 6.35
N MET A 217 -20.63 42.89 6.08
CA MET A 217 -19.48 42.12 5.59
C MET A 217 -19.03 42.53 4.18
N LYS A 218 -19.98 42.80 3.25
CA LYS A 218 -19.62 43.16 1.87
C LYS A 218 -18.67 44.36 1.73
N LYS A 219 -18.84 45.38 2.59
CA LYS A 219 -18.00 46.58 2.61
C LYS A 219 -16.54 46.26 2.94
N LEU A 220 -16.29 45.10 3.60
CA LEU A 220 -14.95 44.67 3.99
C LEU A 220 -14.09 44.14 2.83
N PHE A 221 -14.71 43.89 1.67
CA PHE A 221 -13.99 43.44 0.46
C PHE A 221 -13.27 44.60 -0.21
N GLU A 222 -13.64 45.85 0.13
CA GLU A 222 -13.03 47.07 -0.44
C GLU A 222 -11.59 47.22 0.07
N PRO A 223 -10.59 47.45 -0.80
CA PRO A 223 -9.20 47.53 -0.31
C PRO A 223 -8.87 48.92 0.23
N ILE A 224 -9.66 49.36 1.23
CA ILE A 224 -9.59 50.71 1.82
C ILE A 224 -9.14 50.73 3.28
N TYR A 225 -8.74 49.58 3.82
CA TYR A 225 -8.40 49.49 5.24
C TYR A 225 -6.92 49.50 5.53
N GLN A 226 -6.56 50.24 6.58
CA GLN A 226 -5.20 50.26 7.09
C GLN A 226 -4.99 48.97 7.88
N CYS A 227 -3.84 48.32 7.66
CA CYS A 227 -3.44 47.12 8.40
C CYS A 227 -2.12 47.52 9.04
N PRO A 228 -2.12 48.31 10.16
CA PRO A 228 -0.84 48.79 10.70
C PRO A 228 0.12 47.69 11.20
N LYS A 229 1.40 47.83 10.83
CA LYS A 229 2.45 46.95 11.32
C LYS A 229 2.73 47.42 12.74
N ASP A 230 3.16 46.54 13.67
CA ASP A 230 3.40 47.06 15.03
C ASP A 230 4.84 46.86 15.50
N SER A 241 0.11 57.65 3.71
CA SER A 241 1.44 57.08 3.48
C SER A 241 1.50 55.53 3.49
N GLY A 242 0.63 54.89 4.27
CA GLY A 242 0.60 53.43 4.36
C GLY A 242 -0.30 52.75 3.34
N PRO A 243 0.11 51.59 2.76
CA PRO A 243 -0.81 50.87 1.82
C PRO A 243 -2.01 50.28 2.55
N THR A 244 -3.16 50.24 1.88
CA THR A 244 -4.40 49.69 2.43
C THR A 244 -4.67 48.33 1.82
N ALA A 245 -5.50 47.51 2.49
CA ALA A 245 -5.90 46.20 2.01
C ALA A 245 -7.38 45.92 2.36
N SER A 246 -7.91 44.81 1.87
CA SER A 246 -9.27 44.32 2.11
C SER A 246 -9.27 43.52 3.42
N VAL A 247 -10.34 43.62 4.19
CA VAL A 247 -10.46 42.83 5.41
C VAL A 247 -10.95 41.43 5.01
N LEU A 248 -11.87 41.37 4.04
CA LEU A 248 -12.37 40.13 3.50
C LEU A 248 -11.82 39.93 2.08
N TYR A 249 -11.51 38.68 1.73
CA TYR A 249 -10.96 38.35 0.42
C TYR A 249 -11.26 36.90 0.12
N GLY A 250 -10.75 36.38 -1.00
CA GLY A 250 -11.01 35.01 -1.42
C GLY A 250 -12.39 34.94 -2.06
N ASN A 251 -13.15 33.91 -1.72
CA ASN A 251 -14.47 33.74 -2.31
C ASN A 251 -15.45 34.79 -1.78
N ARG A 252 -16.23 35.38 -2.69
CA ARG A 252 -17.23 36.42 -2.37
C ARG A 252 -18.35 35.97 -1.42
N GLU A 253 -18.76 34.70 -1.50
N GLU A 253 -18.76 34.70 -1.51
CA GLU A 253 -19.81 34.14 -0.64
CA GLU A 253 -19.84 34.13 -0.67
C GLU A 253 -19.27 33.62 0.68
C GLU A 253 -19.30 33.57 0.66
N LEU A 254 -18.13 32.89 0.62
CA LEU A 254 -17.47 32.24 1.78
C LEU A 254 -16.05 32.77 1.84
N PRO A 255 -15.89 33.98 2.39
CA PRO A 255 -14.56 34.63 2.35
C PRO A 255 -13.54 34.18 3.37
N PHE A 256 -12.34 34.73 3.19
CA PHE A 256 -11.21 34.66 4.12
C PHE A 256 -11.11 36.05 4.77
N ILE A 257 -10.45 36.13 5.92
CA ILE A 257 -10.34 37.34 6.70
C ILE A 257 -8.90 37.62 7.17
N ARG A 258 -8.55 38.91 7.17
CA ARG A 258 -7.34 39.48 7.79
C ARG A 258 -7.88 40.60 8.70
N PHE A 259 -7.77 40.41 10.00
CA PHE A 259 -8.37 41.34 10.95
C PHE A 259 -7.63 41.40 12.26
N ASP A 260 -7.47 42.62 12.78
CA ASP A 260 -6.82 42.90 14.05
C ASP A 260 -7.58 44.04 14.70
N ALA A 261 -8.50 43.73 15.63
CA ALA A 261 -9.33 44.72 16.31
C ALA A 261 -8.51 45.83 17.00
N ALA A 262 -7.49 45.44 17.76
CA ALA A 262 -6.62 46.38 18.49
C ALA A 262 -5.82 47.26 17.55
N GLU A 263 -5.26 46.70 16.48
CA GLU A 263 -4.43 47.43 15.56
C GLU A 263 -5.20 48.26 14.50
N GLN A 264 -6.34 47.76 14.01
CA GLN A 264 -7.13 48.47 12.99
C GLN A 264 -8.23 49.37 13.55
N ILE A 265 -8.77 49.07 14.75
CA ILE A 265 -9.90 49.84 15.31
C ILE A 265 -9.51 50.63 16.55
N PHE A 266 -9.09 49.93 17.61
CA PHE A 266 -8.75 50.51 18.91
C PHE A 266 -7.29 50.96 18.95
N ASN A 267 -6.94 51.87 18.05
CA ASN A 267 -5.61 52.44 17.87
C ASN A 267 -5.82 53.81 17.26
N GLU A 268 -5.52 54.86 18.02
CA GLU A 268 -5.70 56.24 17.57
C GLU A 268 -4.84 56.57 16.37
N ASN A 269 -3.65 55.96 16.31
CA ASN A 269 -2.69 56.15 15.21
C ASN A 269 -2.89 55.18 14.03
N ALA A 270 -4.06 54.49 13.94
CA ALA A 270 -4.35 53.54 12.84
C ALA A 270 -4.43 54.26 11.49
N GLY A 271 -4.88 55.50 11.52
CA GLY A 271 -5.00 56.36 10.34
C GLY A 271 -6.06 55.91 9.35
N GLN A 272 -7.16 55.34 9.86
CA GLN A 272 -8.26 54.90 9.02
C GLN A 272 -9.04 56.10 8.53
N THR A 273 -9.60 55.97 7.34
CA THR A 273 -10.46 56.95 6.75
C THR A 273 -11.77 56.89 7.57
N SER A 274 -12.56 57.95 7.51
CA SER A 274 -13.84 58.03 8.23
C SER A 274 -14.78 56.85 7.80
N GLU A 275 -14.80 56.59 6.47
CA GLU A 275 -15.57 55.51 5.86
C GLU A 275 -15.09 54.14 6.32
N ALA A 276 -13.76 53.90 6.28
CA ALA A 276 -13.16 52.62 6.67
C ALA A 276 -13.40 52.33 8.14
N LEU A 277 -13.19 53.33 9.02
CA LEU A 277 -13.42 53.17 10.47
C LEU A 277 -14.88 52.83 10.76
N GLY A 278 -15.81 53.51 10.08
CA GLY A 278 -17.23 53.24 10.22
C GLY A 278 -17.55 51.80 9.88
N ASN A 279 -17.03 51.33 8.74
CA ASN A 279 -17.23 49.96 8.25
C ASN A 279 -16.68 48.91 9.23
N LEU A 280 -15.50 49.18 9.80
CA LEU A 280 -14.82 48.32 10.76
C LEU A 280 -15.59 48.29 12.08
N MET A 281 -16.09 49.48 12.54
CA MET A 281 -16.88 49.60 13.76
C MET A 281 -18.15 48.76 13.63
N ASP A 282 -18.84 48.88 12.46
CA ASP A 282 -20.07 48.15 12.17
C ASP A 282 -19.84 46.68 12.16
N PHE A 283 -18.68 46.27 11.60
CA PHE A 283 -18.27 44.87 11.53
C PHE A 283 -17.99 44.33 12.94
N TRP A 284 -17.15 45.07 13.71
CA TRP A 284 -16.83 44.75 15.09
C TRP A 284 -18.07 44.59 15.99
N ASP A 285 -19.09 45.43 15.82
CA ASP A 285 -20.37 45.30 16.57
C ASP A 285 -21.04 43.93 16.37
N GLU A 286 -21.02 43.45 15.12
CA GLU A 286 -21.61 42.19 14.71
C GLU A 286 -20.69 41.04 15.14
N ALA A 287 -19.37 41.20 14.92
CA ALA A 287 -18.35 40.19 15.23
C ALA A 287 -18.16 39.89 16.72
N LYS A 288 -18.20 40.93 17.59
CA LYS A 288 -17.95 40.76 19.03
C LYS A 288 -18.97 39.83 19.74
N THR A 289 -20.20 39.75 19.22
CA THR A 289 -21.26 38.89 19.74
C THR A 289 -21.03 37.41 19.37
N LEU A 290 -20.11 37.14 18.43
CA LEU A 290 -19.80 35.81 17.90
C LEU A 290 -18.50 35.23 18.47
N ILE A 291 -17.74 36.03 19.24
CA ILE A 291 -16.49 35.62 19.88
C ILE A 291 -16.78 34.49 20.86
N ASN A 292 -16.00 33.41 20.78
CA ASN A 292 -16.16 32.25 21.63
C ASN A 292 -14.97 32.15 22.60
N SER A 293 -15.27 32.34 23.89
CA SER A 293 -14.31 32.29 25.01
C SER A 293 -14.66 31.15 25.97
N ASP A 294 -15.44 30.16 25.53
CA ASP A 294 -15.87 29.03 26.33
C ASP A 294 -14.74 28.07 26.69
N TYR A 295 -13.78 27.87 25.77
CA TYR A 295 -12.72 26.89 25.99
C TYR A 295 -11.58 27.43 26.83
N ILE A 296 -11.29 26.72 27.94
CA ILE A 296 -10.16 26.99 28.82
C ILE A 296 -9.15 25.85 28.61
N PRO A 297 -8.05 26.11 27.88
CA PRO A 297 -7.07 25.02 27.63
C PRO A 297 -6.40 24.45 28.86
N ASN A 298 -6.18 23.14 28.82
CA ASN A 298 -5.44 22.44 29.87
C ASN A 298 -4.08 22.14 29.31
N SER A 299 -3.17 21.79 30.20
CA SER A 299 -1.82 21.37 29.88
C SER A 299 -1.89 20.18 28.92
N GLY A 300 -1.26 20.32 27.74
CA GLY A 300 -1.24 19.28 26.74
C GLY A 300 -2.25 19.44 25.61
N ASP A 301 -3.12 20.47 25.68
CA ASP A 301 -4.06 20.75 24.61
C ASP A 301 -3.37 21.53 23.54
N LEU A 302 -3.80 21.32 22.30
CA LEU A 302 -3.30 22.05 21.15
C LEU A 302 -4.48 22.61 20.36
N ILE A 303 -4.46 23.92 20.07
CA ILE A 303 -5.47 24.53 19.22
C ILE A 303 -4.83 24.74 17.83
N PHE A 304 -5.46 24.17 16.79
CA PHE A 304 -5.01 24.23 15.40
C PHE A 304 -5.99 25.15 14.63
N VAL A 305 -5.45 26.18 13.98
CA VAL A 305 -6.24 27.24 13.37
C VAL A 305 -5.90 27.49 11.91
N ASN A 306 -6.96 27.70 11.09
CA ASN A 306 -6.86 28.18 9.73
C ASN A 306 -6.88 29.70 9.91
N ASN A 307 -5.70 30.33 9.79
CA ASN A 307 -5.51 31.76 9.99
C ASN A 307 -6.24 32.66 8.98
N HIS A 308 -6.89 32.07 7.96
CA HIS A 308 -7.69 32.79 6.97
C HIS A 308 -9.17 32.72 7.32
N LEU A 309 -9.52 31.90 8.31
CA LEU A 309 -10.93 31.75 8.72
C LEU A 309 -11.22 32.20 10.16
N CYS A 310 -10.27 31.98 11.03
CA CYS A 310 -10.48 32.12 12.46
C CYS A 310 -9.42 32.97 13.12
N ALA A 311 -9.89 34.03 13.83
CA ALA A 311 -9.07 34.93 14.61
C ALA A 311 -8.94 34.35 16.03
N HIS A 312 -7.91 34.75 16.75
CA HIS A 312 -7.68 34.28 18.10
C HIS A 312 -7.33 35.46 19.01
N GLY A 313 -7.51 35.22 20.30
CA GLY A 313 -7.23 36.18 21.35
C GLY A 313 -7.04 35.48 22.68
N ARG A 314 -6.86 36.25 23.72
CA ARG A 314 -6.65 35.71 25.06
C ARG A 314 -7.15 36.77 26.06
N SER A 315 -7.97 36.34 27.05
CA SER A 315 -8.47 37.23 28.12
C SER A 315 -7.33 37.69 29.00
N ALA A 316 -7.58 38.76 29.76
CA ALA A 316 -6.65 39.33 30.73
C ALA A 316 -6.46 38.34 31.89
N PHE A 317 -5.26 38.33 32.48
CA PHE A 317 -4.91 37.47 33.60
C PHE A 317 -3.69 38.01 34.31
N ILE A 318 -3.52 37.64 35.58
CA ILE A 318 -2.33 38.01 36.33
C ILE A 318 -1.50 36.72 36.28
N ALA A 319 -0.31 36.81 35.68
CA ALA A 319 0.59 35.67 35.53
C ALA A 319 1.01 35.07 36.87
N GLY A 320 0.98 33.75 36.97
CA GLY A 320 1.36 33.06 38.19
C GLY A 320 0.31 32.99 39.29
N GLN A 321 -0.99 33.21 38.94
CA GLN A 321 -2.09 33.11 39.91
C GLN A 321 -3.48 32.90 39.30
N ARG A 322 -4.39 32.34 40.10
CA ARG A 322 -5.82 32.16 39.81
C ARG A 322 -6.61 32.44 41.10
N ILE A 323 -7.93 32.73 40.98
CA ILE A 323 -8.76 33.02 42.15
C ILE A 323 -9.85 31.96 42.23
N GLU A 324 -9.99 31.36 43.40
CA GLU A 324 -10.99 30.34 43.70
C GLU A 324 -11.50 30.59 45.10
N ASN A 325 -12.82 30.77 45.24
CA ASN A 325 -13.48 31.04 46.53
C ASN A 325 -13.01 32.37 47.12
N GLY A 326 -12.76 33.36 46.25
CA GLY A 326 -12.28 34.68 46.68
C GLY A 326 -10.91 34.67 47.30
N GLU A 327 -10.10 33.63 46.99
CA GLU A 327 -8.74 33.45 47.48
C GLU A 327 -7.77 33.37 46.31
N ILE A 328 -6.54 33.85 46.50
CA ILE A 328 -5.51 33.81 45.47
C ILE A 328 -4.73 32.52 45.61
N ILE A 329 -4.69 31.74 44.53
CA ILE A 329 -3.89 30.52 44.46
C ILE A 329 -2.70 30.84 43.53
N LYS A 330 -1.49 30.84 44.11
CA LYS A 330 -0.25 31.08 43.38
C LYS A 330 0.04 29.84 42.54
N CYS A 331 0.52 30.04 41.31
CA CYS A 331 0.79 28.91 40.41
C CYS A 331 1.95 29.22 39.46
N GLU A 332 2.40 28.20 38.72
CA GLU A 332 3.43 28.41 37.70
C GLU A 332 2.84 29.24 36.55
N ARG A 333 3.67 30.09 35.95
N ARG A 333 3.67 30.12 35.96
CA ARG A 333 3.28 31.04 34.91
CA ARG A 333 3.26 31.07 34.91
C ARG A 333 2.98 30.36 33.55
C ARG A 333 2.97 30.37 33.56
N ARG A 334 1.96 30.89 32.83
CA ARG A 334 1.48 30.39 31.52
C ARG A 334 2.58 30.16 30.51
N GLN A 335 2.53 29.01 29.82
CA GLN A 335 3.53 28.64 28.82
C GLN A 335 2.86 27.93 27.67
N MET A 336 2.97 28.53 26.49
CA MET A 336 2.35 28.01 25.29
C MET A 336 3.37 28.06 24.14
N LEU A 337 3.31 27.10 23.21
CA LEU A 337 4.19 27.03 22.04
C LEU A 337 3.44 27.34 20.76
N ARG A 338 3.93 28.30 19.97
CA ARG A 338 3.32 28.73 18.70
C ARG A 338 4.16 28.33 17.46
N MET A 339 3.50 27.76 16.47
CA MET A 339 4.12 27.38 15.20
C MET A 339 3.21 27.84 14.08
N MET A 340 3.81 28.42 13.04
CA MET A 340 3.09 28.96 11.87
C MET A 340 3.55 28.26 10.59
N SER A 341 2.63 28.08 9.66
CA SER A 341 2.95 27.44 8.40
C SER A 341 2.29 28.08 7.16
N LYS A 342 2.89 27.82 5.98
CA LYS A 342 2.39 28.24 4.67
C LYS A 342 2.26 27.01 3.79
N THR A 343 1.13 26.90 3.05
CA THR A 343 0.83 25.77 2.18
C THR A 343 1.66 25.80 0.89
N SER A 344 2.19 26.98 0.51
CA SER A 344 2.99 27.10 -0.69
C SER A 344 4.26 27.95 -0.48
N LEU A 345 5.43 27.35 -0.73
CA LEU A 345 6.70 28.04 -0.71
C LEU A 345 6.87 28.86 -1.99
N ILE A 346 6.20 28.45 -3.07
CA ILE A 346 6.29 29.10 -4.37
C ILE A 346 5.78 30.53 -4.36
N HIS A 347 4.54 30.70 -3.92
N HIS A 347 4.54 30.73 -3.90
CA HIS A 347 3.81 31.96 -3.83
CA HIS A 347 3.87 32.03 -3.94
C HIS A 347 4.57 33.04 -3.03
C HIS A 347 4.42 33.07 -2.92
N ILE A 348 5.22 32.64 -1.92
CA ILE A 348 5.94 33.54 -0.97
C ILE A 348 7.41 33.72 -1.39
N ARG A 349 7.88 33.07 -2.47
CA ARG A 349 9.28 33.08 -2.87
C ARG A 349 9.91 34.50 -3.09
N SER A 350 9.13 35.50 -3.53
CA SER A 350 9.71 36.85 -3.70
C SER A 350 9.97 37.57 -2.36
N VAL A 351 9.41 37.06 -1.22
CA VAL A 351 9.64 37.68 0.09
C VAL A 351 10.51 36.82 1.04
N THR A 352 10.98 35.63 0.61
CA THR A 352 11.81 34.79 1.46
C THR A 352 13.29 34.97 1.22
N ARG A 353 14.13 34.56 2.19
CA ARG A 353 15.59 34.61 2.06
C ARG A 353 16.04 33.72 0.93
N THR A 354 17.02 34.20 0.15
CA THR A 354 17.58 33.45 -0.97
C THR A 354 18.00 32.01 -0.55
N ASP A 355 18.72 31.90 0.58
N ASP A 355 18.70 31.92 0.59
CA ASP A 355 19.23 30.64 1.10
CA ASP A 355 19.27 30.73 1.22
C ASP A 355 18.27 29.93 2.05
C ASP A 355 18.26 29.94 2.05
N ASP A 356 17.07 30.52 2.30
CA ASP A 356 16.04 29.93 3.14
C ASP A 356 14.62 30.25 2.66
N PRO A 357 14.03 29.37 1.82
CA PRO A 357 12.67 29.65 1.33
C PRO A 357 11.55 29.52 2.38
N TYR A 358 11.92 29.24 3.66
CA TYR A 358 10.97 29.12 4.79
C TYR A 358 11.05 30.36 5.69
N PHE A 359 11.91 31.33 5.34
CA PHE A 359 12.14 32.51 6.15
C PHE A 359 11.61 33.76 5.44
N ILE A 360 10.45 34.24 5.91
CA ILE A 360 9.76 35.39 5.33
C ILE A 360 10.32 36.70 5.87
N MET A 361 10.80 37.54 4.93
CA MET A 361 11.41 38.85 5.13
C MET A 361 10.46 39.99 4.89
N GLU A 362 9.16 39.71 4.64
CA GLU A 362 8.14 40.74 4.42
C GLU A 362 7.94 41.57 5.70
N GLU A 363 7.86 42.90 5.53
CA GLU A 363 7.64 43.86 6.60
C GLU A 363 6.21 44.36 6.69
N HIS A 364 5.63 44.79 5.58
CA HIS A 364 4.30 45.37 5.57
C HIS A 364 3.68 45.33 4.18
N LEU A 365 2.56 44.60 4.03
CA LEU A 365 1.74 44.47 2.80
C LEU A 365 2.53 44.56 1.49
N GLY A 366 3.52 43.68 1.34
CA GLY A 366 4.34 43.60 0.14
C GLY A 366 5.74 44.13 0.30
N LYS A 367 5.91 45.17 1.15
CA LYS A 367 7.21 45.77 1.40
C LYS A 367 8.04 44.79 2.23
N ILE A 368 9.31 44.66 1.84
CA ILE A 368 10.31 43.79 2.46
C ILE A 368 11.16 44.61 3.42
N PHE A 369 11.62 44.00 4.53
CA PHE A 369 12.52 44.68 5.46
C PHE A 369 13.79 45.10 4.72
N ASP A 370 14.19 46.39 4.82
CA ASP A 370 15.43 46.86 4.21
C ASP A 370 16.41 46.91 5.34
N LEU A 371 17.28 45.91 5.44
CA LEU A 371 18.27 45.83 6.51
C LEU A 371 19.54 46.65 6.16
N ASP A 372 20.17 46.37 5.00
CA ASP A 372 21.30 47.14 4.50
C ASP A 372 21.34 47.16 2.97
N LEU B 19 29.74 19.32 -11.34
CA LEU B 19 28.43 19.58 -11.93
C LEU B 19 27.50 20.35 -10.97
N GLU B 20 27.20 21.62 -11.30
N GLU B 20 27.23 21.62 -11.29
CA GLU B 20 26.32 22.47 -10.51
CA GLU B 20 26.38 22.51 -10.51
C GLU B 20 25.22 23.09 -11.37
C GLU B 20 25.23 23.07 -11.37
N ILE B 21 25.55 23.74 -12.52
CA ILE B 21 24.53 24.30 -13.42
C ILE B 21 23.78 23.13 -14.08
N PRO B 22 22.47 22.94 -13.79
CA PRO B 22 21.75 21.81 -14.39
C PRO B 22 21.45 22.03 -15.85
N THR B 23 21.81 21.05 -16.70
CA THR B 23 21.61 21.16 -18.14
C THR B 23 20.59 20.15 -18.64
N SER B 24 20.22 19.16 -17.79
CA SER B 24 19.29 18.11 -18.14
C SER B 24 18.40 17.72 -16.96
N PRO B 25 17.21 17.10 -17.21
CA PRO B 25 16.37 16.68 -16.06
C PRO B 25 16.92 15.45 -15.34
N LEU B 26 16.42 15.20 -14.14
CA LEU B 26 16.77 14.02 -13.37
C LEU B 26 16.05 12.85 -14.03
N ILE B 27 16.76 11.73 -14.28
CA ILE B 27 16.17 10.52 -14.86
C ILE B 27 16.03 9.49 -13.76
N ILE B 28 14.80 9.01 -13.53
CA ILE B 28 14.49 7.96 -12.56
C ILE B 28 14.03 6.76 -13.34
N LYS B 29 14.72 5.62 -13.18
CA LYS B 29 14.32 4.39 -13.82
C LYS B 29 13.39 3.63 -12.84
N ILE B 30 12.09 3.63 -13.10
CA ILE B 30 11.11 2.91 -12.25
C ILE B 30 11.42 1.41 -12.30
N THR B 31 11.43 0.74 -11.14
CA THR B 31 11.73 -0.70 -11.09
C THR B 31 10.44 -1.47 -11.41
N GLN B 32 10.56 -2.74 -11.79
CA GLN B 32 9.41 -3.59 -12.10
C GLN B 32 8.49 -3.72 -10.90
N GLN B 33 9.06 -3.81 -9.69
CA GLN B 33 8.21 -3.94 -8.52
C GLN B 33 7.43 -2.65 -8.27
N GLU B 34 8.05 -1.46 -8.45
CA GLU B 34 7.35 -0.17 -8.34
C GLU B 34 6.19 -0.09 -9.34
N ARG B 35 6.43 -0.51 -10.58
CA ARG B 35 5.50 -0.52 -11.69
C ARG B 35 4.25 -1.38 -11.38
N ASN B 36 4.49 -2.62 -10.91
CA ASN B 36 3.45 -3.60 -10.58
C ASN B 36 2.59 -3.14 -9.41
N ILE B 37 3.22 -2.56 -8.37
CA ILE B 37 2.56 -2.03 -7.18
C ILE B 37 1.65 -0.84 -7.58
N LEU B 38 2.17 0.10 -8.39
CA LEU B 38 1.40 1.27 -8.80
C LEU B 38 0.18 0.87 -9.66
N SER B 39 0.36 -0.11 -10.57
CA SER B 39 -0.71 -0.68 -11.40
C SER B 39 -1.82 -1.28 -10.50
N ASN B 40 -1.44 -2.06 -9.47
CA ASN B 40 -2.41 -2.60 -8.54
C ASN B 40 -3.17 -1.49 -7.80
N VAL B 41 -2.45 -0.55 -7.18
CA VAL B 41 -2.99 0.59 -6.46
C VAL B 41 -4.01 1.35 -7.36
N GLY B 42 -3.63 1.61 -8.62
CA GLY B 42 -4.47 2.22 -9.66
C GLY B 42 -5.75 1.46 -9.90
N ASN B 43 -5.66 0.11 -10.05
CA ASN B 43 -6.84 -0.77 -10.22
C ASN B 43 -7.74 -0.72 -8.99
N LEU B 44 -7.11 -0.69 -7.79
CA LEU B 44 -7.84 -0.69 -6.51
C LEU B 44 -8.55 0.64 -6.30
N LEU B 45 -7.89 1.73 -6.69
CA LEU B 45 -8.45 3.08 -6.61
C LEU B 45 -9.64 3.26 -7.53
N VAL B 46 -9.57 2.67 -8.77
CA VAL B 46 -10.66 2.68 -9.72
C VAL B 46 -11.89 2.01 -9.09
N LYS B 47 -11.72 0.80 -8.52
CA LYS B 47 -12.78 0.05 -7.85
C LYS B 47 -13.34 0.79 -6.65
N ALA B 48 -12.45 1.37 -5.81
CA ALA B 48 -12.83 2.11 -4.60
C ALA B 48 -13.58 3.43 -4.84
N PHE B 49 -13.12 4.24 -5.80
CA PHE B 49 -13.67 5.58 -5.99
C PHE B 49 -14.27 5.86 -7.36
N GLY B 50 -14.21 4.90 -8.28
CA GLY B 50 -14.79 5.06 -9.61
C GLY B 50 -13.90 5.87 -10.52
N ASN B 51 -13.63 7.13 -10.18
CA ASN B 51 -12.77 8.01 -10.98
C ASN B 51 -12.01 8.98 -10.09
N TYR B 52 -10.91 9.50 -10.61
CA TYR B 52 -9.97 10.40 -9.92
C TYR B 52 -10.55 11.78 -9.63
N GLU B 53 -11.77 12.08 -10.12
CA GLU B 53 -12.44 13.36 -9.84
C GLU B 53 -13.46 13.24 -8.68
N ASN B 54 -13.56 12.03 -8.07
CA ASN B 54 -14.41 11.75 -6.93
C ASN B 54 -14.00 12.65 -5.76
N PRO B 55 -14.95 13.47 -5.23
CA PRO B 55 -14.62 14.39 -4.13
C PRO B 55 -14.03 13.74 -2.87
N ASP B 56 -14.43 12.50 -2.56
CA ASP B 56 -13.91 11.76 -1.41
C ASP B 56 -12.44 11.41 -1.62
N TYR B 57 -12.05 11.08 -2.87
CA TYR B 57 -10.70 10.75 -3.23
C TYR B 57 -9.83 12.01 -3.18
N ILE B 58 -10.28 13.11 -3.85
CA ILE B 58 -9.57 14.37 -3.90
C ILE B 58 -9.29 14.94 -2.50
N ALA B 59 -10.28 14.84 -1.60
CA ALA B 59 -10.15 15.33 -0.22
C ALA B 59 -9.06 14.57 0.57
N SER B 60 -8.79 13.32 0.20
CA SER B 60 -7.80 12.55 0.95
C SER B 60 -6.59 12.16 0.05
N LEU B 61 -6.35 12.97 -1.00
CA LEU B 61 -5.29 12.75 -1.98
C LEU B 61 -3.92 12.58 -1.38
N HIS B 62 -3.49 13.48 -0.49
CA HIS B 62 -2.14 13.45 0.13
C HIS B 62 -1.93 12.22 1.00
N LEU B 63 -3.01 11.77 1.62
CA LEU B 63 -3.04 10.61 2.46
C LEU B 63 -2.79 9.37 1.59
N HIS B 64 -3.50 9.25 0.45
CA HIS B 64 -3.32 8.12 -0.46
C HIS B 64 -1.94 8.16 -1.13
N ALA B 65 -1.46 9.37 -1.48
CA ALA B 65 -0.15 9.54 -2.12
C ALA B 65 1.01 9.18 -1.21
N PHE B 66 1.03 9.69 0.05
CA PHE B 66 2.13 9.37 0.96
C PHE B 66 2.08 7.94 1.52
N GLN B 67 0.88 7.26 1.50
CA GLN B 67 0.77 5.87 1.99
C GLN B 67 0.84 4.81 0.91
N LEU B 68 0.28 5.06 -0.28
CA LEU B 68 0.18 4.06 -1.32
C LEU B 68 1.26 4.07 -2.36
N LEU B 69 1.90 5.20 -2.59
CA LEU B 69 2.97 5.25 -3.59
C LEU B 69 4.22 4.56 -3.09
N PRO B 70 4.94 3.84 -3.99
CA PRO B 70 6.27 3.32 -3.63
C PRO B 70 7.11 4.45 -3.05
N GLU B 71 7.65 4.23 -1.82
CA GLU B 71 8.38 5.22 -1.00
C GLU B 71 9.44 6.01 -1.75
N ARG B 72 10.18 5.39 -2.68
CA ARG B 72 11.24 6.10 -3.41
C ARG B 72 10.65 7.26 -4.27
N ILE B 73 9.49 7.02 -4.89
CA ILE B 73 8.79 8.01 -5.71
C ILE B 73 8.34 9.20 -4.86
N THR B 74 7.83 8.90 -3.66
CA THR B 74 7.37 9.87 -2.67
C THR B 74 8.54 10.76 -2.21
N ARG B 75 9.69 10.15 -1.85
CA ARG B 75 10.90 10.86 -1.44
C ARG B 75 11.36 11.82 -2.53
N ILE B 76 11.40 11.34 -3.78
CA ILE B 76 11.81 12.12 -4.95
C ILE B 76 10.91 13.35 -5.13
N LEU B 77 9.59 13.12 -5.21
CA LEU B 77 8.58 14.17 -5.41
C LEU B 77 8.50 15.18 -4.26
N SER B 78 8.62 14.73 -2.99
CA SER B 78 8.65 15.57 -1.77
C SER B 78 9.86 16.51 -1.77
N GLN B 79 11.06 15.99 -2.09
CA GLN B 79 12.32 16.74 -2.19
C GLN B 79 12.16 17.79 -3.30
N PHE B 80 11.62 17.37 -4.46
CA PHE B 80 11.41 18.20 -5.63
C PHE B 80 10.47 19.37 -5.43
N GLY B 81 9.37 19.14 -4.74
CA GLY B 81 8.34 20.16 -4.49
C GLY B 81 8.81 21.45 -3.86
N SER B 82 9.78 21.35 -2.93
N SER B 82 9.78 21.40 -2.95
CA SER B 82 10.37 22.46 -2.16
CA SER B 82 10.29 22.62 -2.30
C SER B 82 11.81 22.83 -2.63
C SER B 82 11.69 23.03 -2.78
N ASP B 83 12.25 22.32 -3.77
CA ASP B 83 13.59 22.59 -4.25
C ASP B 83 13.62 23.63 -5.36
N PHE B 84 14.08 24.84 -5.02
CA PHE B 84 14.19 25.94 -5.99
C PHE B 84 15.65 26.40 -6.05
N SER B 85 16.57 25.54 -5.61
CA SER B 85 17.99 25.83 -5.56
C SER B 85 18.62 25.97 -6.96
N ALA B 86 19.88 26.43 -6.99
CA ALA B 86 20.67 26.62 -8.21
C ALA B 86 20.88 25.29 -8.96
N GLU B 87 20.94 24.18 -8.23
CA GLU B 87 21.18 22.85 -8.80
C GLU B 87 19.94 22.17 -9.37
N GLN B 88 18.75 22.67 -9.05
CA GLN B 88 17.48 22.04 -9.47
C GLN B 88 17.08 22.42 -10.90
N TYR B 89 16.98 21.42 -11.79
CA TYR B 89 16.56 21.62 -13.18
C TYR B 89 15.07 22.02 -13.29
N GLY B 90 14.22 21.41 -12.48
CA GLY B 90 12.79 21.68 -12.49
C GLY B 90 11.97 20.67 -13.28
N ALA B 91 12.59 19.54 -13.66
CA ALA B 91 11.89 18.46 -14.36
C ALA B 91 12.51 17.14 -13.94
N ILE B 92 11.68 16.09 -13.88
CA ILE B 92 12.07 14.70 -13.61
C ILE B 92 11.46 13.83 -14.71
N VAL B 93 12.23 12.89 -15.25
CA VAL B 93 11.73 11.88 -16.17
C VAL B 93 11.58 10.58 -15.34
N PHE B 94 10.35 10.08 -15.22
CA PHE B 94 10.11 8.79 -14.58
C PHE B 94 9.98 7.80 -15.74
N GLN B 95 11.08 7.09 -16.05
CA GLN B 95 11.14 6.10 -17.13
C GLN B 95 10.38 4.84 -16.75
N GLY B 96 9.46 4.43 -17.62
CA GLY B 96 8.63 3.25 -17.43
C GLY B 96 7.80 3.27 -16.16
N LEU B 97 7.05 4.36 -15.92
CA LEU B 97 6.19 4.45 -14.75
C LEU B 97 5.03 3.44 -14.87
N ILE B 98 4.52 3.29 -16.08
CA ILE B 98 3.39 2.40 -16.35
C ILE B 98 3.66 1.52 -17.58
N GLU B 99 2.99 0.37 -17.64
CA GLU B 99 3.02 -0.52 -18.79
C GLU B 99 1.76 -0.19 -19.54
N VAL B 100 1.89 0.29 -20.78
CA VAL B 100 0.71 0.62 -21.57
C VAL B 100 0.34 -0.58 -22.42
N ASP B 101 -0.88 -1.08 -22.21
CA ASP B 101 -1.46 -2.17 -22.99
C ASP B 101 -2.09 -1.50 -24.20
N GLN B 102 -1.38 -1.55 -25.34
CA GLN B 102 -1.78 -0.89 -26.58
C GLN B 102 -3.13 -1.35 -27.16
N ASP B 103 -3.47 -2.65 -26.97
CA ASP B 103 -4.75 -3.21 -27.45
C ASP B 103 -5.93 -2.69 -26.63
N ASP B 104 -5.77 -2.62 -25.29
CA ASP B 104 -6.80 -2.11 -24.38
C ASP B 104 -7.03 -0.62 -24.62
N LEU B 105 -5.96 0.13 -24.93
CA LEU B 105 -6.01 1.56 -25.23
C LEU B 105 -6.72 1.77 -26.58
N GLY B 106 -6.55 0.82 -27.49
CA GLY B 106 -7.13 0.87 -28.83
C GLY B 106 -6.52 1.95 -29.69
N PRO B 107 -6.99 2.16 -30.95
CA PRO B 107 -6.41 3.23 -31.77
C PRO B 107 -6.61 4.63 -31.18
N THR B 108 -5.69 5.56 -31.50
CA THR B 108 -5.75 6.94 -31.02
C THR B 108 -6.93 7.65 -31.72
N PRO B 109 -7.84 8.31 -30.95
CA PRO B 109 -8.97 9.00 -31.60
C PRO B 109 -8.55 10.12 -32.55
N PRO B 110 -9.42 10.59 -33.50
CA PRO B 110 -8.99 11.67 -34.41
C PRO B 110 -8.49 12.94 -33.71
N ASN B 111 -9.09 13.28 -32.54
CA ASN B 111 -8.74 14.45 -31.73
C ASN B 111 -9.01 14.17 -30.23
N TRP B 112 -8.66 15.12 -29.33
CA TRP B 112 -8.84 14.96 -27.87
C TRP B 112 -10.30 14.75 -27.45
N GLN B 113 -11.26 15.28 -28.24
CA GLN B 113 -12.70 15.17 -28.00
C GLN B 113 -13.26 13.73 -28.13
N GLY B 114 -12.46 12.84 -28.74
CA GLY B 114 -12.81 11.44 -28.95
C GLY B 114 -12.16 10.49 -27.97
N ALA B 115 -11.49 11.04 -26.94
CA ALA B 115 -10.85 10.22 -25.91
C ALA B 115 -11.93 9.58 -25.00
N ASP B 116 -11.72 8.31 -24.59
CA ASP B 116 -12.64 7.60 -23.70
C ASP B 116 -12.00 7.37 -22.30
N TYR B 117 -12.77 7.47 -21.19
CA TYR B 117 -12.23 7.31 -19.82
C TYR B 117 -12.03 5.81 -19.39
N GLY B 118 -11.88 4.92 -20.35
CA GLY B 118 -11.59 3.52 -20.10
C GLY B 118 -10.09 3.37 -19.98
N LYS B 119 -9.61 2.90 -18.80
CA LYS B 119 -8.19 2.73 -18.40
C LYS B 119 -7.45 4.07 -18.33
N LEU B 120 -8.03 5.15 -18.92
CA LEU B 120 -7.53 6.50 -18.76
C LEU B 120 -7.81 6.86 -17.30
N ASN B 121 -8.85 6.23 -16.69
CA ASN B 121 -9.23 6.38 -15.27
C ASN B 121 -8.11 5.94 -14.36
N LYS B 122 -7.53 4.78 -14.66
CA LYS B 122 -6.41 4.24 -13.87
C LYS B 122 -5.19 5.20 -13.96
N TYR B 123 -4.92 5.72 -15.17
CA TYR B 123 -3.80 6.64 -15.42
C TYR B 123 -4.01 7.95 -14.66
N GLY B 124 -5.26 8.41 -14.58
CA GLY B 124 -5.64 9.62 -13.86
C GLY B 124 -5.35 9.49 -12.38
N PHE B 125 -5.63 8.30 -11.84
CA PHE B 125 -5.33 7.99 -10.43
C PHE B 125 -3.84 8.01 -10.18
N ILE B 126 -3.06 7.33 -11.03
CA ILE B 126 -1.60 7.28 -10.88
C ILE B 126 -1.01 8.67 -10.93
N CYS B 127 -1.39 9.48 -11.96
CA CYS B 127 -0.91 10.85 -12.12
C CYS B 127 -1.27 11.74 -10.93
N SER B 128 -2.53 11.65 -10.41
CA SER B 128 -2.95 12.45 -9.25
C SER B 128 -2.17 12.11 -7.98
N LEU B 129 -1.77 10.84 -7.79
CA LEU B 129 -0.95 10.40 -6.64
C LEU B 129 0.41 11.02 -6.73
N LEU B 130 0.97 11.17 -7.94
CA LEU B 130 2.28 11.80 -8.11
C LEU B 130 2.20 13.27 -7.72
N HIS B 131 1.15 13.98 -8.17
CA HIS B 131 0.93 15.39 -7.79
C HIS B 131 0.71 15.48 -6.25
N GLY B 132 -0.04 14.54 -5.69
CA GLY B 132 -0.36 14.47 -4.26
C GLY B 132 0.86 14.37 -3.37
N ALA B 133 1.97 13.79 -3.89
CA ALA B 133 3.18 13.60 -3.13
C ALA B 133 4.16 14.78 -3.23
N VAL B 134 3.85 15.80 -4.02
CA VAL B 134 4.68 17.00 -4.14
C VAL B 134 4.80 17.75 -2.78
N PRO B 135 3.75 18.02 -1.96
CA PRO B 135 2.31 17.82 -2.20
C PRO B 135 1.74 18.95 -3.06
N SER B 136 0.79 18.60 -3.95
CA SER B 136 0.16 19.55 -4.84
C SER B 136 -1.22 18.99 -5.19
N LYS B 137 -2.16 19.86 -5.52
CA LYS B 137 -3.53 19.49 -5.79
C LYS B 137 -3.92 19.65 -7.23
N PRO B 138 -4.37 18.56 -7.91
CA PRO B 138 -4.81 18.69 -9.31
C PRO B 138 -5.94 19.70 -9.45
N VAL B 139 -5.86 20.52 -10.49
CA VAL B 139 -6.84 21.58 -10.75
C VAL B 139 -7.21 21.54 -12.21
N GLN B 140 -8.29 22.23 -12.56
CA GLN B 140 -8.67 22.41 -13.96
C GLN B 140 -8.90 23.90 -14.23
N TYR B 141 -8.67 24.31 -15.48
CA TYR B 141 -8.77 25.70 -15.90
C TYR B 141 -9.86 25.87 -16.91
N TYR B 142 -10.70 26.90 -16.74
CA TYR B 142 -11.72 27.21 -17.73
C TYR B 142 -11.02 27.63 -19.04
N ALA B 143 -9.82 28.28 -18.93
CA ALA B 143 -8.99 28.73 -20.05
C ALA B 143 -8.51 27.56 -20.95
N GLN B 144 -8.54 26.34 -20.41
CA GLN B 144 -8.16 25.14 -21.15
C GLN B 144 -9.35 24.19 -21.30
N ARG B 145 -9.98 24.22 -22.49
CA ARG B 145 -11.11 23.36 -22.89
C ARG B 145 -12.33 23.48 -21.96
N LYS B 146 -12.55 24.69 -21.39
CA LYS B 146 -13.65 25.01 -20.46
C LYS B 146 -13.60 24.02 -19.27
N GLY B 147 -12.38 23.80 -18.80
CA GLY B 147 -12.06 22.84 -17.77
C GLY B 147 -11.49 21.60 -18.41
N GLY B 148 -12.39 20.79 -19.01
CA GLY B 148 -12.03 19.56 -19.71
C GLY B 148 -11.58 18.41 -18.82
N GLY B 149 -11.70 18.59 -17.50
CA GLY B 149 -11.31 17.58 -16.52
C GLY B 149 -9.88 17.73 -16.01
N LEU B 150 -9.57 17.03 -14.88
CA LEU B 150 -8.25 17.03 -14.24
C LEU B 150 -7.17 16.37 -15.09
N LEU B 151 -7.60 15.55 -16.07
CA LEU B 151 -6.70 14.84 -16.95
C LEU B 151 -7.06 15.11 -18.43
N HIS B 152 -6.10 15.63 -19.20
CA HIS B 152 -6.34 15.95 -20.61
C HIS B 152 -5.58 15.03 -21.51
N ALA B 153 -6.27 14.51 -22.54
CA ALA B 153 -5.64 13.71 -23.59
C ALA B 153 -5.10 14.73 -24.60
N VAL B 154 -3.81 14.68 -24.89
CA VAL B 154 -3.12 15.54 -25.85
C VAL B 154 -2.88 14.64 -27.11
N ILE B 155 -3.71 14.86 -28.14
CA ILE B 155 -3.74 14.06 -29.39
C ILE B 155 -3.43 14.94 -30.63
N PRO B 156 -2.64 14.47 -31.65
CA PRO B 156 -2.44 15.30 -32.88
C PRO B 156 -3.69 15.26 -33.75
N ASP B 157 -4.33 16.43 -33.93
CA ASP B 157 -5.54 16.58 -34.74
C ASP B 157 -5.15 16.83 -36.20
N GLU B 158 -5.91 16.24 -37.15
CA GLU B 158 -5.68 16.39 -38.59
C GLU B 158 -5.98 17.82 -39.06
N LYS B 159 -7.06 18.41 -38.52
CA LYS B 159 -7.56 19.76 -38.82
C LYS B 159 -6.70 20.85 -38.17
N MET B 160 -6.01 20.51 -37.06
CA MET B 160 -5.17 21.41 -36.27
C MET B 160 -3.67 21.04 -36.36
N ALA B 161 -3.28 20.28 -37.41
CA ALA B 161 -1.90 19.82 -37.66
C ALA B 161 -0.85 20.94 -37.69
N ALA B 162 -1.19 22.10 -38.29
CA ALA B 162 -0.30 23.26 -38.42
C ALA B 162 -0.49 24.33 -37.32
N THR B 163 -1.25 24.01 -36.25
CA THR B 163 -1.51 24.98 -35.17
C THR B 163 -0.51 24.84 -34.02
N GLN B 164 -0.31 25.96 -33.27
CA GLN B 164 0.61 26.08 -32.14
C GLN B 164 -0.12 25.66 -30.83
N THR B 165 -0.62 24.42 -30.81
CA THR B 165 -1.35 23.78 -29.70
C THR B 165 -0.87 22.31 -29.54
N GLY B 166 -1.39 21.64 -28.49
CA GLY B 166 -1.11 20.23 -28.21
C GLY B 166 -1.70 19.32 -29.26
N SER B 167 -2.65 19.84 -30.05
CA SER B 167 -3.33 19.18 -31.17
C SER B 167 -2.58 19.46 -32.52
N GLY B 168 -1.39 20.07 -32.41
CA GLY B 168 -0.51 20.43 -33.53
C GLY B 168 0.70 19.52 -33.64
N SER B 169 0.87 18.90 -34.82
CA SER B 169 1.93 17.94 -35.13
C SER B 169 3.03 18.44 -36.11
N LYS B 170 2.64 18.84 -37.34
CA LYS B 170 3.52 19.26 -38.45
C LYS B 170 4.45 20.46 -38.17
N THR B 171 4.06 21.37 -37.24
CA THR B 171 4.86 22.54 -36.89
C THR B 171 5.54 22.37 -35.52
N ASP B 172 6.63 23.14 -35.29
CA ASP B 172 7.40 23.15 -34.05
C ASP B 172 6.66 23.91 -32.94
N LEU B 173 6.47 23.25 -31.77
CA LEU B 173 5.85 23.85 -30.59
C LEU B 173 7.03 24.23 -29.68
N PHE B 174 7.53 25.49 -29.78
CA PHE B 174 8.72 25.88 -29.00
C PHE B 174 8.45 26.11 -27.54
N VAL B 175 9.53 26.04 -26.71
CA VAL B 175 9.47 26.06 -25.25
C VAL B 175 8.60 27.18 -24.70
N HIS B 176 7.80 26.77 -23.72
CA HIS B 176 6.89 27.62 -22.99
C HIS B 176 6.54 26.99 -21.64
N THR B 177 6.23 27.84 -20.67
CA THR B 177 5.69 27.42 -19.38
C THR B 177 4.17 27.41 -19.65
N GLU B 178 3.44 26.50 -19.03
CA GLU B 178 2.00 26.39 -19.24
C GLU B 178 1.27 27.61 -18.69
N ASP B 179 0.34 28.17 -19.49
CA ASP B 179 -0.52 29.30 -19.19
C ASP B 179 0.24 30.53 -18.66
N ALA B 180 1.21 31.03 -19.45
CA ALA B 180 2.00 32.22 -19.14
C ALA B 180 1.12 33.48 -19.00
N PHE B 181 -0.08 33.44 -19.60
CA PHE B 181 -1.07 34.53 -19.58
C PHE B 181 -1.92 34.56 -18.29
N LEU B 182 -1.78 33.55 -17.42
CA LEU B 182 -2.52 33.48 -16.14
C LEU B 182 -1.63 33.79 -14.93
N SER B 183 -2.15 34.54 -13.95
N SER B 183 -2.15 34.54 -13.95
CA SER B 183 -1.44 34.85 -12.70
CA SER B 183 -1.44 34.85 -12.70
C SER B 183 -1.39 33.61 -11.83
C SER B 183 -1.39 33.61 -11.83
N ASN B 184 -2.37 32.70 -12.01
CA ASN B 184 -2.49 31.46 -11.25
C ASN B 184 -2.25 30.24 -12.11
N GLN B 185 -1.21 30.30 -12.96
CA GLN B 185 -0.80 29.19 -13.83
C GLN B 185 -0.42 27.97 -12.96
N ALA B 186 -0.43 26.78 -13.54
CA ALA B 186 -0.11 25.54 -12.81
C ALA B 186 1.26 25.67 -12.11
N ASP B 187 1.38 25.06 -10.92
CA ASP B 187 2.65 25.00 -10.20
C ASP B 187 3.42 23.81 -10.74
N PHE B 188 2.71 22.67 -10.94
CA PHE B 188 3.30 21.41 -11.41
C PHE B 188 2.51 20.82 -12.55
N LEU B 189 3.22 20.17 -13.47
CA LEU B 189 2.65 19.49 -14.63
C LEU B 189 3.19 18.09 -14.70
N SER B 190 2.38 17.19 -15.22
CA SER B 190 2.81 15.84 -15.53
C SER B 190 2.37 15.55 -16.96
N PHE B 191 3.28 14.94 -17.74
CA PHE B 191 3.03 14.53 -19.12
C PHE B 191 3.30 13.04 -19.16
N LEU B 192 2.23 12.24 -19.26
CA LEU B 192 2.29 10.80 -19.33
C LEU B 192 2.18 10.36 -20.80
N TYR B 193 3.23 9.74 -21.32
CA TYR B 193 3.26 9.27 -22.71
C TYR B 193 2.67 7.89 -22.84
N LEU B 194 1.57 7.80 -23.60
CA LEU B 194 0.91 6.54 -23.86
C LEU B 194 1.49 5.92 -25.13
N ARG B 195 1.73 6.78 -26.16
CA ARG B 195 2.30 6.46 -27.46
C ARG B 195 3.23 7.56 -27.95
N ASN B 196 4.40 7.16 -28.51
CA ASN B 196 5.37 8.04 -29.12
C ASN B 196 6.17 7.24 -30.14
N GLU B 197 5.41 6.58 -31.05
CA GLU B 197 5.93 5.72 -32.11
C GLU B 197 6.67 6.51 -33.19
N GLU B 198 6.36 7.82 -33.34
CA GLU B 198 7.07 8.71 -34.28
C GLU B 198 8.41 9.19 -33.68
N ARG B 199 8.73 8.72 -32.47
CA ARG B 199 9.99 9.01 -31.75
C ARG B 199 10.27 10.52 -31.64
N VAL B 200 9.22 11.29 -31.30
CA VAL B 200 9.23 12.72 -31.11
C VAL B 200 10.00 13.04 -29.81
N PRO B 201 11.06 13.87 -29.90
CA PRO B 201 11.78 14.23 -28.67
C PRO B 201 10.97 15.19 -27.79
N SER B 202 11.16 15.05 -26.49
CA SER B 202 10.60 15.96 -25.52
C SER B 202 11.62 17.09 -25.38
N THR B 203 11.15 18.33 -25.40
CA THR B 203 12.10 19.43 -25.31
C THR B 203 11.78 20.18 -24.02
N LEU B 204 12.85 20.40 -23.24
CA LEU B 204 12.75 21.07 -21.94
C LEU B 204 13.74 22.22 -21.88
N TYR B 205 13.36 23.28 -21.17
CA TYR B 205 14.23 24.42 -20.97
C TYR B 205 14.10 24.92 -19.53
N SER B 206 15.20 24.91 -18.79
CA SER B 206 15.20 25.37 -17.41
C SER B 206 15.88 26.75 -17.28
N ILE B 207 15.26 27.65 -16.48
CA ILE B 207 15.83 28.96 -16.17
C ILE B 207 17.14 28.77 -15.38
N ARG B 208 17.26 27.62 -14.68
CA ARG B 208 18.46 27.28 -13.92
C ARG B 208 19.68 26.93 -14.79
N SER B 209 19.45 26.57 -16.09
CA SER B 209 20.51 26.26 -17.05
C SER B 209 21.35 27.51 -17.38
N HIS B 210 20.85 28.71 -17.08
CA HIS B 210 21.54 29.99 -17.28
C HIS B 210 22.64 30.23 -16.26
N GLY B 211 22.51 29.62 -15.07
CA GLY B 211 23.45 29.81 -13.97
C GLY B 211 23.18 31.13 -13.28
N LYS B 212 24.25 31.83 -12.89
CA LYS B 212 24.20 33.12 -12.20
C LYS B 212 23.42 34.16 -13.00
N MET B 213 22.65 34.98 -12.28
N MET B 213 22.59 34.96 -12.31
CA MET B 213 21.87 36.12 -12.74
CA MET B 213 21.81 36.04 -12.92
C MET B 213 22.79 37.07 -13.55
C MET B 213 22.74 37.04 -13.62
N ASN B 214 22.38 37.45 -14.77
N ASN B 214 22.42 37.39 -14.88
CA ASN B 214 23.17 38.32 -15.67
CA ASN B 214 23.21 38.32 -15.70
C ASN B 214 22.36 39.55 -16.19
C ASN B 214 22.37 39.53 -16.22
N PRO B 215 22.97 40.58 -16.85
CA PRO B 215 22.17 41.76 -17.27
C PRO B 215 21.03 41.53 -18.25
N VAL B 216 21.16 40.54 -19.14
CA VAL B 216 20.11 40.19 -20.09
C VAL B 216 18.90 39.70 -19.29
N MET B 217 19.17 38.80 -18.31
N MET B 217 19.17 38.83 -18.30
CA MET B 217 18.19 38.19 -17.42
CA MET B 217 18.16 38.22 -17.43
C MET B 217 17.48 39.20 -16.52
C MET B 217 17.48 39.21 -16.52
N LYS B 218 18.25 40.14 -15.92
CA LYS B 218 17.73 41.16 -14.98
C LYS B 218 16.60 42.04 -15.55
N LYS B 219 16.65 42.37 -16.85
CA LYS B 219 15.64 43.18 -17.51
C LYS B 219 14.27 42.48 -17.53
N LEU B 220 14.25 41.14 -17.39
CA LEU B 220 13.03 40.33 -17.41
C LEU B 220 12.19 40.44 -16.14
N PHE B 221 12.76 41.00 -15.06
CA PHE B 221 12.05 41.24 -13.80
C PHE B 221 11.11 42.45 -13.90
N GLU B 222 11.32 43.31 -14.93
CA GLU B 222 10.48 44.50 -15.15
C GLU B 222 9.06 44.08 -15.60
N PRO B 223 7.97 44.60 -14.97
CA PRO B 223 6.62 44.17 -15.38
C PRO B 223 6.13 44.90 -16.64
N ILE B 224 6.91 44.80 -17.73
CA ILE B 224 6.68 45.52 -19.00
C ILE B 224 6.32 44.62 -20.18
N TYR B 225 6.14 43.30 -19.93
CA TYR B 225 5.91 42.34 -20.99
C TYR B 225 4.46 41.92 -21.18
N GLN B 226 4.06 41.79 -22.43
CA GLN B 226 2.74 41.27 -22.78
C GLN B 226 2.81 39.74 -22.64
N CYS B 227 1.76 39.17 -22.04
CA CYS B 227 1.61 37.73 -21.89
C CYS B 227 0.28 37.43 -22.61
N PRO B 228 0.26 37.36 -23.97
CA PRO B 228 -1.03 37.18 -24.66
C PRO B 228 -1.77 35.89 -24.35
N LYS B 229 -3.11 36.00 -24.20
CA LYS B 229 -3.95 34.85 -23.93
C LYS B 229 -4.16 34.01 -25.19
N ASP B 230 -3.76 32.72 -25.08
CA ASP B 230 -3.82 31.66 -26.09
C ASP B 230 -5.26 31.41 -26.55
N SER B 241 -5.25 47.86 -24.13
CA SER B 241 -3.93 47.42 -24.58
C SER B 241 -3.55 46.02 -24.07
N GLY B 242 -4.00 45.68 -22.87
CA GLY B 242 -3.73 44.42 -22.18
C GLY B 242 -2.77 44.59 -21.02
N PRO B 243 -3.01 43.95 -19.84
CA PRO B 243 -2.06 44.09 -18.71
C PRO B 243 -0.71 43.43 -19.01
N THR B 244 0.37 44.00 -18.45
CA THR B 244 1.74 43.52 -18.62
C THR B 244 2.21 42.84 -17.35
N ALA B 245 3.17 41.92 -17.48
CA ALA B 245 3.74 41.22 -16.35
C ALA B 245 5.27 41.05 -16.53
N SER B 246 5.93 40.53 -15.50
CA SER B 246 7.35 40.21 -15.47
C SER B 246 7.56 38.81 -16.07
N VAL B 247 8.65 38.60 -16.79
CA VAL B 247 8.96 37.27 -17.31
C VAL B 247 9.63 36.48 -16.16
N LEU B 248 10.49 37.17 -15.41
CA LEU B 248 11.15 36.57 -14.25
C LEU B 248 10.54 37.15 -12.98
N TYR B 249 10.40 36.32 -11.95
CA TYR B 249 9.81 36.76 -10.68
C TYR B 249 10.30 35.83 -9.57
N GLY B 250 9.80 36.01 -8.35
CA GLY B 250 10.23 35.23 -7.21
C GLY B 250 11.54 35.76 -6.69
N ASN B 251 12.47 34.87 -6.38
CA ASN B 251 13.76 35.27 -5.83
C ASN B 251 14.62 35.94 -6.92
N ARG B 252 15.26 37.07 -6.59
CA ARG B 252 16.11 37.85 -7.48
C ARG B 252 17.33 37.11 -8.01
N GLU B 253 17.95 36.25 -7.20
CA GLU B 253 19.14 35.49 -7.62
C GLU B 253 18.76 34.18 -8.30
N LEU B 254 17.71 33.46 -7.81
CA LEU B 254 17.23 32.16 -8.30
C LEU B 254 15.76 32.31 -8.65
N PRO B 255 15.46 32.91 -9.81
CA PRO B 255 14.06 33.24 -10.11
C PRO B 255 13.17 32.13 -10.65
N PHE B 256 11.89 32.47 -10.78
CA PHE B 256 10.87 31.67 -11.43
C PHE B 256 10.61 32.35 -12.78
N ILE B 257 10.01 31.62 -13.71
CA ILE B 257 9.77 32.10 -15.05
C ILE B 257 8.34 31.82 -15.55
N ARG B 258 7.79 32.78 -16.32
CA ARG B 258 6.56 32.66 -17.09
C ARG B 258 7.00 33.13 -18.48
N PHE B 259 7.01 32.20 -19.43
CA PHE B 259 7.53 32.48 -20.75
C PHE B 259 6.89 31.63 -21.82
N ASP B 260 6.61 32.25 -22.96
CA ASP B 260 6.04 31.60 -24.13
C ASP B 260 6.67 32.24 -25.36
N ALA B 261 7.72 31.60 -25.93
CA ALA B 261 8.46 32.12 -27.09
C ALA B 261 7.55 32.45 -28.28
N ALA B 262 6.68 31.50 -28.66
CA ALA B 262 5.75 31.66 -29.79
C ALA B 262 4.77 32.81 -29.57
N GLU B 263 4.21 32.92 -28.35
CA GLU B 263 3.20 33.91 -27.99
C GLU B 263 3.74 35.29 -27.69
N GLN B 264 4.86 35.38 -26.97
CA GLN B 264 5.47 36.65 -26.58
C GLN B 264 6.49 37.23 -27.57
N ILE B 265 7.17 36.38 -28.36
CA ILE B 265 8.20 36.84 -29.31
C ILE B 265 7.80 36.69 -30.79
N PHE B 266 7.59 35.45 -31.23
CA PHE B 266 7.29 35.10 -32.62
C PHE B 266 5.79 35.19 -32.93
N ASN B 267 5.22 36.37 -32.67
CA ASN B 267 3.80 36.68 -32.83
C ASN B 267 3.71 38.18 -33.12
N GLU B 268 3.27 38.51 -34.34
CA GLU B 268 3.10 39.89 -34.81
C GLU B 268 2.08 40.64 -33.95
N ASN B 269 1.03 39.93 -33.49
CA ASN B 269 -0.04 40.49 -32.66
C ASN B 269 0.26 40.47 -31.15
N ALA B 270 1.53 40.24 -30.74
CA ALA B 270 1.90 40.22 -29.32
C ALA B 270 1.75 41.60 -28.67
N GLY B 271 1.98 42.66 -29.45
CA GLY B 271 1.85 44.04 -29.02
C GLY B 271 2.88 44.50 -28.01
N GLN B 272 4.10 43.95 -28.10
CA GLN B 272 5.18 44.31 -27.19
C GLN B 272 5.74 45.67 -27.57
N THR B 273 6.22 46.41 -26.54
CA THR B 273 6.91 47.67 -26.76
C THR B 273 8.26 47.31 -27.41
N SER B 274 8.90 48.28 -28.10
CA SER B 274 10.20 48.08 -28.74
C SER B 274 11.24 47.62 -27.70
N GLU B 275 11.22 48.21 -26.48
CA GLU B 275 12.12 47.88 -25.38
C GLU B 275 11.88 46.45 -24.91
N ALA B 276 10.59 46.07 -24.67
CA ALA B 276 10.22 44.73 -24.20
C ALA B 276 10.62 43.65 -25.20
N LEU B 277 10.32 43.88 -26.50
CA LEU B 277 10.68 42.94 -27.55
C LEU B 277 12.19 42.73 -27.67
N GLY B 278 12.95 43.83 -27.57
CA GLY B 278 14.40 43.78 -27.58
C GLY B 278 14.94 42.90 -26.46
N ASN B 279 14.42 43.12 -25.22
CA ASN B 279 14.80 42.37 -24.02
C ASN B 279 14.51 40.88 -24.19
N LEU B 280 13.33 40.55 -24.76
CA LEU B 280 12.88 39.19 -25.00
C LEU B 280 13.75 38.50 -26.05
N MET B 281 14.08 39.24 -27.14
CA MET B 281 14.93 38.75 -28.23
C MET B 281 16.30 38.38 -27.66
N ASP B 282 16.88 39.27 -26.83
CA ASP B 282 18.19 39.09 -26.20
C ASP B 282 18.20 37.88 -25.29
N PHE B 283 17.11 37.70 -24.54
CA PHE B 283 16.90 36.59 -23.63
C PHE B 283 16.80 35.29 -24.42
N TRP B 284 15.93 35.26 -25.44
CA TRP B 284 15.74 34.10 -26.30
C TRP B 284 17.03 33.61 -26.95
N ASP B 285 17.94 34.52 -27.36
CA ASP B 285 19.21 34.13 -27.99
C ASP B 285 20.15 33.38 -27.02
N GLU B 286 20.05 33.71 -25.74
CA GLU B 286 20.81 33.08 -24.67
C GLU B 286 20.12 31.76 -24.29
N ALA B 287 18.77 31.79 -24.15
CA ALA B 287 17.93 30.64 -23.76
C ALA B 287 17.86 29.49 -24.76
N LYS B 288 17.82 29.78 -26.08
CA LYS B 288 17.67 28.75 -27.11
C LYS B 288 18.84 27.75 -27.16
N THR B 289 20.05 28.20 -26.76
CA THR B 289 21.28 27.38 -26.72
C THR B 289 21.24 26.40 -25.53
N LEU B 290 20.32 26.62 -24.59
CA LEU B 290 20.16 25.82 -23.38
C LEU B 290 19.01 24.80 -23.45
N ILE B 291 18.20 24.84 -24.52
CA ILE B 291 17.08 23.91 -24.73
C ILE B 291 17.64 22.48 -24.85
N ASN B 292 17.02 21.55 -24.11
CA ASN B 292 17.43 20.15 -24.10
C ASN B 292 16.35 19.29 -24.77
N SER B 293 16.71 18.66 -25.89
CA SER B 293 15.86 17.81 -26.72
C SER B 293 16.41 16.38 -26.78
N ASP B 294 17.28 16.00 -25.82
CA ASP B 294 17.93 14.69 -25.80
C ASP B 294 16.98 13.55 -25.50
N TYR B 295 16.00 13.79 -24.62
CA TYR B 295 15.10 12.72 -24.23
C TYR B 295 13.96 12.45 -25.21
N ILE B 296 13.87 11.19 -25.67
CA ILE B 296 12.79 10.69 -26.53
C ILE B 296 11.92 9.77 -25.68
N PRO B 297 10.73 10.24 -25.24
CA PRO B 297 9.89 9.40 -24.36
C PRO B 297 9.40 8.11 -25.01
N ASN B 298 9.32 7.07 -24.18
CA ASN B 298 8.75 5.79 -24.56
C ASN B 298 7.39 5.69 -23.91
N SER B 299 6.59 4.77 -24.42
CA SER B 299 5.29 4.44 -23.90
C SER B 299 5.44 4.08 -22.42
N GLY B 300 4.71 4.79 -21.56
CA GLY B 300 4.75 4.60 -20.12
C GLY B 300 5.66 5.51 -19.32
N ASP B 301 6.41 6.40 -20.01
CA ASP B 301 7.25 7.39 -19.34
C ASP B 301 6.38 8.56 -18.94
N LEU B 302 6.76 9.19 -17.83
CA LEU B 302 6.09 10.38 -17.36
C LEU B 302 7.13 11.46 -17.08
N ILE B 303 6.92 12.66 -17.64
CA ILE B 303 7.77 13.81 -17.33
C ILE B 303 7.01 14.70 -16.32
N PHE B 304 7.63 14.94 -15.16
CA PHE B 304 7.08 15.74 -14.07
C PHE B 304 7.84 17.07 -14.03
N VAL B 305 7.10 18.19 -14.11
CA VAL B 305 7.69 19.53 -14.28
C VAL B 305 7.22 20.51 -13.25
N ASN B 306 8.17 21.33 -12.72
CA ASN B 306 7.90 22.50 -11.90
C ASN B 306 7.72 23.60 -12.97
N ASN B 307 6.46 23.98 -13.20
CA ASN B 307 6.07 24.96 -14.19
C ASN B 307 6.59 26.40 -13.92
N HIS B 308 7.25 26.62 -12.76
CA HIS B 308 7.86 27.91 -12.42
C HIS B 308 9.35 27.91 -12.73
N LEU B 309 9.90 26.73 -13.04
CA LEU B 309 11.33 26.59 -13.34
C LEU B 309 11.66 26.13 -14.74
N CYS B 310 10.80 25.31 -15.30
CA CYS B 310 11.10 24.61 -16.53
C CYS B 310 9.96 24.75 -17.55
N ALA B 311 10.34 25.21 -18.75
CA ALA B 311 9.49 25.35 -19.94
C ALA B 311 9.54 24.01 -20.75
N HIS B 312 8.51 23.74 -21.52
CA HIS B 312 8.46 22.55 -22.33
C HIS B 312 8.01 22.92 -23.75
N GLY B 313 8.17 21.98 -24.66
CA GLY B 313 7.76 22.11 -26.04
C GLY B 313 8.07 20.80 -26.72
N ARG B 314 7.54 20.60 -27.94
CA ARG B 314 7.80 19.39 -28.69
C ARG B 314 8.20 19.78 -30.11
N SER B 315 8.92 18.88 -30.79
CA SER B 315 9.35 19.18 -32.16
C SER B 315 8.30 18.75 -33.18
N ALA B 316 8.52 19.11 -34.46
CA ALA B 316 7.63 18.78 -35.57
C ALA B 316 7.69 17.29 -35.88
N PHE B 317 6.55 16.74 -36.31
CA PHE B 317 6.41 15.33 -36.68
C PHE B 317 5.17 15.13 -37.52
N ILE B 318 5.14 14.05 -38.29
CA ILE B 318 3.97 13.71 -39.08
C ILE B 318 3.31 12.60 -38.26
N ALA B 319 2.10 12.87 -37.76
CA ALA B 319 1.33 11.95 -36.93
C ALA B 319 1.05 10.61 -37.64
N GLY B 320 1.28 9.52 -36.90
CA GLY B 320 1.09 8.14 -37.35
C GLY B 320 2.05 7.57 -38.37
N GLN B 321 3.32 8.01 -38.39
CA GLN B 321 4.31 7.51 -39.35
C GLN B 321 5.37 6.57 -38.74
N CYS B 331 1.89 3.39 -38.36
CA CYS B 331 1.88 3.16 -36.93
C CYS B 331 0.71 3.90 -36.23
N GLU B 332 0.67 3.86 -34.88
CA GLU B 332 -0.37 4.54 -34.10
C GLU B 332 0.05 5.96 -33.74
N ARG B 333 -0.92 6.90 -33.82
CA ARG B 333 -0.68 8.32 -33.55
C ARG B 333 -0.37 8.62 -32.08
N ARG B 334 0.49 9.65 -31.87
CA ARG B 334 0.98 10.11 -30.56
C ARG B 334 -0.15 10.43 -29.57
N GLN B 335 0.01 9.96 -28.35
CA GLN B 335 -0.98 10.15 -27.31
C GLN B 335 -0.28 10.39 -25.98
N MET B 336 -0.52 11.56 -25.39
N MET B 336 -0.53 11.57 -25.39
CA MET B 336 0.05 11.96 -24.12
CA MET B 336 0.08 12.02 -24.15
C MET B 336 -1.06 12.49 -23.20
C MET B 336 -1.01 12.57 -23.19
N LEU B 337 -0.97 12.21 -21.89
CA LEU B 337 -1.94 12.69 -20.88
C LEU B 337 -1.33 13.77 -20.01
N ARG B 338 -2.01 14.92 -19.91
CA ARG B 338 -1.57 16.06 -19.12
C ARG B 338 -2.44 16.32 -17.88
N MET B 339 -1.78 16.53 -16.75
CA MET B 339 -2.40 16.86 -15.48
C MET B 339 -1.64 18.05 -14.86
N MET B 340 -2.39 19.01 -14.31
CA MET B 340 -1.87 20.23 -13.70
C MET B 340 -2.30 20.35 -12.26
N SER B 341 -1.43 20.88 -11.43
CA SER B 341 -1.73 21.05 -10.02
C SER B 341 -1.24 22.38 -9.41
N LYS B 342 -1.88 22.75 -8.29
CA LYS B 342 -1.55 23.95 -7.49
C LYS B 342 -1.30 23.49 -6.06
N THR B 343 -0.24 24.03 -5.43
CA THR B 343 0.16 23.67 -4.06
C THR B 343 -0.73 24.30 -3.00
N SER B 344 -1.47 25.37 -3.35
CA SER B 344 -2.36 26.03 -2.44
C SER B 344 -3.71 26.36 -3.03
N LEU B 345 -4.78 25.83 -2.42
CA LEU B 345 -6.15 26.18 -2.77
C LEU B 345 -6.53 27.56 -2.21
N ILE B 346 -5.88 27.96 -1.12
CA ILE B 346 -6.15 29.23 -0.45
C ILE B 346 -5.83 30.44 -1.35
N HIS B 347 -4.63 30.49 -1.91
N HIS B 347 -4.61 30.47 -1.89
CA HIS B 347 -4.17 31.68 -2.65
CA HIS B 347 -4.07 31.54 -2.73
C HIS B 347 -4.84 31.84 -4.04
C HIS B 347 -4.95 31.84 -3.96
N ILE B 348 -5.47 30.79 -4.59
CA ILE B 348 -6.26 30.83 -5.83
C ILE B 348 -7.78 30.99 -5.53
N ARG B 349 -8.20 31.01 -4.24
CA ARG B 349 -9.62 31.02 -3.86
C ARG B 349 -10.47 32.15 -4.49
N SER B 350 -9.91 33.35 -4.73
CA SER B 350 -10.73 34.40 -5.38
C SER B 350 -11.00 34.15 -6.88
N VAL B 351 -10.34 33.15 -7.50
CA VAL B 351 -10.52 32.85 -8.92
C VAL B 351 -11.16 31.49 -9.18
N THR B 352 -11.44 30.72 -8.13
CA THR B 352 -12.06 29.42 -8.30
C THR B 352 -13.58 29.46 -8.12
N ARG B 353 -14.28 28.42 -8.63
CA ARG B 353 -15.73 28.31 -8.50
C ARG B 353 -16.11 28.18 -7.03
N THR B 354 -17.19 28.85 -6.61
CA THR B 354 -17.69 28.80 -5.23
C THR B 354 -17.86 27.36 -4.74
N ASP B 355 -18.48 26.53 -5.59
CA ASP B 355 -18.80 25.11 -5.38
C ASP B 355 -17.62 24.17 -5.66
N ASP B 356 -16.54 24.69 -6.28
CA ASP B 356 -15.38 23.88 -6.65
C ASP B 356 -14.05 24.65 -6.51
N PRO B 357 -13.38 24.54 -5.35
CA PRO B 357 -12.11 25.27 -5.16
C PRO B 357 -10.93 24.75 -6.01
N TYR B 358 -11.17 23.74 -6.87
CA TYR B 358 -10.18 23.14 -7.77
C TYR B 358 -10.37 23.61 -9.21
N PHE B 359 -11.39 24.41 -9.44
CA PHE B 359 -11.74 24.87 -10.78
C PHE B 359 -11.45 26.36 -10.95
N ILE B 360 -10.34 26.67 -11.64
CA ILE B 360 -9.86 28.03 -11.88
C ILE B 360 -10.59 28.67 -13.05
N MET B 361 -11.26 29.81 -12.75
CA MET B 361 -12.04 30.64 -13.66
C MET B 361 -11.29 31.85 -14.20
N GLU B 362 -9.97 31.96 -13.95
CA GLU B 362 -9.14 33.07 -14.43
C GLU B 362 -8.98 33.01 -15.95
N GLU B 363 -9.08 34.18 -16.56
CA GLU B 363 -8.97 34.36 -18.01
C GLU B 363 -7.62 34.95 -18.44
N HIS B 364 -7.19 36.05 -17.81
CA HIS B 364 -5.95 36.72 -18.19
C HIS B 364 -5.42 37.61 -17.08
N LEU B 365 -4.20 37.32 -16.60
CA LEU B 365 -3.44 38.06 -15.58
C LEU B 365 -4.32 38.73 -14.49
N GLY B 366 -5.15 37.92 -13.83
CA GLY B 366 -6.01 38.37 -12.74
C GLY B 366 -7.47 38.46 -13.11
N LYS B 367 -7.76 38.83 -14.38
CA LYS B 367 -9.13 38.95 -14.88
C LYS B 367 -9.75 37.55 -14.94
N ILE B 368 -10.98 37.44 -14.48
CA ILE B 368 -11.81 36.25 -14.42
C ILE B 368 -12.75 36.25 -15.65
N PHE B 369 -13.07 35.05 -16.18
CA PHE B 369 -14.00 34.91 -17.29
C PHE B 369 -15.36 35.45 -16.91
N ASP B 370 -15.96 36.21 -17.83
CA ASP B 370 -17.30 36.74 -17.71
C ASP B 370 -18.13 35.76 -18.55
N LEU B 371 -18.90 34.90 -17.88
CA LEU B 371 -19.63 33.83 -18.58
C LEU B 371 -21.03 34.18 -19.10
N ASP B 372 -21.95 34.67 -18.21
CA ASP B 372 -23.36 35.01 -18.54
C ASP B 372 -24.20 33.83 -19.05
N ALA C 13 18.24 -31.15 34.72
CA ALA C 13 17.80 -31.65 33.42
C ALA C 13 18.59 -31.06 32.24
N GLU C 14 18.63 -31.80 31.11
CA GLU C 14 19.33 -31.44 29.86
C GLU C 14 18.83 -30.09 29.30
N THR C 15 17.52 -30.06 28.93
CA THR C 15 16.74 -28.96 28.32
C THR C 15 16.95 -27.58 28.96
N SER C 16 17.32 -27.56 30.25
CA SER C 16 17.52 -26.37 31.07
C SER C 16 18.58 -25.37 30.59
N LEU C 17 19.62 -25.83 29.84
CA LEU C 17 20.72 -24.94 29.43
C LEU C 17 21.03 -24.88 27.92
N THR C 18 19.99 -24.77 27.09
CA THR C 18 20.20 -24.73 25.64
C THR C 18 19.43 -23.58 24.99
N LEU C 19 20.18 -22.69 24.28
CA LEU C 19 19.62 -21.52 23.57
C LEU C 19 18.91 -21.96 22.29
N GLU C 20 19.32 -23.10 21.69
CA GLU C 20 18.71 -23.70 20.48
C GLU C 20 17.19 -23.78 20.64
N ILE C 21 16.78 -24.25 21.81
CA ILE C 21 15.42 -24.56 22.14
C ILE C 21 14.56 -23.29 22.35
N PRO C 22 13.55 -23.06 21.47
CA PRO C 22 12.69 -21.87 21.63
C PRO C 22 11.73 -22.04 22.82
N THR C 23 11.69 -21.05 23.71
CA THR C 23 10.84 -21.10 24.89
C THR C 23 9.75 -20.05 24.87
N SER C 24 9.86 -19.10 23.92
CA SER C 24 8.91 -17.99 23.77
C SER C 24 8.69 -17.63 22.28
N PRO C 25 7.58 -16.98 21.92
CA PRO C 25 7.39 -16.59 20.50
C PRO C 25 8.29 -15.42 20.07
N LEU C 26 8.44 -15.25 18.75
CA LEU C 26 9.17 -14.11 18.20
C LEU C 26 8.29 -12.85 18.41
N ILE C 27 8.88 -11.76 18.95
CA ILE C 27 8.14 -10.52 19.17
C ILE C 27 8.59 -9.52 18.10
N ILE C 28 7.63 -9.01 17.31
CA ILE C 28 7.87 -8.00 16.29
C ILE C 28 7.18 -6.75 16.76
N LYS C 29 7.93 -5.64 16.87
CA LYS C 29 7.32 -4.36 17.24
C LYS C 29 6.99 -3.63 15.94
N ILE C 30 5.69 -3.61 15.57
CA ILE C 30 5.20 -2.91 14.37
C ILE C 30 5.42 -1.40 14.55
N THR C 31 5.92 -0.72 13.51
CA THR C 31 6.17 0.72 13.53
C THR C 31 4.90 1.48 13.13
N GLN C 32 4.89 2.79 13.40
CA GLN C 32 3.76 3.67 13.04
C GLN C 32 3.60 3.76 11.53
N GLN C 33 4.75 3.76 10.79
N GLN C 33 4.72 3.79 10.78
CA GLN C 33 4.82 3.77 9.34
CA GLN C 33 4.69 3.83 9.33
C GLN C 33 4.06 2.56 8.80
C GLN C 33 4.05 2.56 8.77
N GLU C 34 4.37 1.37 9.34
CA GLU C 34 3.74 0.09 8.95
C GLU C 34 2.25 0.11 9.26
N ARG C 35 1.89 0.61 10.46
CA ARG C 35 0.49 0.70 10.89
C ARG C 35 -0.31 1.59 9.98
N ASN C 36 0.28 2.73 9.57
CA ASN C 36 -0.39 3.67 8.67
C ASN C 36 -0.61 3.04 7.29
N ILE C 37 0.37 2.26 6.79
CA ILE C 37 0.27 1.59 5.51
C ILE C 37 -0.84 0.55 5.56
N LEU C 38 -0.85 -0.32 6.58
CA LEU C 38 -1.87 -1.33 6.78
C LEU C 38 -3.27 -0.71 6.86
N SER C 39 -3.41 0.39 7.59
CA SER C 39 -4.67 1.07 7.80
C SER C 39 -5.21 1.61 6.49
N ASN C 40 -4.38 2.33 5.70
CA ASN C 40 -4.81 2.84 4.40
C ASN C 40 -5.20 1.70 3.45
N VAL C 41 -4.34 0.67 3.32
CA VAL C 41 -4.55 -0.51 2.49
C VAL C 41 -5.91 -1.19 2.90
N GLY C 42 -6.12 -1.39 4.21
CA GLY C 42 -7.38 -1.96 4.72
C GLY C 42 -8.58 -1.12 4.32
N ASN C 43 -8.48 0.24 4.43
CA ASN C 43 -9.58 1.13 4.04
C ASN C 43 -9.84 1.06 2.53
N LEU C 44 -8.76 0.98 1.74
CA LEU C 44 -8.83 0.91 0.29
C LEU C 44 -9.55 -0.37 -0.16
N LEU C 45 -9.19 -1.53 0.45
CA LEU C 45 -9.77 -2.83 0.18
C LEU C 45 -11.26 -2.87 0.53
N VAL C 46 -11.67 -2.19 1.63
CA VAL C 46 -13.09 -2.07 2.02
C VAL C 46 -13.86 -1.38 0.89
N LYS C 47 -13.37 -0.22 0.44
CA LYS C 47 -13.99 0.56 -0.64
C LYS C 47 -13.98 -0.22 -1.97
N ALA C 48 -12.86 -0.88 -2.33
CA ALA C 48 -12.71 -1.67 -3.56
C ALA C 48 -13.57 -2.93 -3.64
N PHE C 49 -13.67 -3.72 -2.54
CA PHE C 49 -14.31 -5.02 -2.57
C PHE C 49 -15.51 -5.18 -1.65
N GLY C 50 -15.80 -4.19 -0.84
CA GLY C 50 -16.92 -4.25 0.08
C GLY C 50 -16.60 -5.02 1.34
N ASN C 51 -16.27 -6.32 1.21
CA ASN C 51 -15.92 -7.17 2.36
C ASN C 51 -14.88 -8.21 1.97
N TYR C 52 -14.16 -8.75 2.98
CA TYR C 52 -13.04 -9.71 2.82
C TYR C 52 -13.48 -11.08 2.32
N GLU C 53 -14.79 -11.33 2.21
CA GLU C 53 -15.32 -12.61 1.71
C GLU C 53 -15.72 -12.52 0.23
N ASN C 54 -15.48 -11.35 -0.39
CA ASN C 54 -15.73 -11.11 -1.80
C ASN C 54 -14.87 -12.10 -2.63
N PRO C 55 -15.52 -12.92 -3.49
CA PRO C 55 -14.76 -13.92 -4.29
C PRO C 55 -13.63 -13.35 -5.15
N ASP C 56 -13.79 -12.10 -5.65
CA ASP C 56 -12.77 -11.44 -6.46
C ASP C 56 -11.54 -11.11 -5.62
N TYR C 57 -11.75 -10.75 -4.34
CA TYR C 57 -10.70 -10.44 -3.40
C TYR C 57 -9.96 -11.72 -2.99
N ILE C 58 -10.71 -12.77 -2.62
CA ILE C 58 -10.15 -14.07 -2.22
C ILE C 58 -9.28 -14.70 -3.31
N ALA C 59 -9.73 -14.58 -4.57
CA ALA C 59 -8.99 -15.10 -5.72
C ALA C 59 -7.66 -14.32 -5.96
N SER C 60 -7.61 -13.04 -5.59
CA SER C 60 -6.40 -12.22 -5.77
C SER C 60 -5.69 -11.90 -4.42
N LEU C 61 -5.98 -12.70 -3.35
CA LEU C 61 -5.47 -12.49 -1.99
C LEU C 61 -3.95 -12.34 -1.94
N HIS C 62 -3.23 -13.33 -2.50
CA HIS C 62 -1.77 -13.38 -2.51
C HIS C 62 -1.17 -12.20 -3.27
N LEU C 63 -1.85 -11.73 -4.33
CA LEU C 63 -1.40 -10.57 -5.10
C LEU C 63 -1.37 -9.35 -4.21
N HIS C 64 -2.49 -9.10 -3.49
CA HIS C 64 -2.61 -7.96 -2.60
C HIS C 64 -1.73 -8.08 -1.40
N ALA C 65 -1.53 -9.29 -0.87
CA ALA C 65 -0.64 -9.45 0.30
C ALA C 65 0.83 -9.12 -0.01
N PHE C 66 1.39 -9.74 -1.07
CA PHE C 66 2.80 -9.55 -1.45
C PHE C 66 3.09 -8.19 -2.02
N GLN C 67 2.12 -7.57 -2.68
CA GLN C 67 2.37 -6.25 -3.21
C GLN C 67 2.05 -5.12 -2.22
N LEU C 68 0.99 -5.27 -1.39
CA LEU C 68 0.53 -4.16 -0.55
C LEU C 68 0.95 -4.18 0.91
N LEU C 69 1.28 -5.33 1.49
CA LEU C 69 1.69 -5.31 2.89
C LEU C 69 3.07 -4.68 3.09
N PRO C 70 3.33 -4.03 4.27
CA PRO C 70 4.71 -3.56 4.56
C PRO C 70 5.70 -4.70 4.36
N GLU C 71 6.73 -4.45 3.54
CA GLU C 71 7.66 -5.50 3.14
C GLU C 71 8.26 -6.34 4.29
N ARG C 72 8.55 -5.74 5.46
CA ARG C 72 9.13 -6.47 6.59
C ARG C 72 8.17 -7.55 7.07
N ILE C 73 6.87 -7.23 7.12
CA ILE C 73 5.81 -8.16 7.56
C ILE C 73 5.69 -9.35 6.61
N THR C 74 5.69 -9.05 5.29
CA THR C 74 5.69 -10.04 4.22
C THR C 74 6.89 -11.01 4.33
N ARG C 75 8.11 -10.47 4.56
CA ARG C 75 9.34 -11.27 4.68
C ARG C 75 9.28 -12.19 5.87
N ILE C 76 8.81 -11.68 7.04
CA ILE C 76 8.66 -12.43 8.30
C ILE C 76 7.70 -13.61 8.10
N LEU C 77 6.50 -13.34 7.56
CA LEU C 77 5.47 -14.35 7.31
C LEU C 77 5.86 -15.41 6.25
N SER C 78 6.57 -15.02 5.19
CA SER C 78 7.09 -15.91 4.12
C SER C 78 8.14 -16.89 4.68
N GLN C 79 9.07 -16.38 5.49
CA GLN C 79 10.12 -17.13 6.16
C GLN C 79 9.44 -18.14 7.12
N PHE C 80 8.46 -17.65 7.90
CA PHE C 80 7.69 -18.42 8.89
C PHE C 80 6.89 -19.59 8.30
N GLY C 81 6.22 -19.34 7.17
CA GLY C 81 5.40 -20.35 6.51
C GLY C 81 6.09 -21.66 6.17
N SER C 82 7.38 -21.60 5.87
CA SER C 82 8.17 -22.75 5.45
C SER C 82 9.26 -23.14 6.48
N ASP C 83 9.16 -22.60 7.71
CA ASP C 83 10.12 -22.85 8.79
C ASP C 83 9.58 -23.84 9.82
N PHE C 84 10.11 -25.07 9.78
CA PHE C 84 9.71 -26.11 10.72
C PHE C 84 10.94 -26.59 11.47
N SER C 85 11.98 -25.74 11.51
CA SER C 85 13.27 -26.07 12.13
C SER C 85 13.18 -26.17 13.65
N ALA C 86 14.27 -26.65 14.28
CA ALA C 86 14.41 -26.81 15.72
C ALA C 86 14.29 -25.50 16.46
N GLU C 87 14.70 -24.38 15.83
CA GLU C 87 14.70 -23.05 16.44
C GLU C 87 13.35 -22.34 16.35
N GLN C 88 12.43 -22.82 15.50
CA GLN C 88 11.14 -22.19 15.27
C GLN C 88 10.10 -22.48 16.36
N TYR C 89 9.67 -21.47 17.10
CA TYR C 89 8.66 -21.61 18.14
C TYR C 89 7.28 -21.95 17.56
N GLY C 90 6.93 -21.34 16.42
CA GLY C 90 5.65 -21.56 15.77
C GLY C 90 4.60 -20.52 16.08
N ALA C 91 5.02 -19.39 16.67
CA ALA C 91 4.15 -18.26 16.96
C ALA C 91 4.94 -16.99 16.84
N ILE C 92 4.30 -15.92 16.37
CA ILE C 92 4.86 -14.57 16.26
C ILE C 92 3.85 -13.63 16.93
N VAL C 93 4.34 -12.71 17.75
CA VAL C 93 3.53 -11.63 18.31
C VAL C 93 3.86 -10.39 17.48
N PHE C 94 2.87 -9.85 16.78
CA PHE C 94 3.01 -8.58 16.07
C PHE C 94 2.42 -7.53 17.02
N GLN C 95 3.30 -6.87 17.80
CA GLN C 95 2.90 -5.84 18.77
C GLN C 95 2.48 -4.57 18.04
N GLY C 96 1.28 -4.09 18.36
CA GLY C 96 0.73 -2.88 17.76
C GLY C 96 0.62 -2.93 16.25
N LEU C 97 0.04 -4.02 15.72
CA LEU C 97 -0.18 -4.17 14.30
C LEU C 97 -1.20 -3.14 13.82
N ILE C 98 -2.24 -2.86 14.63
CA ILE C 98 -3.29 -1.90 14.31
C ILE C 98 -3.56 -0.93 15.47
N GLU C 99 -4.09 0.25 15.12
CA GLU C 99 -4.61 1.23 16.05
C GLU C 99 -6.10 0.90 16.19
N VAL C 100 -6.57 0.57 17.40
CA VAL C 100 -7.99 0.28 17.57
C VAL C 100 -8.69 1.54 18.04
N ASP C 101 -9.65 2.02 17.25
CA ASP C 101 -10.52 3.13 17.59
C ASP C 101 -11.66 2.51 18.42
N GLN C 102 -11.53 2.57 19.75
CA GLN C 102 -12.46 1.98 20.70
C GLN C 102 -13.91 2.50 20.58
N ASP C 103 -14.07 3.80 20.25
CA ASP C 103 -15.39 4.43 20.10
C ASP C 103 -16.13 3.95 18.88
N ASP C 104 -15.42 3.83 17.74
CA ASP C 104 -15.97 3.33 16.48
C ASP C 104 -16.37 1.87 16.63
N LEU C 105 -15.55 1.08 17.38
CA LEU C 105 -15.80 -0.32 17.67
C LEU C 105 -17.09 -0.48 18.52
N GLY C 106 -17.34 0.52 19.40
CA GLY C 106 -18.50 0.54 20.27
C GLY C 106 -18.45 -0.54 21.34
N PRO C 107 -19.49 -0.70 22.20
CA PRO C 107 -19.40 -1.75 23.24
C PRO C 107 -19.36 -3.16 22.66
N THR C 108 -18.77 -4.09 23.43
CA THR C 108 -18.67 -5.50 23.04
C THR C 108 -20.07 -6.13 23.13
N PRO C 109 -20.56 -6.79 22.04
CA PRO C 109 -21.90 -7.41 22.09
C PRO C 109 -22.05 -8.48 23.18
N PRO C 110 -23.29 -8.88 23.58
CA PRO C 110 -23.43 -9.91 24.63
C PRO C 110 -22.73 -11.24 24.33
N ASN C 111 -22.66 -11.62 23.03
CA ASN C 111 -22.03 -12.85 22.54
C ASN C 111 -21.50 -12.63 21.09
N TRP C 112 -20.78 -13.64 20.52
CA TRP C 112 -20.22 -13.55 19.17
C TRP C 112 -21.28 -13.36 18.07
N GLN C 113 -22.52 -13.80 18.37
CA GLN C 113 -23.72 -13.77 17.53
C GLN C 113 -24.36 -12.37 17.51
N GLY C 114 -23.60 -11.35 17.92
CA GLY C 114 -24.04 -9.97 17.98
C GLY C 114 -22.97 -9.04 17.44
N ALA C 115 -21.90 -9.61 16.87
CA ALA C 115 -20.78 -8.86 16.33
C ALA C 115 -21.18 -7.99 15.15
N ASP C 116 -20.70 -6.73 15.15
CA ASP C 116 -20.97 -5.76 14.09
C ASP C 116 -19.83 -5.85 13.08
N TYR C 117 -20.04 -6.69 12.05
CA TYR C 117 -19.06 -6.92 11.01
C TYR C 117 -18.74 -5.68 10.21
N GLY C 118 -19.65 -4.72 10.20
CA GLY C 118 -19.42 -3.44 9.54
C GLY C 118 -18.20 -2.78 10.14
N LYS C 119 -18.09 -2.88 11.50
CA LYS C 119 -16.98 -2.35 12.29
C LYS C 119 -15.74 -3.25 12.29
N LEU C 120 -15.85 -4.51 11.78
CA LEU C 120 -14.74 -5.46 11.80
C LEU C 120 -14.14 -5.69 10.45
N ASN C 121 -14.86 -5.25 9.42
CA ASN C 121 -14.57 -5.43 8.01
C ASN C 121 -13.14 -5.15 7.62
N LYS C 122 -12.63 -3.99 8.02
CA LYS C 122 -11.26 -3.56 7.77
C LYS C 122 -10.26 -4.53 8.43
N TYR C 123 -10.55 -4.96 9.65
CA TYR C 123 -9.69 -5.90 10.37
C TYR C 123 -9.61 -7.25 9.67
N GLY C 124 -10.74 -7.70 9.08
CA GLY C 124 -10.83 -8.93 8.30
C GLY C 124 -9.91 -8.87 7.10
N PHE C 125 -9.85 -7.69 6.44
CA PHE C 125 -8.97 -7.45 5.30
C PHE C 125 -7.50 -7.56 5.75
N ILE C 126 -7.14 -6.87 6.82
CA ILE C 126 -5.78 -6.88 7.37
C ILE C 126 -5.34 -8.29 7.75
N CYS C 127 -6.18 -9.02 8.48
CA CYS C 127 -5.88 -10.40 8.87
C CYS C 127 -5.70 -11.33 7.69
N SER C 128 -6.61 -11.26 6.67
CA SER C 128 -6.53 -12.09 5.48
C SER C 128 -5.23 -11.82 4.70
N LEU C 129 -4.79 -10.54 4.65
CA LEU C 129 -3.53 -10.16 4.00
C LEU C 129 -2.33 -10.88 4.69
N LEU C 130 -2.34 -10.97 6.03
CA LEU C 130 -1.27 -11.64 6.78
C LEU C 130 -1.22 -13.13 6.43
N HIS C 131 -2.39 -13.81 6.40
CA HIS C 131 -2.49 -15.20 6.00
C HIS C 131 -2.02 -15.36 4.55
N GLY C 132 -2.43 -14.43 3.68
CA GLY C 132 -2.07 -14.39 2.27
C GLY C 132 -0.58 -14.35 2.00
N ALA C 133 0.20 -13.77 2.94
CA ALA C 133 1.66 -13.63 2.84
C ALA C 133 2.45 -14.86 3.34
N VAL C 134 1.78 -15.84 3.95
CA VAL C 134 2.43 -17.07 4.44
C VAL C 134 3.09 -17.91 3.30
N PRO C 135 2.48 -18.17 2.11
CA PRO C 135 1.09 -17.88 1.69
C PRO C 135 0.14 -18.96 2.23
N SER C 136 -1.07 -18.55 2.57
CA SER C 136 -2.08 -19.45 3.13
C SER C 136 -3.44 -18.84 2.81
N LYS C 137 -4.46 -19.66 2.70
CA LYS C 137 -5.79 -19.23 2.30
C LYS C 137 -6.79 -19.34 3.41
N PRO C 138 -7.44 -18.20 3.82
CA PRO C 138 -8.46 -18.26 4.86
C PRO C 138 -9.57 -19.24 4.49
N VAL C 139 -10.01 -20.02 5.47
CA VAL C 139 -11.03 -21.04 5.28
C VAL C 139 -12.03 -20.93 6.42
N GLN C 140 -13.18 -21.61 6.30
CA GLN C 140 -14.14 -21.71 7.42
C GLN C 140 -14.52 -23.18 7.59
N TYR C 141 -14.93 -23.55 8.81
CA TYR C 141 -15.26 -24.91 9.20
C TYR C 141 -16.68 -25.02 9.63
N TYR C 142 -17.41 -26.03 9.13
CA TYR C 142 -18.77 -26.26 9.57
C TYR C 142 -18.76 -26.63 11.08
N ALA C 143 -17.68 -27.31 11.54
CA ALA C 143 -17.44 -27.72 12.93
C ALA C 143 -17.36 -26.52 13.89
N GLN C 144 -17.09 -25.32 13.34
CA GLN C 144 -17.03 -24.09 14.15
C GLN C 144 -18.11 -23.10 13.69
N ARG C 145 -19.20 -23.02 14.48
CA ARG C 145 -20.32 -22.08 14.29
C ARG C 145 -21.01 -22.25 12.91
N LYS C 146 -21.01 -23.50 12.37
CA LYS C 146 -21.60 -23.86 11.07
C LYS C 146 -20.99 -22.97 9.95
N GLY C 147 -19.66 -22.81 10.04
CA GLY C 147 -18.88 -21.92 9.20
C GLY C 147 -18.64 -20.63 9.98
N GLY C 148 -19.64 -19.76 10.03
CA GLY C 148 -19.59 -18.49 10.77
C GLY C 148 -18.75 -17.41 10.12
N GLY C 149 -18.30 -17.66 8.88
CA GLY C 149 -17.45 -16.78 8.09
C GLY C 149 -15.95 -16.96 8.32
N LEU C 150 -15.13 -16.24 7.55
CA LEU C 150 -13.67 -16.30 7.62
C LEU C 150 -13.08 -15.62 8.86
N LEU C 151 -13.84 -14.75 9.49
CA LEU C 151 -13.41 -14.01 10.65
C LEU C 151 -14.41 -14.19 11.80
N HIS C 152 -13.91 -14.71 12.94
CA HIS C 152 -14.75 -14.95 14.10
C HIS C 152 -14.44 -13.98 15.21
N ALA C 153 -15.48 -13.38 15.78
CA ALA C 153 -15.34 -12.53 16.95
C ALA C 153 -15.38 -13.50 18.14
N VAL C 154 -14.36 -13.47 18.98
CA VAL C 154 -14.22 -14.31 20.17
C VAL C 154 -14.55 -13.39 21.36
N ILE C 155 -15.78 -13.56 21.87
CA ILE C 155 -16.38 -12.73 22.90
C ILE C 155 -16.86 -13.55 24.10
N PRO C 156 -16.57 -13.09 25.33
CA PRO C 156 -17.05 -13.81 26.51
C PRO C 156 -18.56 -13.65 26.71
N ASP C 157 -19.25 -14.79 26.66
CA ASP C 157 -20.70 -14.91 26.83
C ASP C 157 -20.92 -15.35 28.26
N GLU C 158 -21.84 -14.68 28.99
CA GLU C 158 -22.15 -15.03 30.39
C GLU C 158 -22.88 -16.37 30.52
N LYS C 159 -23.67 -16.79 29.50
CA LYS C 159 -24.36 -18.10 29.48
C LYS C 159 -23.35 -19.26 29.35
N MET C 160 -22.17 -18.96 28.77
CA MET C 160 -21.08 -19.90 28.54
C MET C 160 -19.82 -19.56 29.38
N ALA C 161 -19.99 -18.79 30.49
CA ALA C 161 -18.93 -18.35 31.40
C ALA C 161 -18.02 -19.48 31.92
N ALA C 162 -18.62 -20.62 32.31
CA ALA C 162 -17.90 -21.78 32.85
C ALA C 162 -17.56 -22.87 31.81
N THR C 163 -17.75 -22.58 30.51
CA THR C 163 -17.48 -23.57 29.46
C THR C 163 -16.06 -23.45 28.89
N GLN C 164 -15.56 -24.57 28.34
CA GLN C 164 -14.25 -24.71 27.70
C GLN C 164 -14.36 -24.37 26.20
N THR C 165 -14.74 -23.10 25.93
CA THR C 165 -14.90 -22.51 24.60
C THR C 165 -14.39 -21.07 24.58
N GLY C 166 -14.35 -20.46 23.38
CA GLY C 166 -13.95 -19.08 23.15
C GLY C 166 -14.94 -18.11 23.77
N SER C 167 -16.18 -18.58 23.99
CA SER C 167 -17.27 -17.87 24.65
C SER C 167 -17.11 -17.97 26.18
N GLY C 168 -16.19 -18.85 26.62
CA GLY C 168 -15.85 -19.07 28.01
C GLY C 168 -15.16 -17.87 28.64
N SER C 169 -15.07 -17.85 29.99
CA SER C 169 -14.45 -16.75 30.70
C SER C 169 -13.84 -17.16 32.05
N LYS C 170 -14.71 -17.46 33.05
CA LYS C 170 -14.40 -17.80 34.44
C LYS C 170 -13.46 -19.00 34.62
N THR C 171 -13.34 -19.85 33.59
CA THR C 171 -12.47 -21.02 33.64
C THR C 171 -11.29 -20.91 32.67
N ASP C 172 -10.17 -21.54 33.04
CA ASP C 172 -8.96 -21.62 32.25
C ASP C 172 -9.24 -22.36 30.94
N LEU C 173 -8.77 -21.82 29.82
CA LEU C 173 -8.88 -22.48 28.54
C LEU C 173 -7.49 -23.13 28.32
N PHE C 174 -7.38 -24.45 28.63
CA PHE C 174 -6.17 -25.26 28.53
C PHE C 174 -5.58 -25.23 27.13
N VAL C 175 -4.23 -25.32 27.03
CA VAL C 175 -3.51 -25.31 25.75
C VAL C 175 -3.99 -26.43 24.84
N HIS C 176 -4.28 -26.03 23.58
CA HIS C 176 -4.75 -26.90 22.53
C HIS C 176 -4.37 -26.30 21.18
N THR C 177 -4.19 -27.17 20.18
CA THR C 177 -4.04 -26.79 18.80
C THR C 177 -5.51 -26.74 18.34
N GLU C 178 -5.85 -25.84 17.45
CA GLU C 178 -7.22 -25.68 16.97
C GLU C 178 -7.67 -26.90 16.18
N ASP C 179 -8.87 -27.40 16.50
CA ASP C 179 -9.54 -28.54 15.89
C ASP C 179 -8.68 -29.81 15.79
N ALA C 180 -8.18 -30.30 16.95
CA ALA C 180 -7.38 -31.52 17.05
C ALA C 180 -8.15 -32.78 16.59
N PHE C 181 -9.50 -32.68 16.58
CA PHE C 181 -10.42 -33.74 16.15
C PHE C 181 -10.61 -33.81 14.61
N LEU C 182 -10.04 -32.83 13.86
CA LEU C 182 -10.12 -32.82 12.39
C LEU C 182 -8.79 -33.19 11.75
N SER C 183 -8.82 -33.98 10.68
CA SER C 183 -7.61 -34.35 9.93
C SER C 183 -7.14 -33.15 9.11
N ASN C 184 -8.07 -32.21 8.80
CA ASN C 184 -7.80 -30.99 8.02
C ASN C 184 -7.92 -29.74 8.84
N GLN C 185 -7.36 -29.75 10.07
CA GLN C 185 -7.37 -28.63 10.99
C GLN C 185 -6.58 -27.47 10.35
N ALA C 186 -6.79 -26.24 10.80
CA ALA C 186 -6.10 -25.06 10.29
C ALA C 186 -4.58 -25.23 10.28
N ASP C 187 -3.91 -24.67 9.26
CA ASP C 187 -2.46 -24.69 9.17
C ASP C 187 -1.95 -23.50 9.98
N PHE C 188 -2.62 -22.32 9.79
CA PHE C 188 -2.26 -21.08 10.45
C PHE C 188 -3.46 -20.42 11.06
N LEU C 189 -3.21 -19.74 12.21
CA LEU C 189 -4.21 -19.00 12.96
C LEU C 189 -3.70 -17.62 13.22
N SER C 190 -4.63 -16.66 13.26
CA SER C 190 -4.31 -15.31 13.70
C SER C 190 -5.34 -14.92 14.77
N PHE C 191 -4.85 -14.30 15.85
CA PHE C 191 -5.67 -13.81 16.94
C PHE C 191 -5.39 -12.33 17.06
N LEU C 192 -6.35 -11.50 16.65
CA LEU C 192 -6.22 -10.05 16.71
C LEU C 192 -6.97 -9.54 17.92
N TYR C 193 -6.25 -8.94 18.88
CA TYR C 193 -6.87 -8.40 20.10
C TYR C 193 -7.35 -6.99 19.91
N LEU C 194 -8.66 -6.81 20.01
CA LEU C 194 -9.28 -5.49 19.87
C LEU C 194 -9.33 -4.82 21.23
N ARG C 195 -9.62 -5.63 22.28
CA ARG C 195 -9.72 -5.25 23.68
C ARG C 195 -9.25 -6.40 24.55
N ASN C 196 -8.44 -6.08 25.55
CA ASN C 196 -8.01 -7.02 26.56
C ASN C 196 -7.80 -6.20 27.83
N GLU C 197 -8.86 -5.49 28.24
CA GLU C 197 -8.85 -4.62 29.42
C GLU C 197 -8.82 -5.40 30.72
N GLU C 198 -9.23 -6.68 30.68
CA GLU C 198 -9.18 -7.58 31.85
C GLU C 198 -7.72 -8.05 32.09
N ARG C 199 -6.79 -7.75 31.13
CA ARG C 199 -5.35 -8.07 31.12
C ARG C 199 -5.12 -9.59 31.20
N VAL C 200 -5.90 -10.33 30.40
CA VAL C 200 -5.83 -11.78 30.28
C VAL C 200 -4.55 -12.17 29.54
N PRO C 201 -3.71 -13.03 30.16
CA PRO C 201 -2.50 -13.48 29.46
C PRO C 201 -2.82 -14.47 28.34
N SER C 202 -2.04 -14.37 27.27
CA SER C 202 -2.12 -15.31 26.16
C SER C 202 -1.19 -16.47 26.53
N THR C 203 -1.69 -17.69 26.36
CA THR C 203 -0.85 -18.81 26.74
C THR C 203 -0.51 -19.59 25.46
N LEU C 204 0.78 -19.89 25.29
CA LEU C 204 1.27 -20.62 24.13
C LEU C 204 2.11 -21.78 24.56
N TYR C 205 2.06 -22.87 23.79
CA TYR C 205 2.88 -24.04 24.06
C TYR C 205 3.40 -24.61 22.74
N SER C 206 4.72 -24.66 22.59
CA SER C 206 5.35 -25.16 21.38
C SER C 206 5.94 -26.56 21.59
N ILE C 207 5.73 -27.45 20.63
CA ILE C 207 6.33 -28.79 20.62
C ILE C 207 7.87 -28.66 20.53
N ARG C 208 8.36 -27.55 19.95
CA ARG C 208 9.78 -27.26 19.80
C ARG C 208 10.45 -26.91 21.14
N SER C 209 9.66 -26.52 22.17
CA SER C 209 10.17 -26.21 23.51
C SER C 209 10.72 -27.46 24.21
N HIS C 210 10.38 -28.67 23.71
CA HIS C 210 10.85 -29.96 24.24
C HIS C 210 12.28 -30.27 23.84
N GLY C 211 12.72 -29.70 22.73
CA GLY C 211 14.04 -29.98 22.15
C GLY C 211 14.02 -31.31 21.41
N LYS C 212 15.10 -32.11 21.54
CA LYS C 212 15.23 -33.43 20.90
C LYS C 212 14.17 -34.43 21.37
N MET C 213 13.73 -35.33 20.46
CA MET C 213 12.75 -36.37 20.71
C MET C 213 13.28 -37.39 21.70
N ASN C 214 12.54 -37.53 22.79
CA ASN C 214 12.80 -38.45 23.90
C ASN C 214 11.76 -39.59 23.90
N PRO C 215 11.91 -40.65 24.75
CA PRO C 215 10.93 -41.75 24.74
C PRO C 215 9.48 -41.40 25.07
N VAL C 216 9.26 -40.37 25.90
CA VAL C 216 7.91 -39.91 26.26
C VAL C 216 7.21 -39.41 24.97
N MET C 217 7.91 -38.54 24.20
CA MET C 217 7.40 -37.99 22.93
C MET C 217 7.23 -39.04 21.84
N LYS C 218 8.17 -40.01 21.72
CA LYS C 218 8.12 -41.04 20.67
C LYS C 218 6.81 -41.86 20.65
N LYS C 219 6.25 -42.16 21.84
CA LYS C 219 5.00 -42.90 21.99
C LYS C 219 3.81 -42.15 21.38
N LEU C 220 3.93 -40.81 21.23
CA LEU C 220 2.87 -39.98 20.66
C LEU C 220 2.70 -40.11 19.14
N PHE C 221 3.68 -40.72 18.46
CA PHE C 221 3.61 -40.98 17.02
C PHE C 221 2.66 -42.16 16.72
N GLU C 222 2.31 -42.98 17.75
CA GLU C 222 1.40 -44.13 17.60
C GLU C 222 -0.03 -43.63 17.35
N PRO C 223 -0.74 -44.13 16.31
CA PRO C 223 -2.11 -43.63 16.06
C PRO C 223 -3.16 -44.30 16.96
N ILE C 224 -2.95 -44.20 18.30
CA ILE C 224 -3.77 -44.85 19.32
C ILE C 224 -4.57 -43.88 20.21
N TYR C 225 -4.56 -42.59 19.87
CA TYR C 225 -5.20 -41.58 20.71
C TYR C 225 -6.54 -41.12 20.23
N GLN C 226 -7.47 -40.96 21.18
CA GLN C 226 -8.79 -40.39 20.88
C GLN C 226 -8.62 -38.87 20.76
N CYS C 227 -9.24 -38.29 19.72
CA CYS C 227 -9.25 -36.85 19.50
C CYS C 227 -10.75 -36.50 19.51
N PRO C 228 -11.40 -36.40 20.71
CA PRO C 228 -12.86 -36.15 20.73
C PRO C 228 -13.30 -34.84 20.08
N LYS C 229 -14.37 -34.91 19.27
CA LYS C 229 -14.93 -33.73 18.57
C LYS C 229 -15.61 -32.72 19.52
N ASP C 230 -16.30 -33.25 20.55
CA ASP C 230 -17.07 -32.53 21.57
C ASP C 230 -16.70 -33.03 22.98
N ALA C 231 -17.23 -32.37 24.05
CA ALA C 231 -17.02 -32.77 25.44
C ALA C 231 -17.78 -34.09 25.75
N ASN C 232 -19.12 -34.02 25.90
CA ASN C 232 -20.00 -35.16 26.17
C ASN C 232 -21.34 -34.98 25.47
N VAL C 238 -24.38 -45.68 19.21
CA VAL C 238 -24.09 -46.45 18.00
C VAL C 238 -22.58 -46.44 17.63
N ALA C 239 -21.85 -45.39 18.07
CA ALA C 239 -20.42 -45.24 17.81
C ALA C 239 -19.57 -45.46 19.07
N ASN C 240 -18.92 -46.63 19.15
CA ASN C 240 -18.03 -47.00 20.27
C ASN C 240 -16.58 -46.71 19.88
N SER C 241 -15.94 -45.76 20.62
CA SER C 241 -14.56 -45.25 20.45
C SER C 241 -14.39 -44.45 19.14
N GLY C 242 -14.68 -45.07 18.01
CA GLY C 242 -14.55 -44.44 16.70
C GLY C 242 -13.10 -44.38 16.26
N PRO C 243 -12.64 -43.30 15.57
CA PRO C 243 -11.26 -43.33 15.08
C PRO C 243 -10.22 -42.67 15.97
N THR C 244 -9.02 -43.25 15.95
CA THR C 244 -7.90 -42.72 16.72
C THR C 244 -6.89 -42.07 15.79
N ALA C 245 -6.04 -41.21 16.34
CA ALA C 245 -4.99 -40.56 15.58
C ALA C 245 -3.71 -40.43 16.42
N SER C 246 -2.61 -40.05 15.76
N SER C 246 -2.67 -39.96 15.76
CA SER C 246 -1.32 -39.81 16.39
CA SER C 246 -1.33 -39.68 16.24
C SER C 246 -1.33 -38.38 16.94
C SER C 246 -1.34 -38.30 16.92
N VAL C 247 -0.65 -38.14 18.08
CA VAL C 247 -0.55 -36.79 18.68
C VAL C 247 0.60 -36.08 17.95
N LEU C 248 1.68 -36.82 17.66
CA LEU C 248 2.82 -36.28 16.92
C LEU C 248 2.83 -36.90 15.52
N TYR C 249 3.21 -36.12 14.51
CA TYR C 249 3.25 -36.57 13.12
C TYR C 249 4.23 -35.71 12.34
N GLY C 250 4.33 -35.91 11.03
CA GLY C 250 5.26 -35.16 10.20
C GLY C 250 6.65 -35.75 10.33
N ASN C 251 7.66 -34.89 10.43
CA ASN C 251 9.03 -35.33 10.56
C ASN C 251 9.28 -36.00 11.92
N ARG C 252 9.97 -37.13 11.92
CA ARG C 252 10.26 -37.92 13.12
C ARG C 252 11.14 -37.21 14.14
N GLU C 253 12.09 -36.38 13.67
CA GLU C 253 13.00 -35.64 14.55
C GLU C 253 12.40 -34.32 15.00
N LEU C 254 11.71 -33.59 14.08
CA LEU C 254 11.12 -32.28 14.31
C LEU C 254 9.64 -32.36 13.93
N PRO C 255 8.82 -32.94 14.85
CA PRO C 255 7.42 -33.21 14.50
C PRO C 255 6.43 -32.05 14.56
N PHE C 256 5.23 -32.35 14.07
CA PHE C 256 4.05 -31.52 14.17
C PHE C 256 3.18 -32.14 15.27
N ILE C 257 2.22 -31.36 15.80
CA ILE C 257 1.39 -31.79 16.91
C ILE C 257 -0.09 -31.44 16.70
N ARG C 258 -0.97 -32.36 17.15
CA ARG C 258 -2.40 -32.18 17.29
C ARG C 258 -2.68 -32.59 18.75
N PHE C 259 -3.05 -31.62 19.57
CA PHE C 259 -3.21 -31.84 21.00
C PHE C 259 -4.23 -30.93 21.63
N ASP C 260 -5.04 -31.49 22.52
CA ASP C 260 -6.05 -30.78 23.28
C ASP C 260 -6.07 -31.38 24.68
N ALA C 261 -5.40 -30.72 25.64
CA ALA C 261 -5.29 -31.21 27.02
C ALA C 261 -6.65 -31.46 27.68
N ALA C 262 -7.56 -30.49 27.57
CA ALA C 262 -8.90 -30.56 28.13
C ALA C 262 -9.74 -31.70 27.53
N GLU C 263 -9.72 -31.87 26.20
CA GLU C 263 -10.52 -32.89 25.54
C GLU C 263 -9.92 -34.29 25.57
N GLN C 264 -8.58 -34.40 25.39
CA GLN C 264 -7.90 -35.70 25.36
C GLN C 264 -7.48 -36.25 26.72
N ILE C 265 -7.20 -35.38 27.72
CA ILE C 265 -6.74 -35.83 29.04
C ILE C 265 -7.76 -35.59 30.16
N PHE C 266 -8.10 -34.31 30.40
CA PHE C 266 -8.99 -33.87 31.48
C PHE C 266 -10.46 -33.92 31.06
N ASN C 267 -10.91 -35.10 30.61
CA ASN C 267 -12.25 -35.38 30.12
C ASN C 267 -12.53 -36.84 30.39
N GLU C 268 -13.46 -37.13 31.31
CA GLU C 268 -13.84 -38.51 31.68
C GLU C 268 -14.37 -39.29 30.49
N ASN C 269 -15.11 -38.60 29.60
CA ASN C 269 -15.72 -39.17 28.41
C ASN C 269 -14.80 -39.19 27.18
N ALA C 270 -13.47 -39.00 27.35
CA ALA C 270 -12.49 -39.04 26.24
C ALA C 270 -12.40 -40.44 25.62
N GLY C 271 -12.59 -41.47 26.44
CA GLY C 271 -12.57 -42.87 26.02
C GLY C 271 -11.20 -43.38 25.60
N GLN C 272 -10.14 -42.88 26.25
CA GLN C 272 -8.78 -43.30 25.96
C GLN C 272 -8.52 -44.68 26.54
N THR C 273 -7.65 -45.47 25.88
CA THR C 273 -7.20 -46.75 26.40
C THR C 273 -6.27 -46.43 27.59
N SER C 274 -6.06 -47.38 28.50
CA SER C 274 -5.16 -47.22 29.65
C SER C 274 -3.74 -46.82 29.18
N GLU C 275 -3.25 -47.45 28.10
CA GLU C 275 -1.94 -47.20 27.49
C GLU C 275 -1.88 -45.78 26.94
N ALA C 276 -2.89 -45.37 26.15
CA ALA C 276 -2.95 -44.04 25.54
C ALA C 276 -3.01 -42.93 26.60
N LEU C 277 -3.86 -43.10 27.63
CA LEU C 277 -3.99 -42.14 28.73
C LEU C 277 -2.68 -41.98 29.49
N GLY C 278 -2.01 -43.09 29.76
CA GLY C 278 -0.71 -43.10 30.42
C GLY C 278 0.31 -42.30 29.65
N ASN C 279 0.39 -42.54 28.33
CA ASN C 279 1.31 -41.85 27.42
C ASN C 279 1.04 -40.35 27.40
N LEU C 280 -0.26 -39.95 27.39
CA LEU C 280 -0.70 -38.56 27.37
C LEU C 280 -0.38 -37.88 28.68
N MET C 281 -0.62 -38.57 29.81
CA MET C 281 -0.32 -38.08 31.16
C MET C 281 1.17 -37.76 31.26
N ASP C 282 2.03 -38.71 30.81
CA ASP C 282 3.49 -38.59 30.83
C ASP C 282 3.96 -37.43 30.01
N PHE C 283 3.33 -37.25 28.82
CA PHE C 283 3.61 -36.15 27.90
C PHE C 283 3.22 -34.82 28.53
N TRP C 284 1.98 -34.74 29.07
CA TRP C 284 1.47 -33.55 29.75
C TRP C 284 2.36 -33.08 30.90
N ASP C 285 2.98 -34.03 31.65
CA ASP C 285 3.88 -33.70 32.77
C ASP C 285 5.09 -32.91 32.31
N GLU C 286 5.61 -33.31 31.14
CA GLU C 286 6.75 -32.71 30.51
C GLU C 286 6.35 -31.39 29.84
N ALA C 287 5.22 -31.41 29.12
CA ALA C 287 4.69 -30.25 28.38
C ALA C 287 4.21 -29.06 29.23
N LYS C 288 3.60 -29.30 30.39
CA LYS C 288 3.04 -28.23 31.23
C LYS C 288 4.08 -27.26 31.78
N THR C 289 5.34 -27.75 31.96
CA THR C 289 6.46 -26.96 32.46
C THR C 289 6.99 -26.00 31.38
N LEU C 290 6.57 -26.23 30.12
CA LEU C 290 7.00 -25.47 28.95
C LEU C 290 5.97 -24.43 28.48
N ILE C 291 4.76 -24.43 29.07
CA ILE C 291 3.71 -23.46 28.71
C ILE C 291 4.17 -22.04 29.02
N ASN C 292 4.00 -21.13 28.07
CA ASN C 292 4.40 -19.75 28.21
C ASN C 292 3.16 -18.84 28.29
N SER C 293 2.98 -18.21 29.46
CA SER C 293 1.88 -17.29 29.75
C SER C 293 2.39 -15.86 30.05
N ASP C 294 3.61 -15.55 29.60
CA ASP C 294 4.26 -14.26 29.84
C ASP C 294 3.61 -13.10 29.11
N TYR C 295 3.15 -13.35 27.88
CA TYR C 295 2.60 -12.27 27.09
C TYR C 295 1.14 -11.92 27.39
N ILE C 296 0.90 -10.64 27.74
CA ILE C 296 -0.43 -10.06 27.96
C ILE C 296 -0.72 -9.13 26.78
N PRO C 297 -1.58 -9.56 25.84
CA PRO C 297 -1.83 -8.72 24.65
C PRO C 297 -2.50 -7.39 24.95
N ASN C 298 -2.09 -6.37 24.20
CA ASN C 298 -2.69 -5.06 24.24
C ASN C 298 -3.55 -4.89 23.03
N SER C 299 -4.44 -3.91 23.07
CA SER C 299 -5.33 -3.55 21.98
C SER C 299 -4.46 -3.30 20.72
N GLY C 300 -4.73 -4.03 19.66
CA GLY C 300 -3.99 -3.89 18.42
C GLY C 300 -2.88 -4.89 18.17
N ASP C 301 -2.62 -5.76 19.15
CA ASP C 301 -1.64 -6.84 18.97
C ASP C 301 -2.28 -8.00 18.23
N LEU C 302 -1.48 -8.69 17.43
CA LEU C 302 -1.91 -9.87 16.71
C LEU C 302 -0.93 -11.01 16.96
N ILE C 303 -1.44 -12.17 17.39
CA ILE C 303 -0.63 -13.36 17.56
C ILE C 303 -0.88 -14.27 16.33
N PHE C 304 0.18 -14.60 15.59
CA PHE C 304 0.15 -15.43 14.38
C PHE C 304 0.79 -16.77 14.73
N VAL C 305 0.04 -17.86 14.50
CA VAL C 305 0.41 -19.20 14.96
C VAL C 305 0.42 -20.24 13.85
N ASN C 306 1.47 -21.08 13.85
CA ASN C 306 1.56 -22.27 13.02
C ASN C 306 0.87 -23.32 13.91
N ASN C 307 -0.37 -23.65 13.55
CA ASN C 307 -1.22 -24.58 14.28
C ASN C 307 -0.70 -26.03 14.32
N HIS C 308 0.40 -26.33 13.60
CA HIS C 308 1.04 -27.65 13.60
C HIS C 308 2.23 -27.65 14.56
N LEU C 309 2.63 -26.49 15.07
CA LEU C 309 3.78 -26.38 15.97
C LEU C 309 3.44 -25.88 17.37
N CYS C 310 2.45 -25.00 17.46
CA CYS C 310 2.17 -24.28 18.67
C CYS C 310 0.71 -24.34 19.04
N ALA C 311 0.46 -24.75 20.30
CA ALA C 311 -0.87 -24.81 20.89
C ALA C 311 -1.12 -23.46 21.61
N HIS C 312 -2.39 -23.11 21.80
CA HIS C 312 -2.76 -21.89 22.47
C HIS C 312 -3.82 -22.15 23.51
N GLY C 313 -4.01 -21.16 24.36
CA GLY C 313 -4.99 -21.15 25.42
C GLY C 313 -5.04 -19.76 26.02
N ARG C 314 -5.78 -19.63 27.11
CA ARG C 314 -5.89 -18.39 27.85
C ARG C 314 -6.31 -18.69 29.26
N SER C 315 -5.90 -17.80 30.18
CA SER C 315 -6.19 -17.91 31.60
C SER C 315 -7.63 -17.52 31.88
N ALA C 316 -8.10 -17.89 33.09
CA ALA C 316 -9.42 -17.54 33.58
C ALA C 316 -9.48 -16.04 33.84
N PHE C 317 -10.67 -15.45 33.69
CA PHE C 317 -10.91 -14.02 33.92
C PHE C 317 -12.40 -13.75 34.10
N ILE C 318 -12.71 -12.62 34.72
CA ILE C 318 -14.11 -12.21 34.86
C ILE C 318 -14.26 -11.13 33.80
N ALA C 319 -15.13 -11.38 32.81
CA ALA C 319 -15.39 -10.46 31.71
C ALA C 319 -15.89 -9.09 32.16
N GLY C 320 -15.33 -8.06 31.56
CA GLY C 320 -15.71 -6.67 31.84
C GLY C 320 -15.17 -6.10 33.14
N GLN C 321 -14.11 -6.73 33.67
CA GLN C 321 -13.46 -6.30 34.90
C GLN C 321 -12.05 -6.83 35.05
N ARG C 322 -11.25 -6.08 35.79
CA ARG C 322 -9.87 -6.38 36.10
C ARG C 322 -9.65 -5.95 37.56
N ILE C 323 -8.90 -6.73 38.35
CA ILE C 323 -8.55 -6.26 39.69
C ILE C 323 -7.11 -5.74 39.60
N GLU C 324 -6.93 -4.42 39.81
CA GLU C 324 -5.65 -3.73 39.71
C GLU C 324 -5.41 -2.88 40.94
N ASN C 325 -4.19 -3.01 41.54
CA ASN C 325 -3.69 -2.31 42.74
C ASN C 325 -4.61 -2.47 43.97
N GLY C 326 -5.20 -3.66 44.09
CA GLY C 326 -6.12 -4.02 45.16
C GLY C 326 -7.51 -3.44 44.99
N GLU C 327 -7.95 -3.22 43.75
CA GLU C 327 -9.27 -2.65 43.48
C GLU C 327 -9.85 -3.16 42.17
N ILE C 328 -11.17 -3.42 42.18
CA ILE C 328 -11.93 -3.84 41.01
C ILE C 328 -12.08 -2.64 40.07
N ILE C 329 -11.87 -2.87 38.78
CA ILE C 329 -11.96 -1.86 37.75
C ILE C 329 -12.85 -2.40 36.64
N LYS C 330 -14.05 -1.80 36.47
CA LYS C 330 -15.00 -2.19 35.45
C LYS C 330 -14.48 -1.72 34.10
N CYS C 331 -14.63 -2.55 33.06
CA CYS C 331 -14.10 -2.22 31.74
C CYS C 331 -14.93 -2.84 30.62
N GLU C 332 -14.60 -2.46 29.36
CA GLU C 332 -15.25 -3.09 28.22
C GLU C 332 -14.79 -4.55 28.12
N ARG C 333 -15.71 -5.45 27.77
CA ARG C 333 -15.44 -6.88 27.70
C ARG C 333 -14.46 -7.25 26.57
N ARG C 334 -13.65 -8.31 26.81
CA ARG C 334 -12.63 -8.84 25.89
C ARG C 334 -13.19 -9.12 24.51
N GLN C 335 -12.43 -8.69 23.51
CA GLN C 335 -12.81 -8.87 22.13
C GLN C 335 -11.60 -9.17 21.30
N MET C 336 -11.60 -10.36 20.72
CA MET C 336 -10.51 -10.84 19.89
C MET C 336 -11.09 -11.41 18.60
N LEU C 337 -10.37 -11.23 17.49
CA LEU C 337 -10.81 -11.75 16.18
C LEU C 337 -9.91 -12.89 15.73
N ARG C 338 -10.53 -14.03 15.40
CA ARG C 338 -9.84 -15.24 14.94
C ARG C 338 -10.09 -15.55 13.46
N MET C 339 -8.99 -15.81 12.75
CA MET C 339 -9.00 -16.19 11.35
C MET C 339 -8.10 -17.42 11.20
N MET C 340 -8.60 -18.41 10.41
CA MET C 340 -7.91 -19.67 10.15
C MET C 340 -7.65 -19.84 8.67
N SER C 341 -6.50 -20.45 8.33
CA SER C 341 -6.15 -20.67 6.94
C SER C 341 -5.49 -22.02 6.67
N LYS C 342 -5.55 -22.44 5.40
CA LYS C 342 -4.96 -23.68 4.87
C LYS C 342 -4.07 -23.30 3.70
N THR C 343 -2.86 -23.89 3.64
CA THR C 343 -1.87 -23.60 2.59
C THR C 343 -2.21 -24.30 1.27
N SER C 344 -3.08 -25.31 1.31
CA SER C 344 -3.48 -26.04 0.12
C SER C 344 -4.97 -26.29 0.03
N LEU C 345 -5.62 -25.76 -1.01
CA LEU C 345 -7.02 -26.08 -1.30
C LEU C 345 -7.15 -27.50 -1.92
N ILE C 346 -6.07 -28.00 -2.56
CA ILE C 346 -6.01 -29.31 -3.19
C ILE C 346 -6.22 -30.44 -2.19
N HIS C 347 -5.37 -30.49 -1.15
CA HIS C 347 -5.32 -31.52 -0.12
C HIS C 347 -6.64 -31.67 0.67
N ILE C 348 -7.36 -30.57 0.88
CA ILE C 348 -8.63 -30.54 1.60
C ILE C 348 -9.86 -30.71 0.67
N ARG C 349 -9.66 -30.83 -0.66
CA ARG C 349 -10.76 -30.87 -1.64
C ARG C 349 -11.83 -31.94 -1.38
N SER C 350 -11.49 -33.13 -0.84
CA SER C 350 -12.52 -34.14 -0.56
C SER C 350 -13.43 -33.79 0.65
N VAL C 351 -13.06 -32.78 1.44
CA VAL C 351 -13.88 -32.39 2.59
C VAL C 351 -14.53 -31.00 2.44
N THR C 352 -14.28 -30.27 1.33
CA THR C 352 -14.86 -28.95 1.14
C THR C 352 -16.13 -28.99 0.30
N ARG C 353 -17.00 -27.98 0.45
CA ARG C 353 -18.23 -27.84 -0.33
C ARG C 353 -17.89 -27.81 -1.85
N THR C 354 -18.70 -28.48 -2.69
CA THR C 354 -18.51 -28.50 -4.14
C THR C 354 -18.37 -27.09 -4.75
N ASP C 355 -19.28 -26.19 -4.37
N ASP C 355 -19.27 -26.17 -4.39
CA ASP C 355 -19.37 -24.80 -4.82
CA ASP C 355 -19.29 -24.80 -4.89
C ASP C 355 -18.47 -23.83 -4.03
C ASP C 355 -18.47 -23.82 -4.04
N ASP C 356 -17.80 -24.32 -2.97
CA ASP C 356 -16.94 -23.50 -2.10
C ASP C 356 -15.72 -24.28 -1.58
N PRO C 357 -14.58 -24.24 -2.32
CA PRO C 357 -13.39 -24.98 -1.88
C PRO C 357 -12.69 -24.42 -0.63
N TYR C 358 -13.27 -23.35 -0.02
CA TYR C 358 -12.74 -22.71 1.20
C TYR C 358 -13.58 -23.09 2.42
N PHE C 359 -14.63 -23.89 2.21
CA PHE C 359 -15.56 -24.26 3.27
C PHE C 359 -15.43 -25.75 3.61
N ILE C 360 -14.77 -26.04 4.74
CA ILE C 360 -14.52 -27.40 5.20
C ILE C 360 -15.73 -27.98 5.96
N MET C 361 -16.22 -29.12 5.45
CA MET C 361 -17.36 -29.89 5.92
C MET C 361 -16.98 -31.10 6.74
N GLU C 362 -15.70 -31.25 7.07
CA GLU C 362 -15.22 -32.35 7.90
C GLU C 362 -15.78 -32.24 9.32
N GLU C 363 -16.31 -33.37 9.83
CA GLU C 363 -16.88 -33.50 11.16
C GLU C 363 -15.86 -34.06 12.18
N HIS C 364 -15.19 -35.19 11.87
CA HIS C 364 -14.27 -35.85 12.80
C HIS C 364 -13.34 -36.82 12.07
N LEU C 365 -12.01 -36.58 12.16
CA LEU C 365 -10.91 -37.38 11.59
C LEU C 365 -11.25 -38.09 10.28
N GLY C 366 -11.67 -37.33 9.27
CA GLY C 366 -12.00 -37.88 7.96
C GLY C 366 -13.48 -37.93 7.66
N LYS C 367 -14.31 -38.20 8.69
CA LYS C 367 -15.77 -38.24 8.54
C LYS C 367 -16.27 -36.82 8.25
N ILE C 368 -17.22 -36.71 7.32
CA ILE C 368 -17.84 -35.48 6.88
C ILE C 368 -19.28 -35.43 7.46
N PHE C 369 -19.79 -34.21 7.80
CA PHE C 369 -21.14 -33.98 8.33
C PHE C 369 -22.21 -34.61 7.42
N ASP C 370 -23.23 -35.24 8.03
CA ASP C 370 -24.29 -35.90 7.26
C ASP C 370 -25.34 -34.93 6.71
N LEU C 371 -25.88 -34.05 7.57
CA LEU C 371 -26.88 -33.01 7.23
C LEU C 371 -28.09 -33.55 6.44
N THR D 18 -26.60 -25.41 -19.68
CA THR D 18 -25.68 -26.41 -19.13
C THR D 18 -24.25 -26.13 -19.61
N LEU D 19 -23.31 -26.22 -18.66
CA LEU D 19 -21.87 -25.92 -18.65
C LEU D 19 -21.04 -26.38 -19.90
N GLU D 20 -19.91 -25.66 -20.14
CA GLU D 20 -18.97 -25.87 -21.25
C GLU D 20 -17.81 -26.80 -20.89
N ILE D 21 -17.83 -28.06 -21.41
CA ILE D 21 -16.81 -29.10 -21.19
C ILE D 21 -15.48 -28.68 -21.86
N PRO D 22 -14.39 -28.53 -21.09
CA PRO D 22 -13.10 -28.14 -21.72
C PRO D 22 -12.47 -29.29 -22.48
N THR D 23 -12.12 -29.04 -23.74
CA THR D 23 -11.53 -30.08 -24.60
C THR D 23 -10.08 -29.80 -24.96
N SER D 24 -9.64 -28.56 -24.71
CA SER D 24 -8.28 -28.11 -25.03
C SER D 24 -7.76 -27.14 -23.95
N PRO D 25 -6.41 -26.98 -23.82
CA PRO D 25 -5.90 -26.03 -22.82
C PRO D 25 -6.14 -24.57 -23.20
N LEU D 26 -6.02 -23.66 -22.22
CA LEU D 26 -6.08 -22.23 -22.45
C LEU D 26 -4.78 -21.83 -23.16
N ILE D 27 -4.88 -21.09 -24.27
CA ILE D 27 -3.71 -20.59 -25.01
C ILE D 27 -3.54 -19.11 -24.71
N ILE D 28 -2.38 -18.74 -24.15
CA ILE D 28 -2.03 -17.36 -23.86
C ILE D 28 -0.91 -16.98 -24.79
N LYS D 29 -1.10 -15.94 -25.59
CA LYS D 29 -0.06 -15.44 -26.48
C LYS D 29 0.70 -14.35 -25.73
N ILE D 30 1.90 -14.69 -25.22
CA ILE D 30 2.77 -13.75 -24.50
C ILE D 30 3.21 -12.65 -25.47
N THR D 31 3.13 -11.38 -25.04
CA THR D 31 3.50 -10.25 -25.89
C THR D 31 5.00 -9.99 -25.76
N GLN D 32 5.52 -9.13 -26.65
CA GLN D 32 6.92 -8.74 -26.60
C GLN D 32 7.25 -8.01 -25.29
N GLN D 33 6.37 -7.09 -24.85
CA GLN D 33 6.58 -6.30 -23.64
C GLN D 33 6.71 -7.22 -22.44
N GLU D 34 5.80 -8.21 -22.32
CA GLU D 34 5.83 -9.24 -21.27
C GLU D 34 7.15 -10.05 -21.31
N ARG D 35 7.58 -10.45 -22.52
CA ARG D 35 8.81 -11.20 -22.77
C ARG D 35 10.03 -10.36 -22.29
N ASN D 36 10.00 -9.04 -22.53
CA ASN D 36 11.05 -8.11 -22.13
C ASN D 36 11.14 -8.01 -20.61
N ILE D 37 9.98 -7.98 -19.93
CA ILE D 37 9.90 -7.90 -18.49
C ILE D 37 10.60 -9.12 -17.93
N LEU D 38 10.13 -10.32 -18.32
CA LEU D 38 10.66 -11.62 -17.90
C LEU D 38 12.18 -11.73 -18.06
N SER D 39 12.69 -11.27 -19.20
CA SER D 39 14.11 -11.27 -19.46
C SER D 39 14.88 -10.40 -18.47
N ASN D 40 14.43 -9.14 -18.27
CA ASN D 40 15.07 -8.20 -17.33
C ASN D 40 15.03 -8.72 -15.90
N VAL D 41 13.88 -9.18 -15.47
CA VAL D 41 13.62 -9.78 -14.16
C VAL D 41 14.53 -11.03 -13.96
N GLY D 42 14.64 -11.84 -15.01
CA GLY D 42 15.50 -13.02 -15.01
C GLY D 42 16.94 -12.64 -14.76
N ASN D 43 17.40 -11.61 -15.47
CA ASN D 43 18.76 -11.07 -15.33
C ASN D 43 19.01 -10.47 -13.95
N LEU D 44 18.02 -9.74 -13.39
CA LEU D 44 18.10 -9.13 -12.06
C LEU D 44 18.26 -10.18 -10.96
N LEU D 45 17.42 -11.22 -11.00
CA LEU D 45 17.51 -12.33 -10.03
C LEU D 45 18.85 -13.11 -10.13
N VAL D 46 19.38 -13.30 -11.35
CA VAL D 46 20.68 -13.95 -11.54
C VAL D 46 21.73 -13.14 -10.79
N LYS D 47 21.77 -11.81 -11.01
CA LYS D 47 22.72 -10.89 -10.34
C LYS D 47 22.52 -10.86 -8.84
N ALA D 48 21.27 -10.77 -8.38
CA ALA D 48 20.95 -10.72 -6.96
C ALA D 48 21.23 -12.00 -6.17
N PHE D 49 20.88 -13.19 -6.73
CA PHE D 49 20.95 -14.45 -6.00
C PHE D 49 21.87 -15.52 -6.56
N GLY D 50 22.49 -15.25 -7.70
CA GLY D 50 23.40 -16.21 -8.31
C GLY D 50 22.66 -17.32 -9.05
N ASN D 51 21.86 -18.14 -8.33
CA ASN D 51 21.09 -19.25 -8.92
C ASN D 51 19.76 -19.44 -8.22
N TYR D 52 18.81 -20.10 -8.92
CA TYR D 52 17.42 -20.30 -8.47
C TYR D 52 17.29 -21.27 -7.28
N GLU D 53 18.38 -21.94 -6.89
CA GLU D 53 18.37 -22.84 -5.73
C GLU D 53 18.90 -22.17 -4.47
N ASN D 54 19.19 -20.86 -4.55
CA ASN D 54 19.66 -20.05 -3.43
C ASN D 54 18.58 -20.04 -2.34
N PRO D 55 18.91 -20.49 -1.11
CA PRO D 55 17.91 -20.52 -0.02
C PRO D 55 17.23 -19.19 0.27
N ASP D 56 17.94 -18.05 0.11
CA ASP D 56 17.37 -16.72 0.32
C ASP D 56 16.30 -16.41 -0.72
N TYR D 57 16.51 -16.88 -1.96
CA TYR D 57 15.58 -16.70 -3.05
C TYR D 57 14.32 -17.55 -2.85
N ILE D 58 14.52 -18.84 -2.56
CA ILE D 58 13.44 -19.80 -2.31
C ILE D 58 12.55 -19.36 -1.13
N ALA D 59 13.17 -18.85 -0.05
CA ALA D 59 12.47 -18.37 1.14
C ALA D 59 11.61 -17.13 0.84
N SER D 60 11.92 -16.40 -0.25
CA SER D 60 11.17 -15.21 -0.62
C SER D 60 10.64 -15.26 -2.05
N LEU D 61 10.47 -16.49 -2.60
CA LEU D 61 9.96 -16.75 -3.94
C LEU D 61 8.64 -16.06 -4.26
N HIS D 62 7.65 -16.15 -3.38
CA HIS D 62 6.32 -15.56 -3.63
C HIS D 62 6.36 -14.04 -3.72
N LEU D 63 7.27 -13.44 -2.94
CA LEU D 63 7.46 -12.02 -2.96
C LEU D 63 7.96 -11.59 -4.35
N HIS D 64 8.99 -12.28 -4.87
CA HIS D 64 9.53 -11.97 -6.17
C HIS D 64 8.54 -12.25 -7.30
N ALA D 65 7.78 -13.37 -7.23
CA ALA D 65 6.80 -13.72 -8.27
C ALA D 65 5.68 -12.65 -8.43
N PHE D 66 5.04 -12.27 -7.33
CA PHE D 66 3.96 -11.27 -7.35
C PHE D 66 4.46 -9.85 -7.62
N GLN D 67 5.71 -9.55 -7.28
CA GLN D 67 6.21 -8.21 -7.56
C GLN D 67 6.87 -8.06 -8.93
N LEU D 68 7.55 -9.11 -9.43
CA LEU D 68 8.32 -9.01 -10.65
C LEU D 68 7.66 -9.53 -11.93
N LEU D 69 6.75 -10.51 -11.86
CA LEU D 69 6.17 -11.05 -13.07
C LEU D 69 5.25 -10.09 -13.82
N PRO D 70 5.14 -10.17 -15.18
CA PRO D 70 4.12 -9.37 -15.89
C PRO D 70 2.75 -9.63 -15.26
N GLU D 71 2.04 -8.56 -14.87
CA GLU D 71 0.78 -8.63 -14.15
C GLU D 71 -0.29 -9.56 -14.76
N ARG D 72 -0.37 -9.66 -16.10
CA ARG D 72 -1.33 -10.55 -16.76
C ARG D 72 -0.99 -12.04 -16.46
N ILE D 73 0.31 -12.38 -16.43
CA ILE D 73 0.79 -13.73 -16.08
C ILE D 73 0.43 -14.07 -14.62
N THR D 74 0.66 -13.13 -13.70
CA THR D 74 0.32 -13.30 -12.29
C THR D 74 -1.20 -13.55 -12.10
N ARG D 75 -2.03 -12.78 -12.80
CA ARG D 75 -3.47 -12.93 -12.68
C ARG D 75 -3.89 -14.30 -13.17
N ILE D 76 -3.35 -14.75 -14.32
CA ILE D 76 -3.65 -16.03 -14.94
C ILE D 76 -3.29 -17.18 -13.99
N LEU D 77 -2.06 -17.18 -13.48
CA LEU D 77 -1.56 -18.23 -12.58
C LEU D 77 -2.25 -18.28 -11.20
N SER D 78 -2.61 -17.12 -10.63
CA SER D 78 -3.35 -16.95 -9.36
C SER D 78 -4.77 -17.53 -9.48
N GLN D 79 -5.47 -17.23 -10.61
CA GLN D 79 -6.81 -17.70 -10.93
C GLN D 79 -6.74 -19.22 -11.08
N PHE D 80 -5.73 -19.70 -11.82
CA PHE D 80 -5.50 -21.11 -12.10
C PHE D 80 -5.23 -21.98 -10.87
N GLY D 81 -4.41 -21.48 -9.96
CA GLY D 81 -4.05 -22.20 -8.74
C GLY D 81 -5.18 -22.69 -7.87
N SER D 82 -6.27 -21.94 -7.85
CA SER D 82 -7.44 -22.26 -7.03
C SER D 82 -8.68 -22.65 -7.89
N ASP D 83 -8.48 -22.91 -9.21
CA ASP D 83 -9.58 -23.25 -10.10
C ASP D 83 -9.67 -24.72 -10.36
N PHE D 84 -10.68 -25.36 -9.74
CA PHE D 84 -10.90 -26.80 -9.94
C PHE D 84 -12.31 -27.00 -10.48
N SER D 85 -12.87 -25.95 -11.10
CA SER D 85 -14.26 -25.95 -11.60
C SER D 85 -14.44 -26.87 -12.80
N ALA D 86 -15.71 -27.08 -13.20
CA ALA D 86 -16.10 -27.90 -14.34
C ALA D 86 -15.50 -27.40 -15.66
N GLU D 87 -15.29 -26.08 -15.76
CA GLU D 87 -14.79 -25.45 -16.99
C GLU D 87 -13.27 -25.46 -17.11
N GLN D 88 -12.55 -25.75 -16.02
CA GLN D 88 -11.09 -25.71 -16.01
C GLN D 88 -10.44 -26.95 -16.62
N TYR D 89 -9.69 -26.78 -17.71
CA TYR D 89 -8.99 -27.89 -18.37
C TYR D 89 -7.83 -28.44 -17.49
N GLY D 90 -7.10 -27.56 -16.82
CA GLY D 90 -5.98 -27.93 -15.95
C GLY D 90 -4.62 -27.77 -16.61
N ALA D 91 -4.57 -27.09 -17.76
CA ALA D 91 -3.32 -26.78 -18.46
C ALA D 91 -3.45 -25.46 -19.15
N ILE D 92 -2.35 -24.71 -19.22
CA ILE D 92 -2.22 -23.43 -19.92
C ILE D 92 -1.00 -23.50 -20.81
N VAL D 93 -1.12 -23.05 -22.06
CA VAL D 93 0.00 -22.92 -22.98
C VAL D 93 0.37 -21.44 -22.99
N PHE D 94 1.57 -21.09 -22.54
CA PHE D 94 2.08 -19.73 -22.62
C PHE D 94 2.94 -19.73 -23.88
N GLN D 95 2.36 -19.27 -25.02
CA GLN D 95 3.06 -19.18 -26.31
C GLN D 95 4.09 -18.05 -26.28
N GLY D 96 5.32 -18.38 -26.63
CA GLY D 96 6.41 -17.42 -26.70
C GLY D 96 6.67 -16.68 -25.40
N LEU D 97 6.76 -17.42 -24.28
CA LEU D 97 7.07 -16.89 -22.96
C LEU D 97 8.48 -16.34 -22.96
N ILE D 98 9.42 -17.03 -23.63
CA ILE D 98 10.83 -16.61 -23.72
C ILE D 98 11.34 -16.66 -25.16
N GLU D 99 12.36 -15.84 -25.45
CA GLU D 99 13.06 -15.88 -26.72
C GLU D 99 14.29 -16.72 -26.46
N VAL D 100 14.41 -17.86 -27.13
CA VAL D 100 15.58 -18.71 -26.92
C VAL D 100 16.65 -18.35 -27.92
N ASP D 101 17.83 -17.96 -27.40
CA ASP D 101 19.00 -17.67 -28.24
C ASP D 101 19.66 -19.04 -28.48
N GLN D 102 19.37 -19.65 -29.64
CA GLN D 102 19.84 -20.98 -30.01
C GLN D 102 21.36 -21.13 -30.00
N ASP D 103 22.11 -20.07 -30.39
CA ASP D 103 23.58 -20.12 -30.44
C ASP D 103 24.20 -20.12 -29.04
N ASP D 104 23.65 -19.32 -28.11
CA ASP D 104 24.10 -19.24 -26.72
C ASP D 104 23.81 -20.57 -26.02
N LEU D 105 22.66 -21.19 -26.35
CA LEU D 105 22.24 -22.49 -25.80
C LEU D 105 23.20 -23.59 -26.31
N GLY D 106 23.73 -23.42 -27.53
CA GLY D 106 24.65 -24.36 -28.17
C GLY D 106 23.99 -25.67 -28.51
N PRO D 107 24.72 -26.69 -29.01
CA PRO D 107 24.05 -27.98 -29.31
C PRO D 107 23.50 -28.67 -28.07
N THR D 108 22.45 -29.47 -28.25
CA THR D 108 21.81 -30.23 -27.16
C THR D 108 22.78 -31.34 -26.70
N PRO D 109 23.08 -31.43 -25.37
CA PRO D 109 23.98 -32.51 -24.89
C PRO D 109 23.45 -33.91 -25.17
N PRO D 110 24.29 -34.98 -25.16
CA PRO D 110 23.77 -36.34 -25.43
C PRO D 110 22.66 -36.80 -24.49
N ASN D 111 22.72 -36.36 -23.25
CA ASN D 111 21.76 -36.72 -22.22
C ASN D 111 21.66 -35.59 -21.19
N TRP D 112 20.78 -35.72 -20.19
CA TRP D 112 20.62 -34.71 -19.15
C TRP D 112 21.87 -34.55 -18.28
N GLN D 113 22.59 -35.67 -18.01
CA GLN D 113 23.83 -35.70 -17.20
C GLN D 113 24.87 -34.69 -17.69
N GLY D 114 24.83 -34.40 -18.99
CA GLY D 114 25.75 -33.47 -19.64
C GLY D 114 25.31 -32.03 -19.79
N ALA D 115 24.08 -31.68 -19.30
CA ALA D 115 23.50 -30.34 -19.33
C ALA D 115 24.35 -29.41 -18.51
N ASP D 116 24.56 -28.18 -19.01
CA ASP D 116 25.28 -27.13 -18.31
C ASP D 116 24.20 -26.21 -17.75
N TYR D 117 23.80 -26.47 -16.47
CA TYR D 117 22.75 -25.70 -15.77
C TYR D 117 23.12 -24.23 -15.52
N GLY D 118 24.36 -23.86 -15.86
CA GLY D 118 24.84 -22.49 -15.84
C GLY D 118 24.21 -21.73 -17.00
N LYS D 119 23.98 -22.46 -18.12
CA LYS D 119 23.33 -21.92 -19.34
C LYS D 119 21.79 -21.90 -19.27
N LEU D 120 21.21 -22.46 -18.18
CA LEU D 120 19.77 -22.55 -17.97
C LEU D 120 19.32 -21.86 -16.67
N ASN D 121 20.25 -21.15 -16.01
CA ASN D 121 20.08 -20.43 -14.74
C ASN D 121 18.97 -19.40 -14.79
N LYS D 122 18.98 -18.49 -15.79
CA LYS D 122 17.94 -17.47 -16.00
C LYS D 122 16.57 -18.16 -16.23
N TYR D 123 16.54 -19.26 -17.01
CA TYR D 123 15.31 -20.02 -17.26
C TYR D 123 14.72 -20.63 -15.98
N GLY D 124 15.60 -21.12 -15.10
CA GLY D 124 15.22 -21.67 -13.80
C GLY D 124 14.54 -20.63 -12.95
N PHE D 125 15.07 -19.39 -12.99
CA PHE D 125 14.45 -18.26 -12.28
C PHE D 125 13.05 -17.97 -12.83
N ILE D 126 12.92 -17.87 -14.15
CA ILE D 126 11.64 -17.59 -14.79
C ILE D 126 10.61 -18.65 -14.43
N CYS D 127 10.97 -19.94 -14.56
CA CYS D 127 10.07 -21.04 -14.23
C CYS D 127 9.64 -21.05 -12.77
N SER D 128 10.59 -20.84 -11.83
CA SER D 128 10.29 -20.81 -10.40
C SER D 128 9.34 -19.66 -10.04
N LEU D 129 9.47 -18.51 -10.75
CA LEU D 129 8.57 -17.37 -10.52
C LEU D 129 7.16 -17.75 -10.90
N LEU D 130 6.96 -18.45 -12.04
CA LEU D 130 5.64 -18.89 -12.48
C LEU D 130 4.99 -19.80 -11.45
N HIS D 131 5.76 -20.74 -10.88
CA HIS D 131 5.27 -21.62 -9.79
C HIS D 131 4.93 -20.79 -8.56
N GLY D 132 5.81 -19.83 -8.25
CA GLY D 132 5.66 -18.93 -7.12
C GLY D 132 4.39 -18.10 -7.13
N ALA D 133 3.86 -17.82 -8.32
CA ALA D 133 2.63 -17.01 -8.47
C ALA D 133 1.34 -17.81 -8.32
N VAL D 134 1.41 -19.13 -8.33
CA VAL D 134 0.24 -20.02 -8.22
C VAL D 134 -0.58 -19.71 -6.93
N PRO D 135 -0.03 -19.54 -5.69
CA PRO D 135 1.39 -19.77 -5.25
C PRO D 135 1.70 -21.26 -5.02
N SER D 136 2.91 -21.68 -5.37
CA SER D 136 3.35 -23.07 -5.22
C SER D 136 4.86 -23.04 -5.08
N LYS D 137 5.41 -24.07 -4.43
CA LYS D 137 6.84 -24.13 -4.12
C LYS D 137 7.56 -25.20 -4.87
N PRO D 138 8.56 -24.83 -5.72
CA PRO D 138 9.35 -25.87 -6.43
C PRO D 138 9.96 -26.89 -5.45
N VAL D 139 9.87 -28.16 -5.83
CA VAL D 139 10.35 -29.27 -5.02
C VAL D 139 11.14 -30.20 -5.90
N GLN D 140 11.87 -31.15 -5.30
CA GLN D 140 12.56 -32.20 -6.04
C GLN D 140 12.24 -33.54 -5.37
N TYR D 141 12.33 -34.62 -6.17
CA TYR D 141 11.98 -35.98 -5.76
C TYR D 141 13.16 -36.88 -5.87
N TYR D 142 13.40 -37.70 -4.85
CA TYR D 142 14.46 -38.70 -4.90
C TYR D 142 14.13 -39.71 -6.00
N ALA D 143 12.82 -40.00 -6.21
CA ALA D 143 12.29 -40.91 -7.23
C ALA D 143 12.64 -40.47 -8.65
N GLN D 144 12.99 -39.18 -8.83
CA GLN D 144 13.37 -38.63 -10.13
C GLN D 144 14.83 -38.13 -10.11
N ARG D 145 15.74 -38.97 -10.63
CA ARG D 145 17.19 -38.70 -10.73
C ARG D 145 17.85 -38.47 -9.38
N LYS D 146 17.30 -39.06 -8.29
CA LYS D 146 17.79 -38.87 -6.92
C LYS D 146 17.72 -37.36 -6.54
N GLY D 147 16.66 -36.69 -7.00
CA GLY D 147 16.46 -35.27 -6.81
C GLY D 147 16.72 -34.52 -8.11
N GLY D 148 18.00 -34.40 -8.45
CA GLY D 148 18.48 -33.76 -9.68
C GLY D 148 18.28 -32.25 -9.76
N GLY D 149 17.94 -31.63 -8.65
CA GLY D 149 17.70 -30.19 -8.63
C GLY D 149 16.26 -29.85 -8.97
N LEU D 150 15.89 -28.58 -8.73
CA LEU D 150 14.54 -28.06 -8.97
C LEU D 150 14.15 -27.94 -10.48
N LEU D 151 15.17 -27.87 -11.38
CA LEU D 151 14.96 -27.76 -12.81
C LEU D 151 15.62 -28.94 -13.51
N HIS D 152 14.83 -29.71 -14.28
CA HIS D 152 15.36 -30.86 -15.01
C HIS D 152 15.40 -30.59 -16.50
N ALA D 153 16.54 -30.83 -17.13
CA ALA D 153 16.67 -30.77 -18.58
C ALA D 153 16.17 -32.14 -19.07
N VAL D 154 15.14 -32.15 -19.94
CA VAL D 154 14.55 -33.33 -20.52
C VAL D 154 15.09 -33.42 -21.93
N ILE D 155 16.02 -34.36 -22.14
CA ILE D 155 16.75 -34.53 -23.39
C ILE D 155 16.68 -35.99 -23.83
N PRO D 156 16.40 -36.28 -25.13
CA PRO D 156 16.42 -37.68 -25.56
C PRO D 156 17.84 -38.23 -25.60
N ASP D 157 18.09 -39.28 -24.80
CA ASP D 157 19.36 -39.98 -24.70
C ASP D 157 19.31 -41.15 -25.68
N GLU D 158 20.36 -41.30 -26.50
CA GLU D 158 20.51 -42.29 -27.58
C GLU D 158 20.53 -43.74 -27.07
N LYS D 159 21.12 -43.98 -25.87
CA LYS D 159 21.19 -45.29 -25.22
C LYS D 159 19.90 -45.60 -24.43
N MET D 160 18.96 -44.63 -24.40
CA MET D 160 17.67 -44.70 -23.70
C MET D 160 16.48 -44.50 -24.66
N ALA D 161 16.75 -44.46 -25.98
CA ALA D 161 15.82 -44.20 -27.09
C ALA D 161 14.49 -45.01 -27.09
N ALA D 162 14.49 -46.26 -26.60
CA ALA D 162 13.31 -47.15 -26.60
C ALA D 162 12.54 -47.29 -25.26
N THR D 163 12.86 -46.48 -24.23
CA THR D 163 12.19 -46.60 -22.92
C THR D 163 11.06 -45.62 -22.68
N GLN D 164 10.07 -46.05 -21.84
CA GLN D 164 8.91 -45.27 -21.39
C GLN D 164 9.36 -44.29 -20.27
N THR D 165 10.30 -43.39 -20.64
CA THR D 165 10.91 -42.36 -19.78
C THR D 165 11.07 -41.05 -20.58
N GLY D 166 11.50 -39.98 -19.90
CA GLY D 166 11.76 -38.67 -20.50
C GLY D 166 13.01 -38.63 -21.36
N SER D 167 13.96 -39.55 -21.10
CA SER D 167 15.20 -39.71 -21.85
C SER D 167 14.94 -40.56 -23.13
N GLY D 168 13.72 -41.09 -23.24
CA GLY D 168 13.26 -41.86 -24.38
C GLY D 168 12.86 -40.96 -25.55
N SER D 169 12.54 -41.58 -26.72
CA SER D 169 12.17 -40.83 -27.94
C SER D 169 11.37 -41.65 -28.94
N LYS D 170 11.94 -42.77 -29.42
CA LYS D 170 11.39 -43.69 -30.43
C LYS D 170 10.02 -44.30 -30.10
N THR D 171 9.67 -44.42 -28.80
CA THR D 171 8.39 -44.99 -28.37
C THR D 171 7.47 -43.94 -27.71
N ASP D 172 6.15 -44.01 -28.05
CA ASP D 172 5.11 -43.13 -27.53
C ASP D 172 5.15 -43.12 -25.99
N LEU D 173 5.12 -41.92 -25.42
CA LEU D 173 5.04 -41.76 -23.98
C LEU D 173 3.54 -41.52 -23.70
N PHE D 174 2.83 -42.58 -23.29
CA PHE D 174 1.38 -42.55 -23.01
C PHE D 174 1.03 -41.54 -21.95
N VAL D 175 -0.21 -41.03 -22.00
CA VAL D 175 -0.70 -40.04 -21.04
C VAL D 175 -0.59 -40.53 -19.59
N HIS D 176 -0.07 -39.66 -18.77
CA HIS D 176 0.08 -39.91 -17.34
C HIS D 176 0.15 -38.58 -16.60
N THR D 177 -0.25 -38.62 -15.33
CA THR D 177 -0.06 -37.52 -14.39
C THR D 177 1.33 -37.88 -13.85
N GLU D 178 2.15 -36.89 -13.51
CA GLU D 178 3.50 -37.12 -13.01
C GLU D 178 3.46 -37.82 -11.66
N ASP D 179 4.28 -38.87 -11.53
CA ASP D 179 4.46 -39.70 -10.34
C ASP D 179 3.14 -40.20 -9.71
N ALA D 180 2.35 -40.96 -10.49
CA ALA D 180 1.07 -41.57 -10.04
C ALA D 180 1.26 -42.58 -8.91
N PHE D 181 2.49 -43.12 -8.79
CA PHE D 181 2.90 -44.07 -7.77
C PHE D 181 3.23 -43.38 -6.40
N LEU D 182 3.27 -42.05 -6.35
CA LEU D 182 3.53 -41.28 -5.11
C LEU D 182 2.26 -40.64 -4.55
N SER D 183 2.07 -40.71 -3.22
CA SER D 183 0.92 -40.09 -2.57
C SER D 183 1.12 -38.53 -2.58
N ASN D 184 2.40 -38.07 -2.68
CA ASN D 184 2.77 -36.66 -2.67
C ASN D 184 3.36 -36.21 -4.00
N GLN D 185 2.74 -36.63 -5.09
CA GLN D 185 3.12 -36.27 -6.45
C GLN D 185 3.01 -34.73 -6.60
N ALA D 186 3.68 -34.15 -7.59
CA ALA D 186 3.63 -32.69 -7.83
C ALA D 186 2.19 -32.18 -7.93
N ASP D 187 1.95 -30.95 -7.47
CA ASP D 187 0.67 -30.29 -7.60
C ASP D 187 0.66 -29.61 -8.96
N PHE D 188 1.78 -28.95 -9.33
CA PHE D 188 1.93 -28.19 -10.57
C PHE D 188 3.22 -28.54 -11.28
N LEU D 189 3.15 -28.53 -12.61
CA LEU D 189 4.28 -28.80 -13.48
C LEU D 189 4.41 -27.69 -14.50
N SER D 190 5.65 -27.43 -14.90
CA SER D 190 5.93 -26.52 -16.02
C SER D 190 6.87 -27.26 -16.97
N PHE D 191 6.57 -27.16 -18.27
CA PHE D 191 7.40 -27.73 -19.33
C PHE D 191 7.77 -26.59 -20.24
N LEU D 192 9.04 -26.14 -20.19
CA LEU D 192 9.56 -25.05 -21.02
C LEU D 192 10.31 -25.66 -22.20
N TYR D 193 9.82 -25.42 -23.42
CA TYR D 193 10.45 -25.93 -24.64
C TYR D 193 11.53 -25.00 -25.15
N LEU D 194 12.78 -25.48 -25.15
CA LEU D 194 13.92 -24.70 -25.64
C LEU D 194 14.08 -24.94 -27.13
N ARG D 195 13.82 -26.19 -27.55
CA ARG D 195 13.94 -26.71 -28.90
C ARG D 195 12.93 -27.83 -29.13
N ASN D 196 12.22 -27.79 -30.27
CA ASN D 196 11.28 -28.84 -30.68
C ASN D 196 11.25 -28.84 -32.20
N GLU D 197 12.46 -28.99 -32.80
CA GLU D 197 12.63 -28.98 -34.25
C GLU D 197 12.10 -30.24 -34.92
N GLU D 198 11.95 -31.35 -34.14
CA GLU D 198 11.37 -32.61 -34.61
C GLU D 198 9.82 -32.46 -34.75
N ARG D 199 9.27 -31.33 -34.25
CA ARG D 199 7.84 -30.96 -34.27
C ARG D 199 6.98 -32.01 -33.55
N VAL D 200 7.46 -32.43 -32.36
CA VAL D 200 6.82 -33.40 -31.47
C VAL D 200 5.58 -32.75 -30.86
N PRO D 201 4.39 -33.35 -31.03
CA PRO D 201 3.20 -32.77 -30.40
C PRO D 201 3.18 -33.01 -28.90
N SER D 202 2.63 -32.04 -28.19
CA SER D 202 2.41 -32.15 -26.76
C SER D 202 1.03 -32.82 -26.61
N THR D 203 0.94 -33.84 -25.77
CA THR D 203 -0.35 -34.50 -25.64
C THR D 203 -0.84 -34.26 -24.22
N LEU D 204 -2.09 -33.82 -24.11
CA LEU D 204 -2.72 -33.52 -22.83
C LEU D 204 -4.03 -34.24 -22.70
N TYR D 205 -4.39 -34.66 -21.48
CA TYR D 205 -5.65 -35.30 -21.22
C TYR D 205 -6.20 -34.80 -19.89
N SER D 206 -7.38 -34.18 -19.93
CA SER D 206 -8.00 -33.62 -18.73
C SER D 206 -9.17 -34.48 -18.27
N ILE D 207 -9.25 -34.72 -16.94
CA ILE D 207 -10.38 -35.42 -16.32
C ILE D 207 -11.69 -34.59 -16.53
N ARG D 208 -11.54 -33.26 -16.70
CA ARG D 208 -12.68 -32.36 -16.93
C ARG D 208 -13.27 -32.51 -18.36
N SER D 209 -12.52 -33.13 -19.31
CA SER D 209 -13.01 -33.37 -20.67
C SER D 209 -14.15 -34.42 -20.69
N HIS D 210 -14.32 -35.17 -19.57
CA HIS D 210 -15.39 -36.18 -19.41
C HIS D 210 -16.74 -35.54 -19.14
N GLY D 211 -16.72 -34.32 -18.58
CA GLY D 211 -17.95 -33.63 -18.23
C GLY D 211 -18.47 -34.11 -16.90
N LYS D 212 -19.80 -34.24 -16.80
CA LYS D 212 -20.46 -34.66 -15.57
C LYS D 212 -19.96 -36.01 -15.06
N MET D 213 -19.79 -36.14 -13.75
CA MET D 213 -19.43 -37.39 -13.12
C MET D 213 -20.40 -38.49 -13.65
N ASN D 214 -19.86 -39.67 -13.99
CA ASN D 214 -20.66 -40.75 -14.55
C ASN D 214 -20.31 -42.11 -13.89
N PRO D 215 -21.07 -43.21 -14.12
CA PRO D 215 -20.78 -44.51 -13.47
C PRO D 215 -19.41 -45.12 -13.77
N VAL D 216 -18.85 -44.86 -14.96
CA VAL D 216 -17.54 -45.39 -15.34
C VAL D 216 -16.48 -44.73 -14.44
N MET D 217 -16.56 -43.39 -14.29
CA MET D 217 -15.65 -42.61 -13.45
C MET D 217 -15.83 -42.93 -11.96
N LYS D 218 -17.09 -43.10 -11.46
CA LYS D 218 -17.35 -43.39 -10.03
C LYS D 218 -16.57 -44.58 -9.48
N LYS D 219 -16.40 -45.64 -10.26
CA LYS D 219 -15.67 -46.85 -9.87
C LYS D 219 -14.19 -46.55 -9.59
N LEU D 220 -13.66 -45.44 -10.18
CA LEU D 220 -12.26 -45.05 -10.00
C LEU D 220 -11.95 -44.44 -8.63
N PHE D 221 -12.98 -44.11 -7.83
CA PHE D 221 -12.82 -43.58 -6.47
C PHE D 221 -12.48 -44.71 -5.49
N GLU D 222 -12.70 -45.96 -5.87
CA GLU D 222 -12.40 -47.14 -5.04
C GLU D 222 -10.89 -47.31 -4.90
N PRO D 223 -10.33 -47.46 -3.68
CA PRO D 223 -8.87 -47.59 -3.55
C PRO D 223 -8.37 -49.01 -3.83
N ILE D 224 -8.71 -49.53 -5.03
CA ILE D 224 -8.44 -50.92 -5.45
C ILE D 224 -7.43 -51.05 -6.61
N TYR D 225 -6.80 -49.94 -7.00
CA TYR D 225 -5.92 -49.92 -8.16
C TYR D 225 -4.44 -49.95 -7.82
N GLN D 226 -3.68 -50.70 -8.62
CA GLN D 226 -2.23 -50.73 -8.49
C GLN D 226 -1.69 -49.47 -9.16
N CYS D 227 -0.74 -48.80 -8.52
CA CYS D 227 -0.05 -47.61 -9.07
C CYS D 227 1.42 -48.01 -9.10
N PRO D 228 1.86 -48.86 -10.07
CA PRO D 228 3.26 -49.35 -10.04
C PRO D 228 4.34 -48.25 -10.11
N LYS D 229 5.32 -48.34 -9.19
CA LYS D 229 6.45 -47.42 -9.05
C LYS D 229 7.44 -47.53 -10.22
N ASP D 230 7.53 -48.77 -10.81
CA ASP D 230 8.44 -49.14 -11.92
C ASP D 230 7.65 -49.82 -13.04
N GLY D 242 1.83 -55.17 -3.23
CA GLY D 242 1.92 -53.72 -3.38
C GLY D 242 0.67 -52.98 -2.92
N PRO D 243 0.80 -51.78 -2.29
CA PRO D 243 -0.41 -51.04 -1.88
C PRO D 243 -1.18 -50.50 -3.07
N THR D 244 -2.51 -50.38 -2.88
CA THR D 244 -3.45 -49.92 -3.89
C THR D 244 -3.95 -48.52 -3.56
N ALA D 245 -4.34 -47.75 -4.58
CA ALA D 245 -4.89 -46.42 -4.40
C ALA D 245 -6.08 -46.18 -5.35
N SER D 246 -6.74 -45.03 -5.18
CA SER D 246 -7.86 -44.56 -5.98
C SER D 246 -7.31 -43.86 -7.22
N VAL D 247 -7.98 -44.01 -8.38
CA VAL D 247 -7.54 -43.27 -9.56
C VAL D 247 -8.13 -41.85 -9.47
N LEU D 248 -9.36 -41.74 -8.97
CA LEU D 248 -10.03 -40.47 -8.76
C LEU D 248 -10.12 -40.18 -7.28
N TYR D 249 -10.02 -38.90 -6.90
CA TYR D 249 -10.07 -38.48 -5.49
C TYR D 249 -10.47 -37.01 -5.42
N GLY D 250 -10.52 -36.44 -4.23
CA GLY D 250 -10.93 -35.06 -4.08
C GLY D 250 -12.44 -34.95 -4.09
N ASN D 251 -12.98 -33.95 -4.77
CA ASN D 251 -14.41 -33.76 -4.79
C ASN D 251 -15.09 -34.86 -5.63
N ARG D 252 -16.19 -35.40 -5.11
CA ARG D 252 -16.97 -36.47 -5.74
C ARG D 252 -17.58 -36.10 -7.10
N GLU D 253 -17.96 -34.85 -7.29
N GLU D 253 -17.95 -34.85 -7.28
CA GLU D 253 -18.55 -34.36 -8.54
CA GLU D 253 -18.56 -34.36 -8.52
C GLU D 253 -17.49 -33.91 -9.54
C GLU D 253 -17.52 -33.86 -9.53
N LEU D 254 -16.46 -33.16 -9.05
CA LEU D 254 -15.38 -32.57 -9.85
C LEU D 254 -14.06 -33.07 -9.28
N PRO D 255 -13.68 -34.31 -9.64
CA PRO D 255 -12.50 -34.94 -8.99
C PRO D 255 -11.13 -34.55 -9.50
N PHE D 256 -10.12 -35.06 -8.80
CA PHE D 256 -8.72 -35.02 -9.15
C PHE D 256 -8.36 -36.43 -9.62
N ILE D 257 -7.26 -36.57 -10.35
CA ILE D 257 -6.82 -37.82 -10.95
C ILE D 257 -5.33 -38.11 -10.76
N ARG D 258 -5.01 -39.40 -10.54
CA ARG D 258 -3.67 -39.97 -10.55
C ARG D 258 -3.79 -41.15 -11.51
N PHE D 259 -3.15 -41.01 -12.68
CA PHE D 259 -3.30 -42.00 -13.73
C PHE D 259 -2.06 -42.13 -14.59
N ASP D 260 -1.75 -43.37 -14.93
CA ASP D 260 -0.64 -43.70 -15.80
C ASP D 260 -1.10 -44.86 -16.65
N ALA D 261 -1.63 -44.57 -17.87
CA ALA D 261 -2.13 -45.59 -18.82
C ALA D 261 -1.11 -46.74 -19.07
N ALA D 262 0.16 -46.38 -19.41
CA ALA D 262 1.21 -47.37 -19.68
C ALA D 262 1.46 -48.25 -18.48
N GLU D 263 1.59 -47.66 -17.29
CA GLU D 263 1.91 -48.37 -16.05
C GLU D 263 0.75 -49.14 -15.42
N GLN D 264 -0.45 -48.56 -15.40
CA GLN D 264 -1.63 -49.20 -14.78
C GLN D 264 -2.47 -50.08 -15.70
N ILE D 265 -2.48 -49.81 -17.01
CA ILE D 265 -3.32 -50.55 -17.95
C ILE D 265 -2.45 -51.44 -18.88
N PHE D 266 -1.66 -50.81 -19.80
CA PHE D 266 -0.81 -51.46 -20.82
C PHE D 266 0.52 -51.98 -20.25
N ASN D 267 0.43 -52.81 -19.22
CA ASN D 267 1.56 -53.38 -18.50
C ASN D 267 1.10 -54.72 -17.95
N GLU D 268 1.65 -55.82 -18.49
CA GLU D 268 1.31 -57.18 -18.09
C GLU D 268 1.60 -57.40 -16.61
N ASN D 269 2.71 -56.81 -16.11
CA ASN D 269 3.14 -56.94 -14.72
C ASN D 269 2.53 -55.90 -13.78
N ALA D 270 1.42 -55.21 -14.18
CA ALA D 270 0.75 -54.21 -13.32
C ALA D 270 0.11 -54.88 -12.09
N GLY D 271 -0.31 -56.12 -12.24
CA GLY D 271 -0.91 -56.93 -11.18
C GLY D 271 -2.26 -56.46 -10.71
N GLN D 272 -3.06 -55.93 -11.65
CA GLN D 272 -4.41 -55.45 -11.34
C GLN D 272 -5.34 -56.64 -11.15
N THR D 273 -6.34 -56.49 -10.28
CA THR D 273 -7.38 -57.51 -10.09
C THR D 273 -8.24 -57.44 -11.36
N SER D 274 -9.00 -58.52 -11.66
CA SER D 274 -9.89 -58.58 -12.81
C SER D 274 -10.90 -57.40 -12.77
N GLU D 275 -11.45 -57.11 -11.58
CA GLU D 275 -12.39 -56.00 -11.37
C GLU D 275 -11.73 -54.65 -11.66
N ALA D 276 -10.52 -54.41 -11.10
CA ALA D 276 -9.79 -53.15 -11.28
C ALA D 276 -9.43 -52.92 -12.73
N LEU D 277 -8.92 -53.95 -13.41
CA LEU D 277 -8.56 -53.87 -14.83
C LEU D 277 -9.77 -53.56 -15.71
N GLY D 278 -10.90 -54.21 -15.43
CA GLY D 278 -12.17 -54.00 -16.13
C GLY D 278 -12.64 -52.57 -16.01
N ASN D 279 -12.54 -51.97 -14.79
CA ASN D 279 -12.88 -50.58 -14.50
C ASN D 279 -11.99 -49.61 -15.25
N LEU D 280 -10.66 -49.90 -15.28
CA LEU D 280 -9.63 -49.10 -15.95
C LEU D 280 -9.84 -49.16 -17.45
N MET D 281 -10.26 -50.30 -17.97
CA MET D 281 -10.51 -50.44 -19.40
C MET D 281 -11.75 -49.67 -19.85
N ASP D 282 -12.85 -49.71 -19.06
CA ASP D 282 -14.08 -48.95 -19.36
C ASP D 282 -13.75 -47.47 -19.32
N PHE D 283 -12.86 -47.06 -18.38
CA PHE D 283 -12.38 -45.68 -18.23
C PHE D 283 -11.55 -45.27 -19.46
N TRP D 284 -10.60 -46.12 -19.88
CA TRP D 284 -9.78 -45.87 -21.06
C TRP D 284 -10.60 -45.77 -22.34
N ASP D 285 -11.68 -46.56 -22.46
CA ASP D 285 -12.61 -46.47 -23.59
C ASP D 285 -13.18 -45.05 -23.74
N GLU D 286 -13.41 -44.33 -22.61
CA GLU D 286 -13.89 -42.94 -22.58
C GLU D 286 -12.69 -41.97 -22.74
N ALA D 287 -11.64 -42.14 -21.91
CA ALA D 287 -10.45 -41.26 -21.88
C ALA D 287 -9.69 -41.13 -23.23
N LYS D 288 -9.44 -42.26 -23.94
CA LYS D 288 -8.69 -42.30 -25.21
C LYS D 288 -9.22 -41.38 -26.32
N THR D 289 -10.53 -41.09 -26.31
CA THR D 289 -11.18 -40.24 -27.32
C THR D 289 -11.04 -38.75 -26.95
N LEU D 290 -10.61 -38.48 -25.72
CA LEU D 290 -10.50 -37.13 -25.16
C LEU D 290 -9.07 -36.57 -25.15
N ILE D 291 -8.06 -37.41 -25.49
CA ILE D 291 -6.65 -36.99 -25.55
C ILE D 291 -6.47 -35.92 -26.63
N ASN D 292 -5.81 -34.81 -26.27
CA ASN D 292 -5.58 -33.71 -27.18
C ASN D 292 -4.09 -33.61 -27.52
N SER D 293 -3.77 -33.82 -28.79
CA SER D 293 -2.41 -33.78 -29.35
C SER D 293 -2.29 -32.70 -30.43
N ASP D 294 -3.19 -31.71 -30.41
CA ASP D 294 -3.22 -30.62 -31.40
C ASP D 294 -2.06 -29.67 -31.26
N TYR D 295 -1.63 -29.37 -30.04
CA TYR D 295 -0.57 -28.40 -29.85
C TYR D 295 0.85 -28.95 -30.06
N ILE D 296 1.59 -28.30 -30.99
CA ILE D 296 2.98 -28.60 -31.27
C ILE D 296 3.81 -27.40 -30.73
N PRO D 297 4.48 -27.58 -29.58
CA PRO D 297 5.24 -26.46 -29.02
C PRO D 297 6.38 -25.93 -29.87
N ASN D 298 6.56 -24.60 -29.82
CA ASN D 298 7.68 -23.93 -30.48
C ASN D 298 8.67 -23.53 -29.41
N SER D 299 9.89 -23.21 -29.85
CA SER D 299 10.97 -22.73 -28.99
C SER D 299 10.45 -21.52 -28.19
N GLY D 300 10.51 -21.60 -26.87
CA GLY D 300 10.08 -20.51 -25.99
C GLY D 300 8.69 -20.65 -25.42
N ASP D 301 7.95 -21.70 -25.82
CA ASP D 301 6.62 -21.97 -25.25
C ASP D 301 6.79 -22.69 -23.93
N LEU D 302 5.86 -22.45 -23.03
CA LEU D 302 5.83 -23.12 -21.74
C LEU D 302 4.42 -23.65 -21.50
N ILE D 303 4.31 -24.94 -21.16
CA ILE D 303 3.03 -25.55 -20.80
C ILE D 303 3.00 -25.67 -19.26
N PHE D 304 1.98 -25.04 -18.63
CA PHE D 304 1.79 -25.04 -17.18
C PHE D 304 0.59 -25.95 -16.87
N VAL D 305 0.80 -26.95 -15.99
CA VAL D 305 -0.16 -28.01 -15.74
C VAL D 305 -0.50 -28.18 -14.26
N ASN D 306 -1.80 -28.36 -13.97
CA ASN D 306 -2.30 -28.76 -12.67
C ASN D 306 -2.25 -30.29 -12.78
N ASN D 307 -1.26 -30.88 -12.13
CA ASN D 307 -1.00 -32.32 -12.14
C ASN D 307 -2.12 -33.17 -11.48
N HIS D 308 -3.10 -32.53 -10.86
CA HIS D 308 -4.28 -33.22 -10.28
C HIS D 308 -5.47 -33.21 -11.25
N LEU D 309 -5.38 -32.44 -12.34
CA LEU D 309 -6.46 -32.35 -13.31
C LEU D 309 -6.13 -32.87 -14.70
N CYS D 310 -4.88 -32.71 -15.10
CA CYS D 310 -4.46 -32.94 -16.45
C CYS D 310 -3.23 -33.81 -16.53
N ALA D 311 -3.33 -34.89 -17.34
CA ALA D 311 -2.26 -35.83 -17.62
C ALA D 311 -1.54 -35.33 -18.88
N HIS D 312 -0.29 -35.74 -19.06
CA HIS D 312 0.50 -35.35 -20.22
C HIS D 312 1.17 -36.59 -20.82
N GLY D 313 1.58 -36.43 -22.07
CA GLY D 313 2.28 -37.46 -22.84
C GLY D 313 3.18 -36.80 -23.84
N ARG D 314 3.86 -37.62 -24.66
CA ARG D 314 4.78 -37.20 -25.71
C ARG D 314 4.73 -38.25 -26.82
N SER D 315 4.35 -37.85 -28.05
CA SER D 315 4.33 -38.80 -29.19
C SER D 315 5.76 -39.29 -29.49
N ALA D 316 5.87 -40.39 -30.24
CA ALA D 316 7.14 -40.97 -30.66
C ALA D 316 7.80 -40.02 -31.66
N PHE D 317 9.14 -40.00 -31.66
CA PHE D 317 9.93 -39.18 -32.56
C PHE D 317 11.35 -39.71 -32.66
N ILE D 318 12.03 -39.35 -33.74
CA ILE D 318 13.43 -39.69 -33.89
C ILE D 318 14.15 -38.39 -33.58
N ALA D 319 14.97 -38.40 -32.51
CA ALA D 319 15.73 -37.23 -32.05
C ALA D 319 16.68 -36.70 -33.12
N GLY D 320 16.68 -35.38 -33.29
CA GLY D 320 17.54 -34.69 -34.25
C GLY D 320 17.09 -34.75 -35.70
N GLN D 321 15.80 -35.01 -35.95
CA GLN D 321 15.27 -35.02 -37.31
C GLN D 321 13.77 -34.67 -37.37
N ARG D 322 13.48 -33.75 -38.30
CA ARG D 322 12.18 -33.18 -38.66
C ARG D 322 11.60 -34.03 -39.79
N ILE D 323 10.67 -34.94 -39.44
CA ILE D 323 10.02 -35.85 -40.39
C ILE D 323 8.94 -35.10 -41.17
N GLU D 324 8.96 -35.21 -42.51
CA GLU D 324 7.99 -34.63 -43.45
C GLU D 324 8.05 -35.44 -44.76
N ASN D 325 6.91 -35.55 -45.47
CA ASN D 325 6.77 -36.29 -46.75
C ASN D 325 7.87 -35.98 -47.79
N GLY D 326 8.48 -34.80 -47.67
CA GLY D 326 9.55 -34.33 -48.53
C GLY D 326 10.85 -35.09 -48.30
N GLU D 327 11.53 -34.81 -47.16
CA GLU D 327 12.81 -35.44 -46.80
C GLU D 327 13.13 -35.39 -45.30
N ILE D 328 14.01 -36.31 -44.83
CA ILE D 328 14.49 -36.41 -43.46
C ILE D 328 15.48 -35.23 -43.22
N ILE D 329 14.94 -34.14 -42.65
CA ILE D 329 15.65 -32.90 -42.35
C ILE D 329 16.35 -33.10 -41.00
N LYS D 330 17.71 -33.06 -40.98
CA LYS D 330 18.50 -33.19 -39.76
C LYS D 330 18.36 -31.87 -38.99
N CYS D 331 18.21 -31.95 -37.66
CA CYS D 331 18.04 -30.75 -36.82
C CYS D 331 18.66 -30.93 -35.44
N GLU D 332 18.69 -29.83 -34.65
CA GLU D 332 19.16 -29.92 -33.26
C GLU D 332 18.12 -30.72 -32.47
N ARG D 333 18.60 -31.53 -31.53
CA ARG D 333 17.75 -32.41 -30.73
C ARG D 333 16.88 -31.67 -29.74
N ARG D 334 15.68 -32.23 -29.49
CA ARG D 334 14.65 -31.76 -28.57
C ARG D 334 15.25 -31.43 -27.19
N GLN D 335 14.83 -30.30 -26.61
CA GLN D 335 15.29 -29.86 -25.30
C GLN D 335 14.17 -29.13 -24.60
N MET D 336 13.75 -29.69 -23.47
CA MET D 336 12.67 -29.14 -22.67
C MET D 336 13.12 -29.09 -21.19
N LEU D 337 12.65 -28.09 -20.44
CA LEU D 337 12.97 -27.95 -19.02
C LEU D 337 11.74 -28.20 -18.17
N ARG D 338 11.85 -29.11 -17.20
CA ARG D 338 10.75 -29.48 -16.30
C ARG D 338 10.99 -29.02 -14.85
N MET D 339 9.97 -28.38 -14.28
CA MET D 339 9.97 -27.94 -12.90
C MET D 339 8.65 -28.39 -12.26
N MET D 340 8.75 -28.91 -11.03
CA MET D 340 7.60 -29.40 -10.26
C MET D 340 7.47 -28.65 -8.95
N SER D 341 6.23 -28.43 -8.52
CA SER D 341 5.98 -27.72 -7.28
C SER D 341 4.84 -28.30 -6.44
N LYS D 342 4.85 -27.96 -5.11
CA LYS D 342 3.85 -28.35 -4.13
C LYS D 342 3.37 -27.07 -3.45
N THR D 343 2.05 -26.95 -3.26
CA THR D 343 1.43 -25.77 -2.65
C THR D 343 1.60 -25.74 -1.13
N SER D 344 1.91 -26.91 -0.52
CA SER D 344 2.09 -27.03 0.92
C SER D 344 3.29 -27.89 1.30
N LEU D 345 4.25 -27.28 2.03
CA LEU D 345 5.36 -28.01 2.59
C LEU D 345 4.94 -28.76 3.86
N ILE D 346 3.81 -28.38 4.49
CA ILE D 346 3.28 -29.01 5.70
C ILE D 346 2.80 -30.46 5.44
N HIS D 347 1.89 -30.69 4.48
CA HIS D 347 1.28 -32.00 4.21
C HIS D 347 2.27 -33.06 3.70
N ILE D 348 3.40 -32.63 3.09
CA ILE D 348 4.49 -33.51 2.62
C ILE D 348 5.59 -33.71 3.66
N ARG D 349 5.51 -33.04 4.82
CA ARG D 349 6.58 -33.05 5.81
C ARG D 349 7.01 -34.45 6.31
N SER D 350 6.12 -35.45 6.37
CA SER D 350 6.57 -36.79 6.80
C SER D 350 7.43 -37.53 5.74
N VAL D 351 7.42 -37.06 4.45
CA VAL D 351 8.21 -37.69 3.38
C VAL D 351 9.42 -36.81 2.92
N THR D 352 9.65 -35.62 3.51
CA THR D 352 10.78 -34.77 3.12
C THR D 352 12.00 -34.92 4.02
N ARG D 353 13.19 -34.53 3.51
CA ARG D 353 14.44 -34.56 4.26
C ARG D 353 14.31 -33.62 5.45
N THR D 354 14.82 -34.05 6.62
CA THR D 354 14.82 -33.27 7.87
C THR D 354 15.40 -31.86 7.64
N ASP D 355 16.52 -31.80 6.93
CA ASP D 355 17.32 -30.61 6.59
C ASP D 355 16.78 -29.87 5.37
N ASP D 356 15.86 -30.48 4.60
CA ASP D 356 15.33 -29.88 3.38
C ASP D 356 13.83 -30.21 3.18
N PRO D 357 12.92 -29.33 3.64
CA PRO D 357 11.48 -29.60 3.46
C PRO D 357 10.97 -29.50 2.02
N TYR D 358 11.87 -29.26 1.03
CA TYR D 358 11.54 -29.18 -0.40
C TYR D 358 12.00 -30.45 -1.13
N PHE D 359 12.60 -31.39 -0.41
CA PHE D 359 13.16 -32.61 -1.00
C PHE D 359 12.36 -33.82 -0.56
N ILE D 360 11.55 -34.34 -1.47
CA ILE D 360 10.68 -35.49 -1.20
C ILE D 360 11.41 -36.83 -1.39
N MET D 361 11.42 -37.63 -0.32
CA MET D 361 12.07 -38.94 -0.19
C MET D 361 11.11 -40.10 -0.34
N GLU D 362 9.84 -39.82 -0.68
CA GLU D 362 8.82 -40.84 -0.89
C GLU D 362 9.17 -41.73 -2.11
N GLU D 363 9.05 -43.05 -1.93
CA GLU D 363 9.31 -44.06 -2.96
C GLU D 363 8.03 -44.59 -3.62
N HIS D 364 7.02 -44.97 -2.82
CA HIS D 364 5.80 -45.56 -3.36
C HIS D 364 4.66 -45.49 -2.36
N LEU D 365 3.58 -44.80 -2.74
CA LEU D 365 2.33 -44.61 -1.97
C LEU D 365 2.50 -44.62 -0.42
N GLY D 366 3.34 -43.72 0.09
CA GLY D 366 3.59 -43.59 1.51
C GLY D 366 4.93 -44.13 1.97
N LYS D 367 5.43 -45.18 1.31
CA LYS D 367 6.71 -45.77 1.65
C LYS D 367 7.82 -44.82 1.22
N ILE D 368 8.79 -44.65 2.09
CA ILE D 368 9.95 -43.78 1.91
C ILE D 368 11.13 -44.64 1.44
N PHE D 369 12.04 -44.07 0.62
CA PHE D 369 13.23 -44.77 0.18
C PHE D 369 14.05 -45.14 1.40
N ASP D 370 14.31 -46.44 1.59
CA ASP D 370 15.13 -46.86 2.71
C ASP D 370 16.57 -46.85 2.24
N LEU D 371 17.26 -45.74 2.54
CA LEU D 371 18.65 -45.53 2.15
C LEU D 371 19.57 -46.03 3.25
N ASP D 372 20.08 -47.26 3.04
CA ASP D 372 20.94 -48.06 3.91
C ASP D 372 22.09 -47.28 4.58
#